data_1JZH
# 
_entry.id   1JZH 
# 
_audit_conform.dict_name       mmcif_pdbx.dic 
_audit_conform.dict_version    5.397 
_audit_conform.dict_location   http://mmcif.pdb.org/dictionaries/ascii/mmcif_pdbx.dic 
# 
loop_
_database_2.database_id 
_database_2.database_code 
_database_2.pdbx_database_accession 
_database_2.pdbx_DOI 
PDB   1JZH         pdb_00001jzh 10.2210/pdb1jzh/pdb 
RCSB  RCSB014369   ?            ?                   
WWPDB D_1000014369 ?            ?                   
# 
loop_
_pdbx_audit_revision_history.ordinal 
_pdbx_audit_revision_history.data_content_type 
_pdbx_audit_revision_history.major_revision 
_pdbx_audit_revision_history.minor_revision 
_pdbx_audit_revision_history.revision_date 
1 'Structure model' 1 0 2001-10-17 
2 'Structure model' 1 1 2008-04-27 
3 'Structure model' 1 2 2011-07-13 
4 'Structure model' 1 3 2024-10-16 
# 
_pdbx_audit_revision_details.ordinal             1 
_pdbx_audit_revision_details.revision_ordinal    1 
_pdbx_audit_revision_details.data_content_type   'Structure model' 
_pdbx_audit_revision_details.provider            repository 
_pdbx_audit_revision_details.type                'Initial release' 
_pdbx_audit_revision_details.description         ? 
_pdbx_audit_revision_details.details             ? 
# 
loop_
_pdbx_audit_revision_group.ordinal 
_pdbx_audit_revision_group.revision_ordinal 
_pdbx_audit_revision_group.data_content_type 
_pdbx_audit_revision_group.group 
1 2 'Structure model' 'Version format compliance' 
2 3 'Structure model' 'Version format compliance' 
3 4 'Structure model' 'Data collection'           
4 4 'Structure model' 'Database references'       
5 4 'Structure model' 'Derived calculations'      
6 4 'Structure model' 'Structure summary'         
# 
loop_
_pdbx_audit_revision_category.ordinal 
_pdbx_audit_revision_category.revision_ordinal 
_pdbx_audit_revision_category.data_content_type 
_pdbx_audit_revision_category.category 
1 4 'Structure model' chem_comp_atom            
2 4 'Structure model' chem_comp_bond            
3 4 'Structure model' database_2                
4 4 'Structure model' pdbx_entry_details        
5 4 'Structure model' pdbx_modification_feature 
6 4 'Structure model' pdbx_struct_conn_angle    
7 4 'Structure model' struct_conn               
8 4 'Structure model' struct_site               
# 
loop_
_pdbx_audit_revision_item.ordinal 
_pdbx_audit_revision_item.revision_ordinal 
_pdbx_audit_revision_item.data_content_type 
_pdbx_audit_revision_item.item 
1  4 'Structure model' '_database_2.pdbx_DOI'                        
2  4 'Structure model' '_database_2.pdbx_database_accession'         
3  4 'Structure model' '_pdbx_struct_conn_angle.ptnr1_auth_comp_id'  
4  4 'Structure model' '_pdbx_struct_conn_angle.ptnr1_auth_seq_id'   
5  4 'Structure model' '_pdbx_struct_conn_angle.ptnr1_label_asym_id' 
6  4 'Structure model' '_pdbx_struct_conn_angle.ptnr1_label_atom_id' 
7  4 'Structure model' '_pdbx_struct_conn_angle.ptnr1_label_comp_id' 
8  4 'Structure model' '_pdbx_struct_conn_angle.ptnr1_label_seq_id'  
9  4 'Structure model' '_pdbx_struct_conn_angle.ptnr2_auth_comp_id'  
10 4 'Structure model' '_pdbx_struct_conn_angle.ptnr2_auth_seq_id'   
11 4 'Structure model' '_pdbx_struct_conn_angle.ptnr2_label_asym_id' 
12 4 'Structure model' '_pdbx_struct_conn_angle.ptnr2_label_atom_id' 
13 4 'Structure model' '_pdbx_struct_conn_angle.ptnr2_label_comp_id' 
14 4 'Structure model' '_pdbx_struct_conn_angle.ptnr3_auth_comp_id'  
15 4 'Structure model' '_pdbx_struct_conn_angle.ptnr3_auth_seq_id'   
16 4 'Structure model' '_pdbx_struct_conn_angle.ptnr3_label_asym_id' 
17 4 'Structure model' '_pdbx_struct_conn_angle.ptnr3_label_atom_id' 
18 4 'Structure model' '_pdbx_struct_conn_angle.ptnr3_label_comp_id' 
19 4 'Structure model' '_pdbx_struct_conn_angle.ptnr3_label_seq_id'  
20 4 'Structure model' '_pdbx_struct_conn_angle.value'               
21 4 'Structure model' '_struct_conn.pdbx_dist_value'                
22 4 'Structure model' '_struct_conn.ptnr1_auth_comp_id'             
23 4 'Structure model' '_struct_conn.ptnr1_auth_seq_id'              
24 4 'Structure model' '_struct_conn.ptnr1_label_asym_id'            
25 4 'Structure model' '_struct_conn.ptnr1_label_atom_id'            
26 4 'Structure model' '_struct_conn.ptnr1_label_comp_id'            
27 4 'Structure model' '_struct_conn.ptnr1_label_seq_id'             
28 4 'Structure model' '_struct_conn.ptnr2_auth_comp_id'             
29 4 'Structure model' '_struct_conn.ptnr2_auth_seq_id'              
30 4 'Structure model' '_struct_conn.ptnr2_label_asym_id'            
31 4 'Structure model' '_struct_conn.ptnr2_label_atom_id'            
32 4 'Structure model' '_struct_conn.ptnr2_label_comp_id'            
33 4 'Structure model' '_struct_conn.ptnr2_label_seq_id'             
34 4 'Structure model' '_struct_site.pdbx_auth_asym_id'              
35 4 'Structure model' '_struct_site.pdbx_auth_comp_id'              
36 4 'Structure model' '_struct_site.pdbx_auth_seq_id'               
# 
_pdbx_database_status.status_code                     REL 
_pdbx_database_status.entry_id                        1JZH 
_pdbx_database_status.recvd_initial_deposition_date   2001-09-16 
_pdbx_database_status.deposit_site                    RCSB 
_pdbx_database_status.process_site                    RCSB 
_pdbx_database_status.SG_entry                        . 
_pdbx_database_status.pdb_format_compatible           Y 
_pdbx_database_status.status_code_mr                  ? 
_pdbx_database_status.status_code_sf                  ? 
_pdbx_database_status.status_code_cs                  ? 
_pdbx_database_status.status_code_nmr_data            ? 
_pdbx_database_status.methods_development_category    ? 
# 
loop_
_pdbx_database_related.db_name 
_pdbx_database_related.db_id 
_pdbx_database_related.details 
_pdbx_database_related.content_type 
PDB 1JZE 'Pseudomonas aeruginosa Azurin Ru(bpy)2(im)(His83)'                 unspecified 
PDB 1JZF 'Pseudomonas aeruginosa Oxidized Azurin(Cu2+) Ru(tpy)(phen)(His83)' unspecified 
PDB 1JZG 'Pseudomonas aeruginosa Reduced Azurin (Cu1+) Ru(tpy)(phen)(His83)' unspecified 
PDB 1JZI 'Pseudomonas aeruginosa Azurin Re(phen)(CO)3(His83)'                unspecified 
PDB 1JZJ 'Pseudomonas aeruginosa Azurin Os(bpy)2(im)(His83)'                 unspecified 
# 
loop_
_audit_author.name 
_audit_author.pdbx_ordinal 
'Crane, B.R.'    1 
'Di Bilio, A.J.' 2 
'Winkler, J.R.'  3 
# 
_citation.id                        primary 
_citation.title                     'Electron tunneling in single crystals of Pseudomonas aeruginosa azurins.' 
_citation.journal_abbrev            J.Am.Chem.Soc. 
_citation.journal_volume            123 
_citation.page_first                11623 
_citation.page_last                 11631 
_citation.year                      2001 
_citation.journal_id_ASTM           JACSAT 
_citation.country                   US 
_citation.journal_id_ISSN           0002-7863 
_citation.journal_id_CSD            0004 
_citation.book_publisher            ? 
_citation.pdbx_database_id_PubMed   11716717 
_citation.pdbx_database_id_DOI      10.1021/ja0115870 
# 
loop_
_citation_author.citation_id 
_citation_author.name 
_citation_author.ordinal 
_citation_author.identifier_ORCID 
primary 'Crane, B.R.'    1 ? 
primary 'Di Bilio, A.J.' 2 ? 
primary 'Winkler, J.R.'  3 ? 
primary 'Gray, H.B.'     4 ? 
# 
loop_
_entity.id 
_entity.type 
_entity.src_method 
_entity.pdbx_description 
_entity.formula_weight 
_entity.pdbx_number_of_molecules 
_entity.pdbx_ec 
_entity.pdbx_mutation 
_entity.pdbx_fragment 
_entity.details 
1 polymer     man AZURIN                                                        13961.799 1  ? ? ? ? 
2 non-polymer syn 'COPPER (II) ION'                                             63.546    2  ? ? ? ? 
3 non-polymer syn 
;(2,2':6',2''-TERPYRIDINE)-(2,2''-BIPYRIDINE) RUTHENIUM (II)
;
513.704   1  ? ? ? ? 
4 water       nat water                                                         18.015    86 ? ? ? ? 
# 
_entity_poly.entity_id                      1 
_entity_poly.type                           'polypeptide(L)' 
_entity_poly.nstd_linkage                   no 
_entity_poly.nstd_monomer                   no 
_entity_poly.pdbx_seq_one_letter_code       
;AECSVDIQGNDQMQFNTNAITVDKSCKQFTVNLSHPGNLPKNVMGHNWVLSTAADMQGVVTDGMASGLDKDYLKPDDSRV
IAHTKLIGSGEKDSVTFDVSKLKEGEQYMFFCTFPGHSALMKGTLTLK
;
_entity_poly.pdbx_seq_one_letter_code_can   
;AECSVDIQGNDQMQFNTNAITVDKSCKQFTVNLSHPGNLPKNVMGHNWVLSTAADMQGVVTDGMASGLDKDYLKPDDSRV
IAHTKLIGSGEKDSVTFDVSKLKEGEQYMFFCTFPGHSALMKGTLTLK
;
_entity_poly.pdbx_strand_id                 A 
_entity_poly.pdbx_target_identifier         ? 
# 
loop_
_pdbx_entity_nonpoly.entity_id 
_pdbx_entity_nonpoly.name 
_pdbx_entity_nonpoly.comp_id 
2 'COPPER (II) ION'                                             CU  
3 
;(2,2':6',2''-TERPYRIDINE)-(2,2''-BIPYRIDINE) RUTHENIUM (II)
;
RTA 
4 water                                                         HOH 
# 
loop_
_entity_poly_seq.entity_id 
_entity_poly_seq.num 
_entity_poly_seq.mon_id 
_entity_poly_seq.hetero 
1 1   ALA n 
1 2   GLU n 
1 3   CYS n 
1 4   SER n 
1 5   VAL n 
1 6   ASP n 
1 7   ILE n 
1 8   GLN n 
1 9   GLY n 
1 10  ASN n 
1 11  ASP n 
1 12  GLN n 
1 13  MET n 
1 14  GLN n 
1 15  PHE n 
1 16  ASN n 
1 17  THR n 
1 18  ASN n 
1 19  ALA n 
1 20  ILE n 
1 21  THR n 
1 22  VAL n 
1 23  ASP n 
1 24  LYS n 
1 25  SER n 
1 26  CYS n 
1 27  LYS n 
1 28  GLN n 
1 29  PHE n 
1 30  THR n 
1 31  VAL n 
1 32  ASN n 
1 33  LEU n 
1 34  SER n 
1 35  HIS n 
1 36  PRO n 
1 37  GLY n 
1 38  ASN n 
1 39  LEU n 
1 40  PRO n 
1 41  LYS n 
1 42  ASN n 
1 43  VAL n 
1 44  MET n 
1 45  GLY n 
1 46  HIS n 
1 47  ASN n 
1 48  TRP n 
1 49  VAL n 
1 50  LEU n 
1 51  SER n 
1 52  THR n 
1 53  ALA n 
1 54  ALA n 
1 55  ASP n 
1 56  MET n 
1 57  GLN n 
1 58  GLY n 
1 59  VAL n 
1 60  VAL n 
1 61  THR n 
1 62  ASP n 
1 63  GLY n 
1 64  MET n 
1 65  ALA n 
1 66  SER n 
1 67  GLY n 
1 68  LEU n 
1 69  ASP n 
1 70  LYS n 
1 71  ASP n 
1 72  TYR n 
1 73  LEU n 
1 74  LYS n 
1 75  PRO n 
1 76  ASP n 
1 77  ASP n 
1 78  SER n 
1 79  ARG n 
1 80  VAL n 
1 81  ILE n 
1 82  ALA n 
1 83  HIS n 
1 84  THR n 
1 85  LYS n 
1 86  LEU n 
1 87  ILE n 
1 88  GLY n 
1 89  SER n 
1 90  GLY n 
1 91  GLU n 
1 92  LYS n 
1 93  ASP n 
1 94  SER n 
1 95  VAL n 
1 96  THR n 
1 97  PHE n 
1 98  ASP n 
1 99  VAL n 
1 100 SER n 
1 101 LYS n 
1 102 LEU n 
1 103 LYS n 
1 104 GLU n 
1 105 GLY n 
1 106 GLU n 
1 107 GLN n 
1 108 TYR n 
1 109 MET n 
1 110 PHE n 
1 111 PHE n 
1 112 CYS n 
1 113 THR n 
1 114 PHE n 
1 115 PRO n 
1 116 GLY n 
1 117 HIS n 
1 118 SER n 
1 119 ALA n 
1 120 LEU n 
1 121 MET n 
1 122 LYS n 
1 123 GLY n 
1 124 THR n 
1 125 LEU n 
1 126 THR n 
1 127 LEU n 
1 128 LYS n 
# 
_entity_src_gen.entity_id                          1 
_entity_src_gen.pdbx_src_id                        1 
_entity_src_gen.pdbx_alt_source_flag               sample 
_entity_src_gen.pdbx_seq_type                      ? 
_entity_src_gen.pdbx_beg_seq_num                   ? 
_entity_src_gen.pdbx_end_seq_num                   ? 
_entity_src_gen.gene_src_common_name               ? 
_entity_src_gen.gene_src_genus                     Pseudomonas 
_entity_src_gen.pdbx_gene_src_gene                 ? 
_entity_src_gen.gene_src_species                   ? 
_entity_src_gen.gene_src_strain                    ? 
_entity_src_gen.gene_src_tissue                    ? 
_entity_src_gen.gene_src_tissue_fraction           ? 
_entity_src_gen.gene_src_details                   ? 
_entity_src_gen.pdbx_gene_src_fragment             ? 
_entity_src_gen.pdbx_gene_src_scientific_name      'Pseudomonas aeruginosa' 
_entity_src_gen.pdbx_gene_src_ncbi_taxonomy_id     287 
_entity_src_gen.pdbx_gene_src_variant              ? 
_entity_src_gen.pdbx_gene_src_cell_line            ? 
_entity_src_gen.pdbx_gene_src_atcc                 ? 
_entity_src_gen.pdbx_gene_src_organ                ? 
_entity_src_gen.pdbx_gene_src_organelle            ? 
_entity_src_gen.pdbx_gene_src_cell                 ? 
_entity_src_gen.pdbx_gene_src_cellular_location    ? 
_entity_src_gen.host_org_common_name               ? 
_entity_src_gen.pdbx_host_org_scientific_name      'Escherichia coli BL21(DE3)' 
_entity_src_gen.pdbx_host_org_ncbi_taxonomy_id     469008 
_entity_src_gen.host_org_genus                     Escherichia 
_entity_src_gen.pdbx_host_org_gene                 ? 
_entity_src_gen.pdbx_host_org_organ                ? 
_entity_src_gen.host_org_species                   'Escherichia coli' 
_entity_src_gen.pdbx_host_org_tissue               ? 
_entity_src_gen.pdbx_host_org_tissue_fraction      ? 
_entity_src_gen.pdbx_host_org_strain               'BL21(DE3)' 
_entity_src_gen.pdbx_host_org_variant              ? 
_entity_src_gen.pdbx_host_org_cell_line            ? 
_entity_src_gen.pdbx_host_org_atcc                 ? 
_entity_src_gen.pdbx_host_org_culture_collection   ? 
_entity_src_gen.pdbx_host_org_cell                 ? 
_entity_src_gen.pdbx_host_org_organelle            ? 
_entity_src_gen.pdbx_host_org_cellular_location    ? 
_entity_src_gen.pdbx_host_org_vector_type          'Pet9a(ASA)' 
_entity_src_gen.pdbx_host_org_vector               ? 
_entity_src_gen.host_org_details                   ? 
_entity_src_gen.expression_system_id               ? 
_entity_src_gen.plasmid_name                       ? 
_entity_src_gen.plasmid_details                    ? 
_entity_src_gen.pdbx_description                   ? 
# 
loop_
_chem_comp.id 
_chem_comp.type 
_chem_comp.mon_nstd_flag 
_chem_comp.name 
_chem_comp.pdbx_synonyms 
_chem_comp.formula 
_chem_comp.formula_weight 
ALA 'L-peptide linking' y ALANINE                                                       ? 'C3 H7 N O2'      89.093  
ARG 'L-peptide linking' y ARGININE                                                      ? 'C6 H15 N4 O2 1'  175.209 
ASN 'L-peptide linking' y ASPARAGINE                                                    ? 'C4 H8 N2 O3'     132.118 
ASP 'L-peptide linking' y 'ASPARTIC ACID'                                               ? 'C4 H7 N O4'      133.103 
CU  non-polymer         . 'COPPER (II) ION'                                             ? 'Cu 2'            63.546  
CYS 'L-peptide linking' y CYSTEINE                                                      ? 'C3 H7 N O2 S'    121.158 
GLN 'L-peptide linking' y GLUTAMINE                                                     ? 'C5 H10 N2 O3'    146.144 
GLU 'L-peptide linking' y 'GLUTAMIC ACID'                                               ? 'C5 H9 N O4'      147.129 
GLY 'peptide linking'   y GLYCINE                                                       ? 'C2 H5 N O2'      75.067  
HIS 'L-peptide linking' y HISTIDINE                                                     ? 'C6 H10 N3 O2 1'  156.162 
HOH non-polymer         . WATER                                                         ? 'H2 O'            18.015  
ILE 'L-peptide linking' y ISOLEUCINE                                                    ? 'C6 H13 N O2'     131.173 
LEU 'L-peptide linking' y LEUCINE                                                       ? 'C6 H13 N O2'     131.173 
LYS 'L-peptide linking' y LYSINE                                                        ? 'C6 H15 N2 O2 1'  147.195 
MET 'L-peptide linking' y METHIONINE                                                    ? 'C5 H11 N O2 S'   149.211 
PHE 'L-peptide linking' y PHENYLALANINE                                                 ? 'C9 H11 N O2'     165.189 
PRO 'L-peptide linking' y PROLINE                                                       ? 'C5 H9 N O2'      115.130 
RTA non-polymer         . 
;(2,2':6',2''-TERPYRIDINE)-(2,2''-BIPYRIDINE) RUTHENIUM (II)
;
? 'C25 H42 N5 Ru 2' 513.704 
SER 'L-peptide linking' y SERINE                                                        ? 'C3 H7 N O3'      105.093 
THR 'L-peptide linking' y THREONINE                                                     ? 'C4 H9 N O3'      119.119 
TRP 'L-peptide linking' y TRYPTOPHAN                                                    ? 'C11 H12 N2 O2'   204.225 
TYR 'L-peptide linking' y TYROSINE                                                      ? 'C9 H11 N O3'     181.189 
VAL 'L-peptide linking' y VALINE                                                        ? 'C5 H11 N O2'     117.146 
# 
loop_
_pdbx_poly_seq_scheme.asym_id 
_pdbx_poly_seq_scheme.entity_id 
_pdbx_poly_seq_scheme.seq_id 
_pdbx_poly_seq_scheme.mon_id 
_pdbx_poly_seq_scheme.ndb_seq_num 
_pdbx_poly_seq_scheme.pdb_seq_num 
_pdbx_poly_seq_scheme.auth_seq_num 
_pdbx_poly_seq_scheme.pdb_mon_id 
_pdbx_poly_seq_scheme.auth_mon_id 
_pdbx_poly_seq_scheme.pdb_strand_id 
_pdbx_poly_seq_scheme.pdb_ins_code 
_pdbx_poly_seq_scheme.hetero 
A 1 1   ALA 1   1   1   ALA ALA A . n 
A 1 2   GLU 2   2   2   GLU GLN A . n 
A 1 3   CYS 3   3   3   CYS CYS A . n 
A 1 4   SER 4   4   4   SER SER A . n 
A 1 5   VAL 5   5   5   VAL VAL A . n 
A 1 6   ASP 6   6   6   ASP ASP A . n 
A 1 7   ILE 7   7   7   ILE ILE A . n 
A 1 8   GLN 8   8   8   GLN GLN A . n 
A 1 9   GLY 9   9   9   GLY GLY A . n 
A 1 10  ASN 10  10  10  ASN ASN A . n 
A 1 11  ASP 11  11  11  ASP ASP A . n 
A 1 12  GLN 12  12  12  GLN GLN A . n 
A 1 13  MET 13  13  13  MET MET A . n 
A 1 14  GLN 14  14  14  GLN GLN A . n 
A 1 15  PHE 15  15  15  PHE PHE A . n 
A 1 16  ASN 16  16  16  ASN ASN A . n 
A 1 17  THR 17  17  17  THR THR A . n 
A 1 18  ASN 18  18  18  ASN ASN A . n 
A 1 19  ALA 19  19  19  ALA ALA A . n 
A 1 20  ILE 20  20  20  ILE ILE A . n 
A 1 21  THR 21  21  21  THR THR A . n 
A 1 22  VAL 22  22  22  VAL VAL A . n 
A 1 23  ASP 23  23  23  ASP ASP A . n 
A 1 24  LYS 24  24  24  LYS LYS A . n 
A 1 25  SER 25  25  25  SER SER A . n 
A 1 26  CYS 26  26  26  CYS CYS A . n 
A 1 27  LYS 27  27  27  LYS LYS A . n 
A 1 28  GLN 28  28  28  GLN GLN A . n 
A 1 29  PHE 29  29  29  PHE PHE A . n 
A 1 30  THR 30  30  30  THR THR A . n 
A 1 31  VAL 31  31  31  VAL VAL A . n 
A 1 32  ASN 32  32  32  ASN ASN A . n 
A 1 33  LEU 33  33  33  LEU LEU A . n 
A 1 34  SER 34  34  34  SER SER A . n 
A 1 35  HIS 35  35  35  HIS HIS A . n 
A 1 36  PRO 36  36  36  PRO PRO A . n 
A 1 37  GLY 37  37  37  GLY GLY A . n 
A 1 38  ASN 38  38  38  ASN ASN A . n 
A 1 39  LEU 39  39  39  LEU LEU A . n 
A 1 40  PRO 40  40  40  PRO PRO A . n 
A 1 41  LYS 41  41  41  LYS LYS A . n 
A 1 42  ASN 42  42  42  ASN ASN A . n 
A 1 43  VAL 43  43  43  VAL VAL A . n 
A 1 44  MET 44  44  44  MET MET A . n 
A 1 45  GLY 45  45  45  GLY GLY A . n 
A 1 46  HIS 46  46  46  HIS HIS A . n 
A 1 47  ASN 47  47  47  ASN ASN A . n 
A 1 48  TRP 48  48  48  TRP TRP A . n 
A 1 49  VAL 49  49  49  VAL VAL A . n 
A 1 50  LEU 50  50  50  LEU LEU A . n 
A 1 51  SER 51  51  51  SER SER A . n 
A 1 52  THR 52  52  52  THR THR A . n 
A 1 53  ALA 53  53  53  ALA ALA A . n 
A 1 54  ALA 54  54  54  ALA ALA A . n 
A 1 55  ASP 55  55  55  ASP ASP A . n 
A 1 56  MET 56  56  56  MET MET A . n 
A 1 57  GLN 57  57  57  GLN GLN A . n 
A 1 58  GLY 58  58  58  GLY GLY A . n 
A 1 59  VAL 59  59  59  VAL VAL A . n 
A 1 60  VAL 60  60  60  VAL VAL A . n 
A 1 61  THR 61  61  61  THR THR A . n 
A 1 62  ASP 62  62  62  ASP ASP A . n 
A 1 63  GLY 63  63  63  GLY GLY A . n 
A 1 64  MET 64  64  64  MET MET A . n 
A 1 65  ALA 65  65  65  ALA ALA A . n 
A 1 66  SER 66  66  66  SER SER A . n 
A 1 67  GLY 67  67  67  GLY GLY A . n 
A 1 68  LEU 68  68  68  LEU LEU A . n 
A 1 69  ASP 69  69  69  ASP ASP A . n 
A 1 70  LYS 70  70  70  LYS LYS A . n 
A 1 71  ASP 71  71  71  ASP ASP A . n 
A 1 72  TYR 72  72  72  TYR TYR A . n 
A 1 73  LEU 73  73  73  LEU LEU A . n 
A 1 74  LYS 74  74  74  LYS LYS A . n 
A 1 75  PRO 75  75  75  PRO PRO A . n 
A 1 76  ASP 76  76  76  ASP ASP A . n 
A 1 77  ASP 77  77  77  ASP ASP A . n 
A 1 78  SER 78  78  78  SER SER A . n 
A 1 79  ARG 79  79  79  ARG ARG A . n 
A 1 80  VAL 80  80  80  VAL VAL A . n 
A 1 81  ILE 81  81  81  ILE ILE A . n 
A 1 82  ALA 82  82  82  ALA ALA A . n 
A 1 83  HIS 83  83  83  HIS HIS A . n 
A 1 84  THR 84  84  84  THR THR A . n 
A 1 85  LYS 85  85  85  LYS LYS A . n 
A 1 86  LEU 86  86  86  LEU LEU A . n 
A 1 87  ILE 87  87  87  ILE ILE A . n 
A 1 88  GLY 88  88  88  GLY GLY A . n 
A 1 89  SER 89  89  89  SER SER A . n 
A 1 90  GLY 90  90  90  GLY GLY A . n 
A 1 91  GLU 91  91  91  GLU GLU A . n 
A 1 92  LYS 92  92  92  LYS LYS A . n 
A 1 93  ASP 93  93  93  ASP ASP A . n 
A 1 94  SER 94  94  94  SER SER A . n 
A 1 95  VAL 95  95  95  VAL VAL A . n 
A 1 96  THR 96  96  96  THR THR A . n 
A 1 97  PHE 97  97  97  PHE PHE A . n 
A 1 98  ASP 98  98  98  ASP ASP A . n 
A 1 99  VAL 99  99  99  VAL VAL A . n 
A 1 100 SER 100 100 100 SER SER A . n 
A 1 101 LYS 101 101 101 LYS LYS A . n 
A 1 102 LEU 102 102 102 LEU LEU A . n 
A 1 103 LYS 103 103 103 LYS LYS A . n 
A 1 104 GLU 104 104 104 GLU GLU A . n 
A 1 105 GLY 105 105 105 GLY GLY A . n 
A 1 106 GLU 106 106 106 GLU GLU A . n 
A 1 107 GLN 107 107 107 GLN GLN A . n 
A 1 108 TYR 108 108 108 TYR TYR A . n 
A 1 109 MET 109 109 109 MET MET A . n 
A 1 110 PHE 110 110 110 PHE PHE A . n 
A 1 111 PHE 111 111 111 PHE PHE A . n 
A 1 112 CYS 112 112 112 CYS CYS A . n 
A 1 113 THR 113 113 113 THR THR A . n 
A 1 114 PHE 114 114 114 PHE PHE A . n 
A 1 115 PRO 115 115 115 PRO PRO A . n 
A 1 116 GLY 116 116 116 GLY GLY A . n 
A 1 117 HIS 117 117 117 HIS HIS A . n 
A 1 118 SER 118 118 118 SER SER A . n 
A 1 119 ALA 119 119 119 ALA ALA A . n 
A 1 120 LEU 120 120 120 LEU LEU A . n 
A 1 121 MET 121 121 121 MET MET A . n 
A 1 122 LYS 122 122 122 LYS LYS A . n 
A 1 123 GLY 123 123 123 GLY GLY A . n 
A 1 124 THR 124 124 124 THR THR A . n 
A 1 125 LEU 125 125 125 LEU LEU A . n 
A 1 126 THR 126 126 126 THR THR A . n 
A 1 127 LEU 127 127 127 LEU LEU A . n 
A 1 128 LYS 128 128 128 LYS LYS A . n 
# 
loop_
_pdbx_nonpoly_scheme.asym_id 
_pdbx_nonpoly_scheme.entity_id 
_pdbx_nonpoly_scheme.mon_id 
_pdbx_nonpoly_scheme.ndb_seq_num 
_pdbx_nonpoly_scheme.pdb_seq_num 
_pdbx_nonpoly_scheme.auth_seq_num 
_pdbx_nonpoly_scheme.pdb_mon_id 
_pdbx_nonpoly_scheme.auth_mon_id 
_pdbx_nonpoly_scheme.pdb_strand_id 
_pdbx_nonpoly_scheme.pdb_ins_code 
B 2 CU  1  901  901  CU  CU  A . 
C 2 CU  1  903  903  CU  CU  A . 
D 3 RTA 1  902  902  RTA RTB A . 
E 4 HOH 1  1000 1000 HOH WAT A . 
E 4 HOH 2  1001 1001 HOH WAT A . 
E 4 HOH 3  1002 1002 HOH WAT A . 
E 4 HOH 4  1003 1003 HOH WAT A . 
E 4 HOH 5  1004 1004 HOH WAT A . 
E 4 HOH 6  1005 1005 HOH WAT A . 
E 4 HOH 7  1006 1006 HOH WAT A . 
E 4 HOH 8  1007 1007 HOH WAT A . 
E 4 HOH 9  1008 1008 HOH WAT A . 
E 4 HOH 10 1009 1009 HOH WAT A . 
E 4 HOH 11 1010 1010 HOH WAT A . 
E 4 HOH 12 1011 1011 HOH WAT A . 
E 4 HOH 13 1012 1012 HOH WAT A . 
E 4 HOH 14 1013 1013 HOH WAT A . 
E 4 HOH 15 1014 1014 HOH WAT A . 
E 4 HOH 16 1015 1015 HOH WAT A . 
E 4 HOH 17 1016 1016 HOH WAT A . 
E 4 HOH 18 1017 1017 HOH WAT A . 
E 4 HOH 19 1018 1018 HOH WAT A . 
E 4 HOH 20 1019 1019 HOH WAT A . 
E 4 HOH 21 1020 1020 HOH WAT A . 
E 4 HOH 22 1021 1021 HOH WAT A . 
E 4 HOH 23 1022 1022 HOH WAT A . 
E 4 HOH 24 1023 1023 HOH WAT A . 
E 4 HOH 25 1024 1024 HOH WAT A . 
E 4 HOH 26 1025 1025 HOH WAT A . 
E 4 HOH 27 1026 1026 HOH WAT A . 
E 4 HOH 28 1027 1027 HOH WAT A . 
E 4 HOH 29 1028 1028 HOH WAT A . 
E 4 HOH 30 1029 1029 HOH WAT A . 
E 4 HOH 31 1030 1030 HOH WAT A . 
E 4 HOH 32 1031 1031 HOH WAT A . 
E 4 HOH 33 1032 1032 HOH WAT A . 
E 4 HOH 34 1033 1033 HOH WAT A . 
E 4 HOH 35 1034 1034 HOH WAT A . 
E 4 HOH 36 1035 1035 HOH WAT A . 
E 4 HOH 37 1036 1036 HOH WAT A . 
E 4 HOH 38 1037 1037 HOH WAT A . 
E 4 HOH 39 1038 1038 HOH WAT A . 
E 4 HOH 40 1039 1039 HOH WAT A . 
E 4 HOH 41 1040 1040 HOH WAT A . 
E 4 HOH 42 1041 1041 HOH WAT A . 
E 4 HOH 43 1042 1042 HOH WAT A . 
E 4 HOH 44 1043 1043 HOH WAT A . 
E 4 HOH 45 1044 1044 HOH WAT A . 
E 4 HOH 46 1045 1045 HOH WAT A . 
E 4 HOH 47 1046 1046 HOH WAT A . 
E 4 HOH 48 1047 1047 HOH WAT A . 
E 4 HOH 49 1048 1048 HOH WAT A . 
E 4 HOH 50 1049 1049 HOH WAT A . 
E 4 HOH 51 1050 1050 HOH WAT A . 
E 4 HOH 52 1051 1051 HOH WAT A . 
E 4 HOH 53 1052 1052 HOH WAT A . 
E 4 HOH 54 1053 1053 HOH WAT A . 
E 4 HOH 55 1054 1054 HOH WAT A . 
E 4 HOH 56 1055 1055 HOH WAT A . 
E 4 HOH 57 1056 1056 HOH WAT A . 
E 4 HOH 58 1057 1057 HOH WAT A . 
E 4 HOH 59 1058 1058 HOH WAT A . 
E 4 HOH 60 1059 1059 HOH WAT A . 
E 4 HOH 61 1060 1060 HOH WAT A . 
E 4 HOH 62 1061 1061 HOH WAT A . 
E 4 HOH 63 1062 1062 HOH WAT A . 
E 4 HOH 64 1063 1063 HOH WAT A . 
E 4 HOH 65 1064 1064 HOH WAT A . 
E 4 HOH 66 1065 1065 HOH WAT A . 
E 4 HOH 67 1066 1066 HOH WAT A . 
E 4 HOH 68 1067 1067 HOH WAT A . 
E 4 HOH 69 1068 1068 HOH WAT A . 
E 4 HOH 70 1069 1069 HOH WAT A . 
E 4 HOH 71 1070 1070 HOH WAT A . 
E 4 HOH 72 1071 1071 HOH WAT A . 
E 4 HOH 73 1072 1072 HOH WAT A . 
E 4 HOH 74 1073 1073 HOH WAT A . 
E 4 HOH 75 1074 1074 HOH WAT A . 
E 4 HOH 76 1075 1075 HOH WAT A . 
E 4 HOH 77 1076 1076 HOH WAT A . 
E 4 HOH 78 1077 1077 HOH WAT A . 
E 4 HOH 79 1078 1078 HOH WAT A . 
E 4 HOH 80 1079 1079 HOH WAT A . 
E 4 HOH 81 1080 1080 HOH WAT A . 
E 4 HOH 82 1081 1081 HOH WAT A . 
E 4 HOH 83 1082 1082 HOH WAT A . 
E 4 HOH 84 1083 1083 HOH WAT A . 
E 4 HOH 85 1084 1084 HOH WAT A . 
E 4 HOH 86 1085 1085 HOH WAT A . 
# 
loop_
_software.name 
_software.classification 
_software.version 
_software.citation_id 
_software.pdbx_ordinal 
DENZO     'data reduction' .   ? 1 
SCALEPACK 'data scaling'   .   ? 2 
X-PLOR    'model building' .   ? 3 
CNS       refinement       1.0 ? 4 
X-PLOR    phasing          .   ? 5 
# 
_cell.entry_id           1JZH 
_cell.length_a           53.990 
_cell.length_b           60.610 
_cell.length_c           69.760 
_cell.angle_alpha        90.00 
_cell.angle_beta         90.00 
_cell.angle_gamma        90.00 
_cell.Z_PDB              8 
_cell.pdbx_unique_axis   ? 
# 
_symmetry.entry_id                         1JZH 
_symmetry.space_group_name_H-M             'I 2 2 2' 
_symmetry.pdbx_full_space_group_name_H-M   ? 
_symmetry.cell_setting                     ? 
_symmetry.Int_Tables_number                23 
# 
_exptl.entry_id          1JZH 
_exptl.method            'X-RAY DIFFRACTION' 
_exptl.crystals_number   1 
# 
_exptl_crystal.id                    1 
_exptl_crystal.density_meas          ? 
_exptl_crystal.density_Matthews      2.04 
_exptl_crystal.density_percent_sol   39.80 
_exptl_crystal.description           ? 
# 
_exptl_crystal_grow.crystal_id      1 
_exptl_crystal_grow.method          'VAPOR DIFFUSION, HANGING DROP' 
_exptl_crystal_grow.temp            293 
_exptl_crystal_grow.temp_details    ? 
_exptl_crystal_grow.pH              7.0 
_exptl_crystal_grow.pdbx_details    'PEG, Imidazole, pH 7.0, VAPOR DIFFUSION, HANGING DROP, temperature 293K' 
_exptl_crystal_grow.pdbx_pH_range   ? 
# 
_diffrn.id                     1 
_diffrn.ambient_temp           100 
_diffrn.ambient_temp_details   ? 
_diffrn.crystal_id             1 
# 
_diffrn_detector.diffrn_id              1 
_diffrn_detector.detector               'IMAGE PLATE' 
_diffrn_detector.type                   MARRESEARCH 
_diffrn_detector.pdbx_collection_date   1999-04-30 
_diffrn_detector.details                Pt-mirror 
# 
_diffrn_radiation.diffrn_id                        1 
_diffrn_radiation.wavelength_id                    1 
_diffrn_radiation.pdbx_monochromatic_or_laue_m_l   M 
_diffrn_radiation.monochromator                    'Si(111)' 
_diffrn_radiation.pdbx_diffrn_protocol             'SINGLE WAVELENGTH' 
_diffrn_radiation.pdbx_scattering_type             x-ray 
# 
_diffrn_radiation_wavelength.id           1 
_diffrn_radiation_wavelength.wavelength   1.08 
_diffrn_radiation_wavelength.wt           1.0 
# 
_diffrn_source.diffrn_id                   1 
_diffrn_source.source                      SYNCHROTRON 
_diffrn_source.type                        'SSRL BEAMLINE BL7-1' 
_diffrn_source.pdbx_synchrotron_site       SSRL 
_diffrn_source.pdbx_synchrotron_beamline   BL7-1 
_diffrn_source.pdbx_wavelength             ? 
_diffrn_source.pdbx_wavelength_list        1.08 
# 
_reflns.entry_id                     1JZH 
_reflns.observed_criterion_sigma_I   0.0 
_reflns.observed_criterion_sigma_F   0.0 
_reflns.d_resolution_low             23.0 
_reflns.d_resolution_high            1.70 
_reflns.number_obs                   12712 
_reflns.number_all                   12712 
_reflns.percent_possible_obs         98.0 
_reflns.pdbx_Rmerge_I_obs            ? 
_reflns.pdbx_Rsym_value              0.09 
_reflns.pdbx_netI_over_sigmaI        19 
_reflns.B_iso_Wilson_estimate        28.7 
_reflns.pdbx_redundancy              4.44 
_reflns.R_free_details               ? 
_reflns.limit_h_max                  ? 
_reflns.limit_h_min                  ? 
_reflns.limit_k_max                  ? 
_reflns.limit_k_min                  ? 
_reflns.limit_l_max                  ? 
_reflns.limit_l_min                  ? 
_reflns.observed_criterion_F_max     ? 
_reflns.observed_criterion_F_min     ? 
_reflns.pdbx_diffrn_id               1 
_reflns.pdbx_ordinal                 1 
# 
_reflns_shell.d_res_high             1.70 
_reflns_shell.d_res_low              1.76 
_reflns_shell.percent_possible_all   91.2 
_reflns_shell.Rmerge_I_obs           ? 
_reflns_shell.pdbx_Rsym_value        0.211 
_reflns_shell.meanI_over_sigI_obs    5.2 
_reflns_shell.pdbx_redundancy        ? 
_reflns_shell.percent_possible_obs   ? 
_reflns_shell.number_unique_all      1157 
_reflns_shell.pdbx_diffrn_id         ? 
_reflns_shell.pdbx_ordinal           1 
# 
_refine.entry_id                                 1JZH 
_refine.ls_number_reflns_obs                     12712 
_refine.ls_number_reflns_all                     12712 
_refine.pdbx_ls_sigma_I                          ? 
_refine.pdbx_ls_sigma_F                          0.0 
_refine.pdbx_data_cutoff_high_absF               2147551.49 
_refine.pdbx_data_cutoff_low_absF                0.000000 
_refine.ls_d_res_low                             22.88 
_refine.ls_d_res_high                            1.70 
_refine.ls_percent_reflns_obs                    98.0 
_refine.ls_R_factor_obs                          ? 
_refine.ls_R_factor_all                          ? 
_refine.ls_R_factor_R_work                       0.269 
_refine.ls_R_factor_R_free                       0.277 
_refine.ls_R_factor_R_free_error                 0.009 
_refine.ls_R_factor_R_free_error_details         ? 
_refine.ls_percent_reflns_R_free                 8.1 
_refine.ls_number_reflns_R_free                  941 
_refine.ls_number_parameters                     ? 
_refine.ls_number_restraints                     ? 
_refine.occupancy_min                            ? 
_refine.occupancy_max                            ? 
_refine.B_iso_mean                               35.0 
_refine.aniso_B[1][1]                            9.97 
_refine.aniso_B[2][2]                            -10.80 
_refine.aniso_B[3][3]                            0.82 
_refine.aniso_B[1][2]                            0.00 
_refine.aniso_B[1][3]                            0.00 
_refine.aniso_B[2][3]                            0.00 
_refine.solvent_model_details                    'FLAT MODEL' 
_refine.solvent_model_param_ksol                 0.370202 
_refine.solvent_model_param_bsol                 33.4102 
_refine.pdbx_ls_cross_valid_method               ? 
_refine.details                                  ? 
_refine.pdbx_starting_model                      ? 
_refine.pdbx_method_to_determine_struct          1JZE 
_refine.pdbx_isotropic_thermal_model             RESTRAINED 
_refine.pdbx_stereochemistry_target_values       'Engh & Huber' 
_refine.pdbx_stereochem_target_val_spec_case     ? 
_refine.pdbx_R_Free_selection_details            RANDOM 
_refine.pdbx_overall_ESU_R_Free                  ? 
_refine.overall_SU_B                             ? 
_refine.ls_redundancy_reflns_obs                 ? 
_refine.B_iso_min                                ? 
_refine.B_iso_max                                ? 
_refine.correlation_coeff_Fo_to_Fc               ? 
_refine.correlation_coeff_Fo_to_Fc_free          ? 
_refine.overall_SU_R_Cruickshank_DPI             ? 
_refine.overall_SU_R_free                        ? 
_refine.overall_SU_ML                            ? 
_refine.pdbx_overall_ESU_R                       ? 
_refine.pdbx_data_cutoff_high_rms_absF           ? 
_refine.pdbx_refine_id                           'X-RAY DIFFRACTION' 
_refine.pdbx_diffrn_id                           1 
_refine.pdbx_TLS_residual_ADP_flag               ? 
_refine.pdbx_solvent_vdw_probe_radii             ? 
_refine.pdbx_solvent_ion_probe_radii             ? 
_refine.pdbx_solvent_shrinkage_radii             ? 
_refine.pdbx_overall_phase_error                 ? 
_refine.pdbx_overall_SU_R_free_Cruickshank_DPI   ? 
_refine.pdbx_overall_SU_R_Blow_DPI               ? 
_refine.pdbx_overall_SU_R_free_Blow_DPI          ? 
# 
_refine_analyze.entry_id                        1JZH 
_refine_analyze.Luzzati_coordinate_error_obs    0.31 
_refine_analyze.Luzzati_sigma_a_obs             0.31 
_refine_analyze.Luzzati_d_res_low_obs           5.00 
_refine_analyze.Luzzati_coordinate_error_free   0.34 
_refine_analyze.Luzzati_sigma_a_free            0.37 
_refine_analyze.Luzzati_d_res_low_free          ? 
_refine_analyze.number_disordered_residues      ? 
_refine_analyze.occupancy_sum_hydrogen          ? 
_refine_analyze.occupancy_sum_non_hydrogen      ? 
_refine_analyze.pdbx_Luzzati_d_res_high_obs     ? 
_refine_analyze.pdbx_refine_id                  'X-RAY DIFFRACTION' 
# 
_refine_hist.pdbx_refine_id                   'X-RAY DIFFRACTION' 
_refine_hist.cycle_id                         LAST 
_refine_hist.pdbx_number_atoms_protein        974 
_refine_hist.pdbx_number_atoms_nucleic_acid   0 
_refine_hist.pdbx_number_atoms_ligand         33 
_refine_hist.number_atoms_solvent             86 
_refine_hist.number_atoms_total               1093 
_refine_hist.d_res_high                       1.70 
_refine_hist.d_res_low                        22.88 
# 
loop_
_refine_ls_restr.type 
_refine_ls_restr.dev_ideal 
_refine_ls_restr.dev_ideal_target 
_refine_ls_restr.weight 
_refine_ls_restr.number 
_refine_ls_restr.pdbx_refine_id 
_refine_ls_restr.pdbx_restraint_function 
c_bond_d           0.010 ?    ? ? 'X-RAY DIFFRACTION' ? 
c_angle_deg        1.4   ?    ? ? 'X-RAY DIFFRACTION' ? 
c_dihedral_angle_d 24.9  ?    ? ? 'X-RAY DIFFRACTION' ? 
c_improper_angle_d 1.08  ?    ? ? 'X-RAY DIFFRACTION' ? 
c_mcbond_it        0.20  1.50 ? ? 'X-RAY DIFFRACTION' ? 
c_mcangle_it       0.38  2.00 ? ? 'X-RAY DIFFRACTION' ? 
c_scbond_it        0.14  2.00 ? ? 'X-RAY DIFFRACTION' ? 
c_scangle_it       0.20  2.50 ? ? 'X-RAY DIFFRACTION' ? 
# 
_refine_ls_shell.pdbx_total_number_of_bins_used   10 
_refine_ls_shell.d_res_high                       1.70 
_refine_ls_shell.d_res_low                        1.76 
_refine_ls_shell.number_reflns_R_work             753 
_refine_ls_shell.R_factor_R_work                  0.334 
_refine_ls_shell.percent_reflns_obs               91.2 
_refine_ls_shell.R_factor_R_free                  0.38 
_refine_ls_shell.R_factor_R_free_error            0.046 
_refine_ls_shell.percent_reflns_R_free            8.2 
_refine_ls_shell.number_reflns_R_free             67 
_refine_ls_shell.number_reflns_obs                ? 
_refine_ls_shell.redundancy_reflns_obs            ? 
_refine_ls_shell.number_reflns_all                ? 
_refine_ls_shell.pdbx_refine_id                   'X-RAY DIFFRACTION' 
_refine_ls_shell.R_factor_all                     ? 
# 
loop_
_pdbx_xplor_file.serial_no 
_pdbx_xplor_file.param_file 
_pdbx_xplor_file.topol_file 
_pdbx_xplor_file.pdbx_refine_id 
1 PROTEIN.PARAM PROTEIN.TOP  'X-RAY DIFFRACTION' 
2 PARAM19X.HEME WATER.TOP    'X-RAY DIFFRACTION' 
3 TPY.PAR       TPY.TOP      'X-RAY DIFFRACTION' 
4 WATER.PARAM   TOPH19X.HEME 'X-RAY DIFFRACTION' 
# 
_struct.entry_id                  1JZH 
_struct.title                     'Pseudomonas aeruginosa Azurin Ru(tpy)(bpy)(His83)' 
_struct.pdbx_model_details        ? 
_struct.pdbx_CASP_flag            ? 
_struct.pdbx_model_type_details   ? 
# 
_struct_keywords.entry_id        1JZH 
_struct_keywords.pdbx_keywords   'ELECTRON TRANSPORT' 
_struct_keywords.text            'Blue-copper, Electron Transfer, Tunneling, Ruthenium, ELECTRON TRANSPORT' 
# 
loop_
_struct_asym.id 
_struct_asym.pdbx_blank_PDB_chainid_flag 
_struct_asym.pdbx_modified 
_struct_asym.entity_id 
_struct_asym.details 
A N N 1 ? 
B N N 2 ? 
C N N 2 ? 
D N N 3 ? 
E N N 4 ? 
# 
_struct_ref.id                         1 
_struct_ref.db_name                    UNP 
_struct_ref.db_code                    AZUR_PSEAE 
_struct_ref.entity_id                  1 
_struct_ref.pdbx_seq_one_letter_code   
;AECSVDIQGNDQMQFNTNAITVDKSCKQFTVNLSHPGNLPKNVMGHNWVLSTAADMQGVVTDGMASGLDKDYLKPDDSRV
IAHTKLIGSGEKDSVTFDVSKLKEGEQYMFFCTFPGHSALMKGTLTLK
;
_struct_ref.pdbx_align_begin           21 
_struct_ref.pdbx_db_accession          P00282 
_struct_ref.pdbx_db_isoform            ? 
# 
_struct_ref_seq.align_id                      1 
_struct_ref_seq.ref_id                        1 
_struct_ref_seq.pdbx_PDB_id_code              1JZH 
_struct_ref_seq.pdbx_strand_id                A 
_struct_ref_seq.seq_align_beg                 1 
_struct_ref_seq.pdbx_seq_align_beg_ins_code   ? 
_struct_ref_seq.seq_align_end                 128 
_struct_ref_seq.pdbx_seq_align_end_ins_code   ? 
_struct_ref_seq.pdbx_db_accession             P00282 
_struct_ref_seq.db_align_beg                  21 
_struct_ref_seq.pdbx_db_align_beg_ins_code    ? 
_struct_ref_seq.db_align_end                  148 
_struct_ref_seq.pdbx_db_align_end_ins_code    ? 
_struct_ref_seq.pdbx_auth_seq_align_beg       1 
_struct_ref_seq.pdbx_auth_seq_align_end       128 
# 
_pdbx_struct_assembly.id                   1 
_pdbx_struct_assembly.details              author_defined_assembly 
_pdbx_struct_assembly.method_details       ? 
_pdbx_struct_assembly.oligomeric_details   monomeric 
_pdbx_struct_assembly.oligomeric_count     1 
# 
_pdbx_struct_assembly_gen.assembly_id       1 
_pdbx_struct_assembly_gen.oper_expression   1 
_pdbx_struct_assembly_gen.asym_id_list      A,B,C,D,E 
# 
_pdbx_struct_oper_list.id                   1 
_pdbx_struct_oper_list.type                 'identity operation' 
_pdbx_struct_oper_list.name                 1_555 
_pdbx_struct_oper_list.symmetry_operation   x,y,z 
_pdbx_struct_oper_list.matrix[1][1]         1.0000000000 
_pdbx_struct_oper_list.matrix[1][2]         0.0000000000 
_pdbx_struct_oper_list.matrix[1][3]         0.0000000000 
_pdbx_struct_oper_list.vector[1]            0.0000000000 
_pdbx_struct_oper_list.matrix[2][1]         0.0000000000 
_pdbx_struct_oper_list.matrix[2][2]         1.0000000000 
_pdbx_struct_oper_list.matrix[2][3]         0.0000000000 
_pdbx_struct_oper_list.vector[2]            0.0000000000 
_pdbx_struct_oper_list.matrix[3][1]         0.0000000000 
_pdbx_struct_oper_list.matrix[3][2]         0.0000000000 
_pdbx_struct_oper_list.matrix[3][3]         1.0000000000 
_pdbx_struct_oper_list.vector[3]            0.0000000000 
# 
_struct_biol.id                    1 
_struct_biol.details               'The biological assembly is a monomer' 
_struct_biol.pdbx_parent_biol_id   ? 
# 
loop_
_struct_conf.conf_type_id 
_struct_conf.id 
_struct_conf.pdbx_PDB_helix_id 
_struct_conf.beg_label_comp_id 
_struct_conf.beg_label_asym_id 
_struct_conf.beg_label_seq_id 
_struct_conf.pdbx_beg_PDB_ins_code 
_struct_conf.end_label_comp_id 
_struct_conf.end_label_asym_id 
_struct_conf.end_label_seq_id 
_struct_conf.pdbx_end_PDB_ins_code 
_struct_conf.beg_auth_comp_id 
_struct_conf.beg_auth_asym_id 
_struct_conf.beg_auth_seq_id 
_struct_conf.end_auth_comp_id 
_struct_conf.end_auth_asym_id 
_struct_conf.end_auth_seq_id 
_struct_conf.pdbx_PDB_helix_class 
_struct_conf.details 
_struct_conf.pdbx_PDB_helix_length 
HELX_P HELX_P1 1 PRO A 40  ? GLY A 45  ? PRO A 40  GLY A 45  1 ? 6  
HELX_P HELX_P2 2 ASP A 55  ? SER A 66  ? ASP A 55  SER A 66  1 ? 12 
HELX_P HELX_P3 3 GLY A 67  ? ASP A 71  ? GLY A 67  ASP A 71  5 ? 5  
HELX_P HELX_P4 4 SER A 100 ? LEU A 102 ? SER A 100 LEU A 102 5 ? 3  
HELX_P HELX_P5 5 GLY A 116 ? LEU A 120 ? GLY A 116 LEU A 120 5 ? 5  
# 
_struct_conf_type.id          HELX_P 
_struct_conf_type.criteria    ? 
_struct_conf_type.reference   ? 
# 
loop_
_struct_conn.id 
_struct_conn.conn_type_id 
_struct_conn.pdbx_leaving_atom_flag 
_struct_conn.pdbx_PDB_id 
_struct_conn.ptnr1_label_asym_id 
_struct_conn.ptnr1_label_comp_id 
_struct_conn.ptnr1_label_seq_id 
_struct_conn.ptnr1_label_atom_id 
_struct_conn.pdbx_ptnr1_label_alt_id 
_struct_conn.pdbx_ptnr1_PDB_ins_code 
_struct_conn.pdbx_ptnr1_standard_comp_id 
_struct_conn.ptnr1_symmetry 
_struct_conn.ptnr2_label_asym_id 
_struct_conn.ptnr2_label_comp_id 
_struct_conn.ptnr2_label_seq_id 
_struct_conn.ptnr2_label_atom_id 
_struct_conn.pdbx_ptnr2_label_alt_id 
_struct_conn.pdbx_ptnr2_PDB_ins_code 
_struct_conn.ptnr1_auth_asym_id 
_struct_conn.ptnr1_auth_comp_id 
_struct_conn.ptnr1_auth_seq_id 
_struct_conn.ptnr2_auth_asym_id 
_struct_conn.ptnr2_auth_comp_id 
_struct_conn.ptnr2_auth_seq_id 
_struct_conn.ptnr2_symmetry 
_struct_conn.pdbx_ptnr3_label_atom_id 
_struct_conn.pdbx_ptnr3_label_seq_id 
_struct_conn.pdbx_ptnr3_label_comp_id 
_struct_conn.pdbx_ptnr3_label_asym_id 
_struct_conn.pdbx_ptnr3_label_alt_id 
_struct_conn.pdbx_ptnr3_PDB_ins_code 
_struct_conn.details 
_struct_conn.pdbx_dist_value 
_struct_conn.pdbx_value_order 
_struct_conn.pdbx_role 
disulf1 disulf ? ? A CYS 3   SG  ? ? ? 1_555 A CYS 26 SG ? ? A CYS 3   A CYS 26  1_555 ? ? ? ? ? ? ? 2.029 ? ? 
metalc1 metalc ? ? A GLY 45  O   ? ? ? 1_555 B CU  .  CU ? ? A GLY 45  A CU  901 1_555 ? ? ? ? ? ? ? 2.571 ? ? 
metalc2 metalc ? ? A HIS 46  ND1 ? ? ? 1_555 B CU  .  CU ? ? A HIS 46  A CU  901 1_555 ? ? ? ? ? ? ? 1.905 ? ? 
metalc3 metalc ? ? A HIS 83  NE2 ? ? ? 1_555 D RTA .  RU ? ? A HIS 83  A RTA 902 1_555 ? ? ? ? ? ? ? 2.290 ? ? 
metalc4 metalc ? ? A CYS 112 SG  ? ? ? 1_555 B CU  .  CU ? ? A CYS 112 A CU  901 1_555 ? ? ? ? ? ? ? 2.239 ? ? 
metalc5 metalc ? ? A HIS 117 ND1 ? ? ? 1_555 B CU  .  CU ? ? A HIS 117 A CU  901 1_555 ? ? ? ? ? ? ? 1.997 ? ? 
metalc6 metalc ? ? A MET 121 SD  ? ? ? 1_555 B CU  .  CU ? ? A MET 121 A CU  901 1_555 ? ? ? ? ? ? ? 3.234 ? ? 
# 
loop_
_struct_conn_type.id 
_struct_conn_type.criteria 
_struct_conn_type.reference 
disulf ? ? 
metalc ? ? 
# 
loop_
_pdbx_struct_conn_angle.id 
_pdbx_struct_conn_angle.ptnr1_label_atom_id 
_pdbx_struct_conn_angle.ptnr1_label_alt_id 
_pdbx_struct_conn_angle.ptnr1_label_asym_id 
_pdbx_struct_conn_angle.ptnr1_label_comp_id 
_pdbx_struct_conn_angle.ptnr1_label_seq_id 
_pdbx_struct_conn_angle.ptnr1_auth_atom_id 
_pdbx_struct_conn_angle.ptnr1_auth_asym_id 
_pdbx_struct_conn_angle.ptnr1_auth_comp_id 
_pdbx_struct_conn_angle.ptnr1_auth_seq_id 
_pdbx_struct_conn_angle.ptnr1_PDB_ins_code 
_pdbx_struct_conn_angle.ptnr1_symmetry 
_pdbx_struct_conn_angle.ptnr2_label_atom_id 
_pdbx_struct_conn_angle.ptnr2_label_alt_id 
_pdbx_struct_conn_angle.ptnr2_label_asym_id 
_pdbx_struct_conn_angle.ptnr2_label_comp_id 
_pdbx_struct_conn_angle.ptnr2_label_seq_id 
_pdbx_struct_conn_angle.ptnr2_auth_atom_id 
_pdbx_struct_conn_angle.ptnr2_auth_asym_id 
_pdbx_struct_conn_angle.ptnr2_auth_comp_id 
_pdbx_struct_conn_angle.ptnr2_auth_seq_id 
_pdbx_struct_conn_angle.ptnr2_PDB_ins_code 
_pdbx_struct_conn_angle.ptnr2_symmetry 
_pdbx_struct_conn_angle.ptnr3_label_atom_id 
_pdbx_struct_conn_angle.ptnr3_label_alt_id 
_pdbx_struct_conn_angle.ptnr3_label_asym_id 
_pdbx_struct_conn_angle.ptnr3_label_comp_id 
_pdbx_struct_conn_angle.ptnr3_label_seq_id 
_pdbx_struct_conn_angle.ptnr3_auth_atom_id 
_pdbx_struct_conn_angle.ptnr3_auth_asym_id 
_pdbx_struct_conn_angle.ptnr3_auth_comp_id 
_pdbx_struct_conn_angle.ptnr3_auth_seq_id 
_pdbx_struct_conn_angle.ptnr3_PDB_ins_code 
_pdbx_struct_conn_angle.ptnr3_symmetry 
_pdbx_struct_conn_angle.value 
_pdbx_struct_conn_angle.value_esd 
1  O   ? A GLY 45  ? A GLY 45  ? 1_555 CU ? B CU  . ? A CU  901 ? 1_555 ND1 ? A HIS 46  ? A HIS 46  ? 1_555 86.9  ? 
2  O   ? A GLY 45  ? A GLY 45  ? 1_555 CU ? B CU  . ? A CU  901 ? 1_555 SG  ? A CYS 112 ? A CYS 112 ? 1_555 98.8  ? 
3  ND1 ? A HIS 46  ? A HIS 46  ? 1_555 CU ? B CU  . ? A CU  901 ? 1_555 SG  ? A CYS 112 ? A CYS 112 ? 1_555 132.1 ? 
4  O   ? A GLY 45  ? A GLY 45  ? 1_555 CU ? B CU  . ? A CU  901 ? 1_555 ND1 ? A HIS 117 ? A HIS 117 ? 1_555 89.6  ? 
5  ND1 ? A HIS 46  ? A HIS 46  ? 1_555 CU ? B CU  . ? A CU  901 ? 1_555 ND1 ? A HIS 117 ? A HIS 117 ? 1_555 109.7 ? 
6  SG  ? A CYS 112 ? A CYS 112 ? 1_555 CU ? B CU  . ? A CU  901 ? 1_555 ND1 ? A HIS 117 ? A HIS 117 ? 1_555 117.7 ? 
7  O   ? A GLY 45  ? A GLY 45  ? 1_555 CU ? B CU  . ? A CU  901 ? 1_555 SD  ? A MET 121 ? A MET 121 ? 1_555 149.5 ? 
8  ND1 ? A HIS 46  ? A HIS 46  ? 1_555 CU ? B CU  . ? A CU  901 ? 1_555 SD  ? A MET 121 ? A MET 121 ? 1_555 66.3  ? 
9  SG  ? A CYS 112 ? A CYS 112 ? 1_555 CU ? B CU  . ? A CU  901 ? 1_555 SD  ? A MET 121 ? A MET 121 ? 1_555 109.8 ? 
10 ND1 ? A HIS 117 ? A HIS 117 ? 1_555 CU ? B CU  . ? A CU  901 ? 1_555 SD  ? A MET 121 ? A MET 121 ? 1_555 86.3  ? 
11 NE2 ? A HIS 83  ? A HIS 83  ? 1_555 RU ? D RTA . ? A RTA 902 ? 1_555 N2  ? D RTA .   ? A RTA 902 ? 1_555 177.2 ? 
12 NE2 ? A HIS 83  ? A HIS 83  ? 1_555 RU ? D RTA . ? A RTA 902 ? 1_555 N3  ? D RTA .   ? A RTA 902 ? 1_555 84.1  ? 
13 N2  ? D RTA .   ? A RTA 902 ? 1_555 RU ? D RTA . ? A RTA 902 ? 1_555 N3  ? D RTA .   ? A RTA 902 ? 1_555 95.2  ? 
14 NE2 ? A HIS 83  ? A HIS 83  ? 1_555 RU ? D RTA . ? A RTA 902 ? 1_555 N4  ? D RTA .   ? A RTA 902 ? 1_555 96.6  ? 
15 N2  ? D RTA .   ? A RTA 902 ? 1_555 RU ? D RTA . ? A RTA 902 ? 1_555 N4  ? D RTA .   ? A RTA 902 ? 1_555 84.1  ? 
16 N3  ? D RTA .   ? A RTA 902 ? 1_555 RU ? D RTA . ? A RTA 902 ? 1_555 N4  ? D RTA .   ? A RTA 902 ? 1_555 178.9 ? 
17 NE2 ? A HIS 83  ? A HIS 83  ? 1_555 RU ? D RTA . ? A RTA 902 ? 1_555 N5  ? D RTA .   ? A RTA 902 ? 1_555 96.9  ? 
18 N2  ? D RTA .   ? A RTA 902 ? 1_555 RU ? D RTA . ? A RTA 902 ? 1_555 N5  ? D RTA .   ? A RTA 902 ? 1_555 85.6  ? 
19 N3  ? D RTA .   ? A RTA 902 ? 1_555 RU ? D RTA . ? A RTA 902 ? 1_555 N5  ? D RTA .   ? A RTA 902 ? 1_555 80.2  ? 
20 N4  ? D RTA .   ? A RTA 902 ? 1_555 RU ? D RTA . ? A RTA 902 ? 1_555 N5  ? D RTA .   ? A RTA 902 ? 1_555 100.6 ? 
21 NE2 ? A HIS 83  ? A HIS 83  ? 1_555 RU ? D RTA . ? A RTA 902 ? 1_555 N6  ? D RTA .   ? A RTA 902 ? 1_555 86.4  ? 
22 N2  ? D RTA .   ? A RTA 902 ? 1_555 RU ? D RTA . ? A RTA 902 ? 1_555 N6  ? D RTA .   ? A RTA 902 ? 1_555 90.8  ? 
23 N3  ? D RTA .   ? A RTA 902 ? 1_555 RU ? D RTA . ? A RTA 902 ? 1_555 N6  ? D RTA .   ? A RTA 902 ? 1_555 80.7  ? 
24 N4  ? D RTA .   ? A RTA 902 ? 1_555 RU ? D RTA . ? A RTA 902 ? 1_555 N6  ? D RTA .   ? A RTA 902 ? 1_555 98.4  ? 
25 N5  ? D RTA .   ? A RTA 902 ? 1_555 RU ? D RTA . ? A RTA 902 ? 1_555 N6  ? D RTA .   ? A RTA 902 ? 1_555 160.2 ? 
# 
_pdbx_modification_feature.ordinal                            1 
_pdbx_modification_feature.label_comp_id                      CYS 
_pdbx_modification_feature.label_asym_id                      A 
_pdbx_modification_feature.label_seq_id                       3 
_pdbx_modification_feature.label_alt_id                       ? 
_pdbx_modification_feature.modified_residue_label_comp_id     CYS 
_pdbx_modification_feature.modified_residue_label_asym_id     A 
_pdbx_modification_feature.modified_residue_label_seq_id      26 
_pdbx_modification_feature.modified_residue_label_alt_id      ? 
_pdbx_modification_feature.auth_comp_id                       CYS 
_pdbx_modification_feature.auth_asym_id                       A 
_pdbx_modification_feature.auth_seq_id                        3 
_pdbx_modification_feature.PDB_ins_code                       ? 
_pdbx_modification_feature.symmetry                           1_555 
_pdbx_modification_feature.modified_residue_auth_comp_id      CYS 
_pdbx_modification_feature.modified_residue_auth_asym_id      A 
_pdbx_modification_feature.modified_residue_auth_seq_id       26 
_pdbx_modification_feature.modified_residue_PDB_ins_code      ? 
_pdbx_modification_feature.modified_residue_symmetry          1_555 
_pdbx_modification_feature.comp_id_linking_atom               SG 
_pdbx_modification_feature.modified_residue_id_linking_atom   SG 
_pdbx_modification_feature.modified_residue_id                . 
_pdbx_modification_feature.ref_pcm_id                         . 
_pdbx_modification_feature.ref_comp_id                        . 
_pdbx_modification_feature.type                               None 
_pdbx_modification_feature.category                           'Disulfide bridge' 
# 
loop_
_struct_sheet.id 
_struct_sheet.type 
_struct_sheet.number_strands 
_struct_sheet.details 
A ? 3 ? 
B ? 5 ? 
# 
loop_
_struct_sheet_order.sheet_id 
_struct_sheet_order.range_id_1 
_struct_sheet_order.range_id_2 
_struct_sheet_order.offset 
_struct_sheet_order.sense 
A 1 2 ? parallel      
A 2 3 ? anti-parallel 
B 1 2 ? parallel      
B 2 3 ? anti-parallel 
B 3 4 ? anti-parallel 
B 4 5 ? anti-parallel 
# 
loop_
_struct_sheet_range.sheet_id 
_struct_sheet_range.id 
_struct_sheet_range.beg_label_comp_id 
_struct_sheet_range.beg_label_asym_id 
_struct_sheet_range.beg_label_seq_id 
_struct_sheet_range.pdbx_beg_PDB_ins_code 
_struct_sheet_range.end_label_comp_id 
_struct_sheet_range.end_label_asym_id 
_struct_sheet_range.end_label_seq_id 
_struct_sheet_range.pdbx_end_PDB_ins_code 
_struct_sheet_range.beg_auth_comp_id 
_struct_sheet_range.beg_auth_asym_id 
_struct_sheet_range.beg_auth_seq_id 
_struct_sheet_range.end_auth_comp_id 
_struct_sheet_range.end_auth_asym_id 
_struct_sheet_range.end_auth_seq_id 
A 1 SER A 4   ? GLN A 8   ? SER A 4   GLN A 8   
A 2 GLN A 28  ? SER A 34  ? GLN A 28  SER A 34  
A 3 LYS A 92  ? ASP A 98  ? LYS A 92  ASP A 98  
B 1 ALA A 19  ? ASP A 23  ? ALA A 19  ASP A 23  
B 2 LYS A 122 ? LYS A 128 ? LYS A 122 LYS A 128 
B 3 TYR A 108 ? PHE A 111 ? TYR A 108 PHE A 111 
B 4 VAL A 49  ? THR A 52  ? VAL A 49  THR A 52  
B 5 ALA A 82  ? HIS A 83  ? ALA A 82  HIS A 83  
# 
loop_
_pdbx_struct_sheet_hbond.sheet_id 
_pdbx_struct_sheet_hbond.range_id_1 
_pdbx_struct_sheet_hbond.range_id_2 
_pdbx_struct_sheet_hbond.range_1_label_atom_id 
_pdbx_struct_sheet_hbond.range_1_label_comp_id 
_pdbx_struct_sheet_hbond.range_1_label_asym_id 
_pdbx_struct_sheet_hbond.range_1_label_seq_id 
_pdbx_struct_sheet_hbond.range_1_PDB_ins_code 
_pdbx_struct_sheet_hbond.range_1_auth_atom_id 
_pdbx_struct_sheet_hbond.range_1_auth_comp_id 
_pdbx_struct_sheet_hbond.range_1_auth_asym_id 
_pdbx_struct_sheet_hbond.range_1_auth_seq_id 
_pdbx_struct_sheet_hbond.range_2_label_atom_id 
_pdbx_struct_sheet_hbond.range_2_label_comp_id 
_pdbx_struct_sheet_hbond.range_2_label_asym_id 
_pdbx_struct_sheet_hbond.range_2_label_seq_id 
_pdbx_struct_sheet_hbond.range_2_PDB_ins_code 
_pdbx_struct_sheet_hbond.range_2_auth_atom_id 
_pdbx_struct_sheet_hbond.range_2_auth_comp_id 
_pdbx_struct_sheet_hbond.range_2_auth_asym_id 
_pdbx_struct_sheet_hbond.range_2_auth_seq_id 
A 1 2 N VAL A 5   ? N VAL A 5   O ASN A 32  ? O ASN A 32  
A 2 3 N LEU A 33  ? N LEU A 33  O ASP A 93  ? O ASP A 93  
B 1 2 N ILE A 20  ? N ILE A 20  O THR A 124 ? O THR A 124 
B 2 3 O LEU A 125 ? O LEU A 125 N TYR A 108 ? N TYR A 108 
B 3 4 O PHE A 111 ? O PHE A 111 N VAL A 49  ? N VAL A 49  
B 4 5 N LEU A 50  ? N LEU A 50  O ALA A 82  ? O ALA A 82  
# 
loop_
_struct_site.id 
_struct_site.pdbx_evidence_code 
_struct_site.pdbx_auth_asym_id 
_struct_site.pdbx_auth_comp_id 
_struct_site.pdbx_auth_seq_id 
_struct_site.pdbx_auth_ins_code 
_struct_site.pdbx_num_residues 
_struct_site.details 
AC1 Software A CU  901 ? 5  'BINDING SITE FOR RESIDUE CU A 901'  
AC2 Software A RTA 902 ? 10 'BINDING SITE FOR RESIDUE RTA A 902' 
# 
loop_
_struct_site_gen.id 
_struct_site_gen.site_id 
_struct_site_gen.pdbx_num_res 
_struct_site_gen.label_comp_id 
_struct_site_gen.label_asym_id 
_struct_site_gen.label_seq_id 
_struct_site_gen.pdbx_auth_ins_code 
_struct_site_gen.auth_comp_id 
_struct_site_gen.auth_asym_id 
_struct_site_gen.auth_seq_id 
_struct_site_gen.label_atom_id 
_struct_site_gen.label_alt_id 
_struct_site_gen.symmetry 
_struct_site_gen.details 
1  AC1 5  GLY A 45  ? GLY A 45   . ? 1_555 ? 
2  AC1 5  HIS A 46  ? HIS A 46   . ? 1_555 ? 
3  AC1 5  CYS A 112 ? CYS A 112  . ? 1_555 ? 
4  AC1 5  HIS A 117 ? HIS A 117  . ? 1_555 ? 
5  AC1 5  MET A 121 ? MET A 121  . ? 1_555 ? 
6  AC2 10 GLY A 37  ? GLY A 37   . ? 8_555 ? 
7  AC2 10 ASN A 38  ? ASN A 38   . ? 8_555 ? 
8  AC2 10 LYS A 74  ? LYS A 74   . ? 1_555 ? 
9  AC2 10 ASP A 77  ? ASP A 77   . ? 1_555 ? 
10 AC2 10 VAL A 80  ? VAL A 80   . ? 1_555 ? 
11 AC2 10 ILE A 81  ? ILE A 81   . ? 1_555 ? 
12 AC2 10 HIS A 83  ? HIS A 83   . ? 1_555 ? 
13 AC2 10 HOH E .   ? HOH A 1050 . ? 1_555 ? 
14 AC2 10 HOH E .   ? HOH A 1054 . ? 1_555 ? 
15 AC2 10 HOH E .   ? HOH A 1055 . ? 1_555 ? 
# 
_pdbx_entry_details.entry_id                   1JZH 
_pdbx_entry_details.compound_details           ? 
_pdbx_entry_details.source_details             ? 
_pdbx_entry_details.nonpolymer_details         ? 
_pdbx_entry_details.sequence_details           ? 
_pdbx_entry_details.has_ligand_of_interest     ? 
_pdbx_entry_details.has_protein_modification   Y 
# 
_pdbx_validate_rmsd_bond.id                        1 
_pdbx_validate_rmsd_bond.PDB_model_num             1 
_pdbx_validate_rmsd_bond.auth_atom_id_1            CD 
_pdbx_validate_rmsd_bond.auth_asym_id_1            A 
_pdbx_validate_rmsd_bond.auth_comp_id_1            GLU 
_pdbx_validate_rmsd_bond.auth_seq_id_1             2 
_pdbx_validate_rmsd_bond.PDB_ins_code_1            ? 
_pdbx_validate_rmsd_bond.label_alt_id_1            ? 
_pdbx_validate_rmsd_bond.auth_atom_id_2            OE2 
_pdbx_validate_rmsd_bond.auth_asym_id_2            A 
_pdbx_validate_rmsd_bond.auth_comp_id_2            GLU 
_pdbx_validate_rmsd_bond.auth_seq_id_2             2 
_pdbx_validate_rmsd_bond.PDB_ins_code_2            ? 
_pdbx_validate_rmsd_bond.label_alt_id_2            ? 
_pdbx_validate_rmsd_bond.bond_value                1.328 
_pdbx_validate_rmsd_bond.bond_target_value         1.252 
_pdbx_validate_rmsd_bond.bond_deviation            0.076 
_pdbx_validate_rmsd_bond.bond_standard_deviation   0.011 
_pdbx_validate_rmsd_bond.linker_flag               N 
# 
loop_
_pdbx_validate_torsion.id 
_pdbx_validate_torsion.PDB_model_num 
_pdbx_validate_torsion.auth_comp_id 
_pdbx_validate_torsion.auth_asym_id 
_pdbx_validate_torsion.auth_seq_id 
_pdbx_validate_torsion.PDB_ins_code 
_pdbx_validate_torsion.label_alt_id 
_pdbx_validate_torsion.phi 
_pdbx_validate_torsion.psi 
1 1 CYS A 3   ? ? -100.50 40.18  
2 1 PRO A 115 ? ? -35.98  112.16 
# 
loop_
_pdbx_validate_chiral.id 
_pdbx_validate_chiral.PDB_model_num 
_pdbx_validate_chiral.auth_atom_id 
_pdbx_validate_chiral.label_alt_id 
_pdbx_validate_chiral.auth_asym_id 
_pdbx_validate_chiral.auth_comp_id 
_pdbx_validate_chiral.auth_seq_id 
_pdbx_validate_chiral.PDB_ins_code 
_pdbx_validate_chiral.details 
_pdbx_validate_chiral.omega 
1 1 C11 ? A RTA 902 ? PLANAR . 
2 1 C12 ? A RTA 902 ? PLANAR . 
3 1 C16 ? A RTA 902 ? PLANAR . 
4 1 C21 ? A RTA 902 ? PLANAR . 
5 1 C22 ? A RTA 902 ? PLANAR . 
6 1 C27 ? A RTA 902 ? PLANAR . 
# 
loop_
_pdbx_struct_special_symmetry.id 
_pdbx_struct_special_symmetry.PDB_model_num 
_pdbx_struct_special_symmetry.auth_asym_id 
_pdbx_struct_special_symmetry.auth_comp_id 
_pdbx_struct_special_symmetry.auth_seq_id 
_pdbx_struct_special_symmetry.PDB_ins_code 
_pdbx_struct_special_symmetry.label_asym_id 
_pdbx_struct_special_symmetry.label_comp_id 
_pdbx_struct_special_symmetry.label_seq_id 
1 1 A CU  903  ? C CU  . 
2 1 A HOH 1041 ? E HOH . 
3 1 A HOH 1074 ? E HOH . 
# 
loop_
_chem_comp_atom.comp_id 
_chem_comp_atom.atom_id 
_chem_comp_atom.type_symbol 
_chem_comp_atom.pdbx_aromatic_flag 
_chem_comp_atom.pdbx_stereo_config 
_chem_comp_atom.pdbx_ordinal 
ALA N    N  N N 1   
ALA CA   C  N S 2   
ALA C    C  N N 3   
ALA O    O  N N 4   
ALA CB   C  N N 5   
ALA OXT  O  N N 6   
ALA H    H  N N 7   
ALA H2   H  N N 8   
ALA HA   H  N N 9   
ALA HB1  H  N N 10  
ALA HB2  H  N N 11  
ALA HB3  H  N N 12  
ALA HXT  H  N N 13  
ARG N    N  N N 14  
ARG CA   C  N S 15  
ARG C    C  N N 16  
ARG O    O  N N 17  
ARG CB   C  N N 18  
ARG CG   C  N N 19  
ARG CD   C  N N 20  
ARG NE   N  N N 21  
ARG CZ   C  N N 22  
ARG NH1  N  N N 23  
ARG NH2  N  N N 24  
ARG OXT  O  N N 25  
ARG H    H  N N 26  
ARG H2   H  N N 27  
ARG HA   H  N N 28  
ARG HB2  H  N N 29  
ARG HB3  H  N N 30  
ARG HG2  H  N N 31  
ARG HG3  H  N N 32  
ARG HD2  H  N N 33  
ARG HD3  H  N N 34  
ARG HE   H  N N 35  
ARG HH11 H  N N 36  
ARG HH12 H  N N 37  
ARG HH21 H  N N 38  
ARG HH22 H  N N 39  
ARG HXT  H  N N 40  
ASN N    N  N N 41  
ASN CA   C  N S 42  
ASN C    C  N N 43  
ASN O    O  N N 44  
ASN CB   C  N N 45  
ASN CG   C  N N 46  
ASN OD1  O  N N 47  
ASN ND2  N  N N 48  
ASN OXT  O  N N 49  
ASN H    H  N N 50  
ASN H2   H  N N 51  
ASN HA   H  N N 52  
ASN HB2  H  N N 53  
ASN HB3  H  N N 54  
ASN HD21 H  N N 55  
ASN HD22 H  N N 56  
ASN HXT  H  N N 57  
ASP N    N  N N 58  
ASP CA   C  N S 59  
ASP C    C  N N 60  
ASP O    O  N N 61  
ASP CB   C  N N 62  
ASP CG   C  N N 63  
ASP OD1  O  N N 64  
ASP OD2  O  N N 65  
ASP OXT  O  N N 66  
ASP H    H  N N 67  
ASP H2   H  N N 68  
ASP HA   H  N N 69  
ASP HB2  H  N N 70  
ASP HB3  H  N N 71  
ASP HD2  H  N N 72  
ASP HXT  H  N N 73  
CU  CU   CU N N 74  
CYS N    N  N N 75  
CYS CA   C  N R 76  
CYS C    C  N N 77  
CYS O    O  N N 78  
CYS CB   C  N N 79  
CYS SG   S  N N 80  
CYS OXT  O  N N 81  
CYS H    H  N N 82  
CYS H2   H  N N 83  
CYS HA   H  N N 84  
CYS HB2  H  N N 85  
CYS HB3  H  N N 86  
CYS HG   H  N N 87  
CYS HXT  H  N N 88  
GLN N    N  N N 89  
GLN CA   C  N S 90  
GLN C    C  N N 91  
GLN O    O  N N 92  
GLN CB   C  N N 93  
GLN CG   C  N N 94  
GLN CD   C  N N 95  
GLN OE1  O  N N 96  
GLN NE2  N  N N 97  
GLN OXT  O  N N 98  
GLN H    H  N N 99  
GLN H2   H  N N 100 
GLN HA   H  N N 101 
GLN HB2  H  N N 102 
GLN HB3  H  N N 103 
GLN HG2  H  N N 104 
GLN HG3  H  N N 105 
GLN HE21 H  N N 106 
GLN HE22 H  N N 107 
GLN HXT  H  N N 108 
GLU N    N  N N 109 
GLU CA   C  N S 110 
GLU C    C  N N 111 
GLU O    O  N N 112 
GLU CB   C  N N 113 
GLU CG   C  N N 114 
GLU CD   C  N N 115 
GLU OE1  O  N N 116 
GLU OE2  O  N N 117 
GLU OXT  O  N N 118 
GLU H    H  N N 119 
GLU H2   H  N N 120 
GLU HA   H  N N 121 
GLU HB2  H  N N 122 
GLU HB3  H  N N 123 
GLU HG2  H  N N 124 
GLU HG3  H  N N 125 
GLU HE2  H  N N 126 
GLU HXT  H  N N 127 
GLY N    N  N N 128 
GLY CA   C  N N 129 
GLY C    C  N N 130 
GLY O    O  N N 131 
GLY OXT  O  N N 132 
GLY H    H  N N 133 
GLY H2   H  N N 134 
GLY HA2  H  N N 135 
GLY HA3  H  N N 136 
GLY HXT  H  N N 137 
HIS N    N  N N 138 
HIS CA   C  N S 139 
HIS C    C  N N 140 
HIS O    O  N N 141 
HIS CB   C  N N 142 
HIS CG   C  Y N 143 
HIS ND1  N  Y N 144 
HIS CD2  C  Y N 145 
HIS CE1  C  Y N 146 
HIS NE2  N  Y N 147 
HIS OXT  O  N N 148 
HIS H    H  N N 149 
HIS H2   H  N N 150 
HIS HA   H  N N 151 
HIS HB2  H  N N 152 
HIS HB3  H  N N 153 
HIS HD1  H  N N 154 
HIS HD2  H  N N 155 
HIS HE1  H  N N 156 
HIS HE2  H  N N 157 
HIS HXT  H  N N 158 
HOH O    O  N N 159 
HOH H1   H  N N 160 
HOH H2   H  N N 161 
ILE N    N  N N 162 
ILE CA   C  N S 163 
ILE C    C  N N 164 
ILE O    O  N N 165 
ILE CB   C  N S 166 
ILE CG1  C  N N 167 
ILE CG2  C  N N 168 
ILE CD1  C  N N 169 
ILE OXT  O  N N 170 
ILE H    H  N N 171 
ILE H2   H  N N 172 
ILE HA   H  N N 173 
ILE HB   H  N N 174 
ILE HG12 H  N N 175 
ILE HG13 H  N N 176 
ILE HG21 H  N N 177 
ILE HG22 H  N N 178 
ILE HG23 H  N N 179 
ILE HD11 H  N N 180 
ILE HD12 H  N N 181 
ILE HD13 H  N N 182 
ILE HXT  H  N N 183 
LEU N    N  N N 184 
LEU CA   C  N S 185 
LEU C    C  N N 186 
LEU O    O  N N 187 
LEU CB   C  N N 188 
LEU CG   C  N N 189 
LEU CD1  C  N N 190 
LEU CD2  C  N N 191 
LEU OXT  O  N N 192 
LEU H    H  N N 193 
LEU H2   H  N N 194 
LEU HA   H  N N 195 
LEU HB2  H  N N 196 
LEU HB3  H  N N 197 
LEU HG   H  N N 198 
LEU HD11 H  N N 199 
LEU HD12 H  N N 200 
LEU HD13 H  N N 201 
LEU HD21 H  N N 202 
LEU HD22 H  N N 203 
LEU HD23 H  N N 204 
LEU HXT  H  N N 205 
LYS N    N  N N 206 
LYS CA   C  N S 207 
LYS C    C  N N 208 
LYS O    O  N N 209 
LYS CB   C  N N 210 
LYS CG   C  N N 211 
LYS CD   C  N N 212 
LYS CE   C  N N 213 
LYS NZ   N  N N 214 
LYS OXT  O  N N 215 
LYS H    H  N N 216 
LYS H2   H  N N 217 
LYS HA   H  N N 218 
LYS HB2  H  N N 219 
LYS HB3  H  N N 220 
LYS HG2  H  N N 221 
LYS HG3  H  N N 222 
LYS HD2  H  N N 223 
LYS HD3  H  N N 224 
LYS HE2  H  N N 225 
LYS HE3  H  N N 226 
LYS HZ1  H  N N 227 
LYS HZ2  H  N N 228 
LYS HZ3  H  N N 229 
LYS HXT  H  N N 230 
MET N    N  N N 231 
MET CA   C  N S 232 
MET C    C  N N 233 
MET O    O  N N 234 
MET CB   C  N N 235 
MET CG   C  N N 236 
MET SD   S  N N 237 
MET CE   C  N N 238 
MET OXT  O  N N 239 
MET H    H  N N 240 
MET H2   H  N N 241 
MET HA   H  N N 242 
MET HB2  H  N N 243 
MET HB3  H  N N 244 
MET HG2  H  N N 245 
MET HG3  H  N N 246 
MET HE1  H  N N 247 
MET HE2  H  N N 248 
MET HE3  H  N N 249 
MET HXT  H  N N 250 
PHE N    N  N N 251 
PHE CA   C  N S 252 
PHE C    C  N N 253 
PHE O    O  N N 254 
PHE CB   C  N N 255 
PHE CG   C  Y N 256 
PHE CD1  C  Y N 257 
PHE CD2  C  Y N 258 
PHE CE1  C  Y N 259 
PHE CE2  C  Y N 260 
PHE CZ   C  Y N 261 
PHE OXT  O  N N 262 
PHE H    H  N N 263 
PHE H2   H  N N 264 
PHE HA   H  N N 265 
PHE HB2  H  N N 266 
PHE HB3  H  N N 267 
PHE HD1  H  N N 268 
PHE HD2  H  N N 269 
PHE HE1  H  N N 270 
PHE HE2  H  N N 271 
PHE HZ   H  N N 272 
PHE HXT  H  N N 273 
PRO N    N  N N 274 
PRO CA   C  N S 275 
PRO C    C  N N 276 
PRO O    O  N N 277 
PRO CB   C  N N 278 
PRO CG   C  N N 279 
PRO CD   C  N N 280 
PRO OXT  O  N N 281 
PRO H    H  N N 282 
PRO HA   H  N N 283 
PRO HB2  H  N N 284 
PRO HB3  H  N N 285 
PRO HG2  H  N N 286 
PRO HG3  H  N N 287 
PRO HD2  H  N N 288 
PRO HD3  H  N N 289 
PRO HXT  H  N N 290 
RTA RU   RU N N 291 
RTA N2   N  N N 292 
RTA N3   N  N N 293 
RTA N4   N  N N 294 
RTA N5   N  N N 295 
RTA N6   N  N N 296 
RTA C7   C  N N 297 
RTA C8   C  N N 298 
RTA C9   C  N N 299 
RTA C10  C  N N 300 
RTA C11  C  N S 301 
RTA C12  C  N S 302 
RTA C13  C  N N 303 
RTA C14  C  N N 304 
RTA C15  C  N N 305 
RTA C16  C  N S 306 
RTA C17  C  N N 307 
RTA C18  C  N N 308 
RTA C19  C  N N 309 
RTA C20  C  N N 310 
RTA C21  C  N S 311 
RTA C22  C  N R 312 
RTA C23  C  N N 313 
RTA C24  C  N N 314 
RTA C25  C  N N 315 
RTA C26  C  N N 316 
RTA C27  C  N R 317 
RTA C28  C  N N 318 
RTA C29  C  N N 319 
RTA C30  C  N N 320 
RTA C31  C  N N 321 
RTA H71  H  N N 322 
RTA H72  H  N N 323 
RTA H81  H  N N 324 
RTA H82  H  N N 325 
RTA H91  H  N N 326 
RTA H101 H  N N 327 
RTA H111 H  N N 328 
RTA H112 H  N N 329 
RTA H131 H  N N 330 
RTA H132 H  N N 331 
RTA H141 H  N N 332 
RTA H142 H  N N 333 
RTA H151 H  N N 334 
RTA H152 H  N N 335 
RTA H116 H  N N 336 
RTA H171 H  N N 337 
RTA H172 H  N N 338 
RTA H181 H  N N 339 
RTA H182 H  N N 340 
RTA H191 H  N N 341 
RTA H192 H  N N 342 
RTA H201 H  N N 343 
RTA H202 H  N N 344 
RTA H221 H  N N 345 
RTA H222 H  N N 346 
RTA H231 H  N N 347 
RTA H232 H  N N 348 
RTA H241 H  N N 349 
RTA H242 H  N N 350 
RTA H251 H  N N 351 
RTA H252 H  N N 352 
RTA H261 H  N N 353 
RTA H262 H  N N 354 
RTA H227 H  N N 355 
RTA H281 H  N N 356 
RTA H282 H  N N 357 
RTA H291 H  N N 358 
RTA H292 H  N N 359 
RTA H301 H  N N 360 
RTA H302 H  N N 361 
RTA H311 H  N N 362 
RTA H312 H  N N 363 
SER N    N  N N 364 
SER CA   C  N S 365 
SER C    C  N N 366 
SER O    O  N N 367 
SER CB   C  N N 368 
SER OG   O  N N 369 
SER OXT  O  N N 370 
SER H    H  N N 371 
SER H2   H  N N 372 
SER HA   H  N N 373 
SER HB2  H  N N 374 
SER HB3  H  N N 375 
SER HG   H  N N 376 
SER HXT  H  N N 377 
THR N    N  N N 378 
THR CA   C  N S 379 
THR C    C  N N 380 
THR O    O  N N 381 
THR CB   C  N R 382 
THR OG1  O  N N 383 
THR CG2  C  N N 384 
THR OXT  O  N N 385 
THR H    H  N N 386 
THR H2   H  N N 387 
THR HA   H  N N 388 
THR HB   H  N N 389 
THR HG1  H  N N 390 
THR HG21 H  N N 391 
THR HG22 H  N N 392 
THR HG23 H  N N 393 
THR HXT  H  N N 394 
TRP N    N  N N 395 
TRP CA   C  N S 396 
TRP C    C  N N 397 
TRP O    O  N N 398 
TRP CB   C  N N 399 
TRP CG   C  Y N 400 
TRP CD1  C  Y N 401 
TRP CD2  C  Y N 402 
TRP NE1  N  Y N 403 
TRP CE2  C  Y N 404 
TRP CE3  C  Y N 405 
TRP CZ2  C  Y N 406 
TRP CZ3  C  Y N 407 
TRP CH2  C  Y N 408 
TRP OXT  O  N N 409 
TRP H    H  N N 410 
TRP H2   H  N N 411 
TRP HA   H  N N 412 
TRP HB2  H  N N 413 
TRP HB3  H  N N 414 
TRP HD1  H  N N 415 
TRP HE1  H  N N 416 
TRP HE3  H  N N 417 
TRP HZ2  H  N N 418 
TRP HZ3  H  N N 419 
TRP HH2  H  N N 420 
TRP HXT  H  N N 421 
TYR N    N  N N 422 
TYR CA   C  N S 423 
TYR C    C  N N 424 
TYR O    O  N N 425 
TYR CB   C  N N 426 
TYR CG   C  Y N 427 
TYR CD1  C  Y N 428 
TYR CD2  C  Y N 429 
TYR CE1  C  Y N 430 
TYR CE2  C  Y N 431 
TYR CZ   C  Y N 432 
TYR OH   O  N N 433 
TYR OXT  O  N N 434 
TYR H    H  N N 435 
TYR H2   H  N N 436 
TYR HA   H  N N 437 
TYR HB2  H  N N 438 
TYR HB3  H  N N 439 
TYR HD1  H  N N 440 
TYR HD2  H  N N 441 
TYR HE1  H  N N 442 
TYR HE2  H  N N 443 
TYR HH   H  N N 444 
TYR HXT  H  N N 445 
VAL N    N  N N 446 
VAL CA   C  N S 447 
VAL C    C  N N 448 
VAL O    O  N N 449 
VAL CB   C  N N 450 
VAL CG1  C  N N 451 
VAL CG2  C  N N 452 
VAL OXT  O  N N 453 
VAL H    H  N N 454 
VAL H2   H  N N 455 
VAL HA   H  N N 456 
VAL HB   H  N N 457 
VAL HG11 H  N N 458 
VAL HG12 H  N N 459 
VAL HG13 H  N N 460 
VAL HG21 H  N N 461 
VAL HG22 H  N N 462 
VAL HG23 H  N N 463 
VAL HXT  H  N N 464 
# 
loop_
_chem_comp_bond.comp_id 
_chem_comp_bond.atom_id_1 
_chem_comp_bond.atom_id_2 
_chem_comp_bond.value_order 
_chem_comp_bond.pdbx_aromatic_flag 
_chem_comp_bond.pdbx_stereo_config 
_chem_comp_bond.pdbx_ordinal 
ALA N   CA   sing N N 1   
ALA N   H    sing N N 2   
ALA N   H2   sing N N 3   
ALA CA  C    sing N N 4   
ALA CA  CB   sing N N 5   
ALA CA  HA   sing N N 6   
ALA C   O    doub N N 7   
ALA C   OXT  sing N N 8   
ALA CB  HB1  sing N N 9   
ALA CB  HB2  sing N N 10  
ALA CB  HB3  sing N N 11  
ALA OXT HXT  sing N N 12  
ARG N   CA   sing N N 13  
ARG N   H    sing N N 14  
ARG N   H2   sing N N 15  
ARG CA  C    sing N N 16  
ARG CA  CB   sing N N 17  
ARG CA  HA   sing N N 18  
ARG C   O    doub N N 19  
ARG C   OXT  sing N N 20  
ARG CB  CG   sing N N 21  
ARG CB  HB2  sing N N 22  
ARG CB  HB3  sing N N 23  
ARG CG  CD   sing N N 24  
ARG CG  HG2  sing N N 25  
ARG CG  HG3  sing N N 26  
ARG CD  NE   sing N N 27  
ARG CD  HD2  sing N N 28  
ARG CD  HD3  sing N N 29  
ARG NE  CZ   sing N N 30  
ARG NE  HE   sing N N 31  
ARG CZ  NH1  sing N N 32  
ARG CZ  NH2  doub N N 33  
ARG NH1 HH11 sing N N 34  
ARG NH1 HH12 sing N N 35  
ARG NH2 HH21 sing N N 36  
ARG NH2 HH22 sing N N 37  
ARG OXT HXT  sing N N 38  
ASN N   CA   sing N N 39  
ASN N   H    sing N N 40  
ASN N   H2   sing N N 41  
ASN CA  C    sing N N 42  
ASN CA  CB   sing N N 43  
ASN CA  HA   sing N N 44  
ASN C   O    doub N N 45  
ASN C   OXT  sing N N 46  
ASN CB  CG   sing N N 47  
ASN CB  HB2  sing N N 48  
ASN CB  HB3  sing N N 49  
ASN CG  OD1  doub N N 50  
ASN CG  ND2  sing N N 51  
ASN ND2 HD21 sing N N 52  
ASN ND2 HD22 sing N N 53  
ASN OXT HXT  sing N N 54  
ASP N   CA   sing N N 55  
ASP N   H    sing N N 56  
ASP N   H2   sing N N 57  
ASP CA  C    sing N N 58  
ASP CA  CB   sing N N 59  
ASP CA  HA   sing N N 60  
ASP C   O    doub N N 61  
ASP C   OXT  sing N N 62  
ASP CB  CG   sing N N 63  
ASP CB  HB2  sing N N 64  
ASP CB  HB3  sing N N 65  
ASP CG  OD1  doub N N 66  
ASP CG  OD2  sing N N 67  
ASP OD2 HD2  sing N N 68  
ASP OXT HXT  sing N N 69  
CYS N   CA   sing N N 70  
CYS N   H    sing N N 71  
CYS N   H2   sing N N 72  
CYS CA  C    sing N N 73  
CYS CA  CB   sing N N 74  
CYS CA  HA   sing N N 75  
CYS C   O    doub N N 76  
CYS C   OXT  sing N N 77  
CYS CB  SG   sing N N 78  
CYS CB  HB2  sing N N 79  
CYS CB  HB3  sing N N 80  
CYS SG  HG   sing N N 81  
CYS OXT HXT  sing N N 82  
GLN N   CA   sing N N 83  
GLN N   H    sing N N 84  
GLN N   H2   sing N N 85  
GLN CA  C    sing N N 86  
GLN CA  CB   sing N N 87  
GLN CA  HA   sing N N 88  
GLN C   O    doub N N 89  
GLN C   OXT  sing N N 90  
GLN CB  CG   sing N N 91  
GLN CB  HB2  sing N N 92  
GLN CB  HB3  sing N N 93  
GLN CG  CD   sing N N 94  
GLN CG  HG2  sing N N 95  
GLN CG  HG3  sing N N 96  
GLN CD  OE1  doub N N 97  
GLN CD  NE2  sing N N 98  
GLN NE2 HE21 sing N N 99  
GLN NE2 HE22 sing N N 100 
GLN OXT HXT  sing N N 101 
GLU N   CA   sing N N 102 
GLU N   H    sing N N 103 
GLU N   H2   sing N N 104 
GLU CA  C    sing N N 105 
GLU CA  CB   sing N N 106 
GLU CA  HA   sing N N 107 
GLU C   O    doub N N 108 
GLU C   OXT  sing N N 109 
GLU CB  CG   sing N N 110 
GLU CB  HB2  sing N N 111 
GLU CB  HB3  sing N N 112 
GLU CG  CD   sing N N 113 
GLU CG  HG2  sing N N 114 
GLU CG  HG3  sing N N 115 
GLU CD  OE1  doub N N 116 
GLU CD  OE2  sing N N 117 
GLU OE2 HE2  sing N N 118 
GLU OXT HXT  sing N N 119 
GLY N   CA   sing N N 120 
GLY N   H    sing N N 121 
GLY N   H2   sing N N 122 
GLY CA  C    sing N N 123 
GLY CA  HA2  sing N N 124 
GLY CA  HA3  sing N N 125 
GLY C   O    doub N N 126 
GLY C   OXT  sing N N 127 
GLY OXT HXT  sing N N 128 
HIS N   CA   sing N N 129 
HIS N   H    sing N N 130 
HIS N   H2   sing N N 131 
HIS CA  C    sing N N 132 
HIS CA  CB   sing N N 133 
HIS CA  HA   sing N N 134 
HIS C   O    doub N N 135 
HIS C   OXT  sing N N 136 
HIS CB  CG   sing N N 137 
HIS CB  HB2  sing N N 138 
HIS CB  HB3  sing N N 139 
HIS CG  ND1  sing Y N 140 
HIS CG  CD2  doub Y N 141 
HIS ND1 CE1  doub Y N 142 
HIS ND1 HD1  sing N N 143 
HIS CD2 NE2  sing Y N 144 
HIS CD2 HD2  sing N N 145 
HIS CE1 NE2  sing Y N 146 
HIS CE1 HE1  sing N N 147 
HIS NE2 HE2  sing N N 148 
HIS OXT HXT  sing N N 149 
HOH O   H1   sing N N 150 
HOH O   H2   sing N N 151 
ILE N   CA   sing N N 152 
ILE N   H    sing N N 153 
ILE N   H2   sing N N 154 
ILE CA  C    sing N N 155 
ILE CA  CB   sing N N 156 
ILE CA  HA   sing N N 157 
ILE C   O    doub N N 158 
ILE C   OXT  sing N N 159 
ILE CB  CG1  sing N N 160 
ILE CB  CG2  sing N N 161 
ILE CB  HB   sing N N 162 
ILE CG1 CD1  sing N N 163 
ILE CG1 HG12 sing N N 164 
ILE CG1 HG13 sing N N 165 
ILE CG2 HG21 sing N N 166 
ILE CG2 HG22 sing N N 167 
ILE CG2 HG23 sing N N 168 
ILE CD1 HD11 sing N N 169 
ILE CD1 HD12 sing N N 170 
ILE CD1 HD13 sing N N 171 
ILE OXT HXT  sing N N 172 
LEU N   CA   sing N N 173 
LEU N   H    sing N N 174 
LEU N   H2   sing N N 175 
LEU CA  C    sing N N 176 
LEU CA  CB   sing N N 177 
LEU CA  HA   sing N N 178 
LEU C   O    doub N N 179 
LEU C   OXT  sing N N 180 
LEU CB  CG   sing N N 181 
LEU CB  HB2  sing N N 182 
LEU CB  HB3  sing N N 183 
LEU CG  CD1  sing N N 184 
LEU CG  CD2  sing N N 185 
LEU CG  HG   sing N N 186 
LEU CD1 HD11 sing N N 187 
LEU CD1 HD12 sing N N 188 
LEU CD1 HD13 sing N N 189 
LEU CD2 HD21 sing N N 190 
LEU CD2 HD22 sing N N 191 
LEU CD2 HD23 sing N N 192 
LEU OXT HXT  sing N N 193 
LYS N   CA   sing N N 194 
LYS N   H    sing N N 195 
LYS N   H2   sing N N 196 
LYS CA  C    sing N N 197 
LYS CA  CB   sing N N 198 
LYS CA  HA   sing N N 199 
LYS C   O    doub N N 200 
LYS C   OXT  sing N N 201 
LYS CB  CG   sing N N 202 
LYS CB  HB2  sing N N 203 
LYS CB  HB3  sing N N 204 
LYS CG  CD   sing N N 205 
LYS CG  HG2  sing N N 206 
LYS CG  HG3  sing N N 207 
LYS CD  CE   sing N N 208 
LYS CD  HD2  sing N N 209 
LYS CD  HD3  sing N N 210 
LYS CE  NZ   sing N N 211 
LYS CE  HE2  sing N N 212 
LYS CE  HE3  sing N N 213 
LYS NZ  HZ1  sing N N 214 
LYS NZ  HZ2  sing N N 215 
LYS NZ  HZ3  sing N N 216 
LYS OXT HXT  sing N N 217 
MET N   CA   sing N N 218 
MET N   H    sing N N 219 
MET N   H2   sing N N 220 
MET CA  C    sing N N 221 
MET CA  CB   sing N N 222 
MET CA  HA   sing N N 223 
MET C   O    doub N N 224 
MET C   OXT  sing N N 225 
MET CB  CG   sing N N 226 
MET CB  HB2  sing N N 227 
MET CB  HB3  sing N N 228 
MET CG  SD   sing N N 229 
MET CG  HG2  sing N N 230 
MET CG  HG3  sing N N 231 
MET SD  CE   sing N N 232 
MET CE  HE1  sing N N 233 
MET CE  HE2  sing N N 234 
MET CE  HE3  sing N N 235 
MET OXT HXT  sing N N 236 
PHE N   CA   sing N N 237 
PHE N   H    sing N N 238 
PHE N   H2   sing N N 239 
PHE CA  C    sing N N 240 
PHE CA  CB   sing N N 241 
PHE CA  HA   sing N N 242 
PHE C   O    doub N N 243 
PHE C   OXT  sing N N 244 
PHE CB  CG   sing N N 245 
PHE CB  HB2  sing N N 246 
PHE CB  HB3  sing N N 247 
PHE CG  CD1  doub Y N 248 
PHE CG  CD2  sing Y N 249 
PHE CD1 CE1  sing Y N 250 
PHE CD1 HD1  sing N N 251 
PHE CD2 CE2  doub Y N 252 
PHE CD2 HD2  sing N N 253 
PHE CE1 CZ   doub Y N 254 
PHE CE1 HE1  sing N N 255 
PHE CE2 CZ   sing Y N 256 
PHE CE2 HE2  sing N N 257 
PHE CZ  HZ   sing N N 258 
PHE OXT HXT  sing N N 259 
PRO N   CA   sing N N 260 
PRO N   CD   sing N N 261 
PRO N   H    sing N N 262 
PRO CA  C    sing N N 263 
PRO CA  CB   sing N N 264 
PRO CA  HA   sing N N 265 
PRO C   O    doub N N 266 
PRO C   OXT  sing N N 267 
PRO CB  CG   sing N N 268 
PRO CB  HB2  sing N N 269 
PRO CB  HB3  sing N N 270 
PRO CG  CD   sing N N 271 
PRO CG  HG2  sing N N 272 
PRO CG  HG3  sing N N 273 
PRO CD  HD2  sing N N 274 
PRO CD  HD3  sing N N 275 
PRO OXT HXT  sing N N 276 
RTA RU  N2   sing N N 277 
RTA RU  N3   sing N N 278 
RTA RU  N4   sing N N 279 
RTA RU  N5   sing N N 280 
RTA RU  N6   sing N N 281 
RTA N2  C7   sing N N 282 
RTA N2  C11  sing N N 283 
RTA N3  C12  sing N N 284 
RTA N3  C16  sing N N 285 
RTA N4  C17  sing N N 286 
RTA N4  C21  sing N N 287 
RTA N5  C22  sing N N 288 
RTA N5  C23  sing N N 289 
RTA N6  C27  sing N N 290 
RTA N6  C28  sing N N 291 
RTA C7  C8   sing N N 292 
RTA C7  H71  sing N N 293 
RTA C7  H72  sing N N 294 
RTA C8  C9   sing N N 295 
RTA C8  H81  sing N N 296 
RTA C8  H82  sing N N 297 
RTA C9  C10  doub N N 298 
RTA C9  H91  sing N N 299 
RTA C10 C11  sing N N 300 
RTA C10 H101 sing N N 301 
RTA C11 C21  sing N N 302 
RTA C11 H111 sing N N 303 
RTA C12 C13  sing N N 304 
RTA C12 C22  sing N N 305 
RTA C12 H112 sing N N 306 
RTA C13 C14  sing N N 307 
RTA C13 H131 sing N N 308 
RTA C13 H132 sing N N 309 
RTA C14 C15  sing N N 310 
RTA C14 H141 sing N N 311 
RTA C14 H142 sing N N 312 
RTA C15 C16  sing N N 313 
RTA C15 H151 sing N N 314 
RTA C15 H152 sing N N 315 
RTA C16 C27  sing N N 316 
RTA C16 H116 sing N N 317 
RTA C17 C18  sing N N 318 
RTA C17 H171 sing N N 319 
RTA C17 H172 sing N N 320 
RTA C18 C19  sing N N 321 
RTA C18 H181 sing N N 322 
RTA C18 H182 sing N N 323 
RTA C19 C20  sing N N 324 
RTA C19 H191 sing N N 325 
RTA C19 H192 sing N N 326 
RTA C20 C21  sing N N 327 
RTA C20 H201 sing N N 328 
RTA C20 H202 sing N N 329 
RTA C21 H221 sing N N 330 
RTA C22 C26  sing N N 331 
RTA C22 H222 sing N N 332 
RTA C23 C24  sing N N 333 
RTA C23 H231 sing N N 334 
RTA C23 H232 sing N N 335 
RTA C24 C25  sing N N 336 
RTA C24 H241 sing N N 337 
RTA C24 H242 sing N N 338 
RTA C25 C26  sing N N 339 
RTA C25 H251 sing N N 340 
RTA C25 H252 sing N N 341 
RTA C26 H261 sing N N 342 
RTA C26 H262 sing N N 343 
RTA C27 C31  sing N N 344 
RTA C27 H227 sing N N 345 
RTA C28 C29  sing N N 346 
RTA C28 H281 sing N N 347 
RTA C28 H282 sing N N 348 
RTA C29 C30  sing N N 349 
RTA C29 H291 sing N N 350 
RTA C29 H292 sing N N 351 
RTA C30 C31  sing N N 352 
RTA C30 H301 sing N N 353 
RTA C30 H302 sing N N 354 
RTA C31 H311 sing N N 355 
RTA C31 H312 sing N N 356 
SER N   CA   sing N N 357 
SER N   H    sing N N 358 
SER N   H2   sing N N 359 
SER CA  C    sing N N 360 
SER CA  CB   sing N N 361 
SER CA  HA   sing N N 362 
SER C   O    doub N N 363 
SER C   OXT  sing N N 364 
SER CB  OG   sing N N 365 
SER CB  HB2  sing N N 366 
SER CB  HB3  sing N N 367 
SER OG  HG   sing N N 368 
SER OXT HXT  sing N N 369 
THR N   CA   sing N N 370 
THR N   H    sing N N 371 
THR N   H2   sing N N 372 
THR CA  C    sing N N 373 
THR CA  CB   sing N N 374 
THR CA  HA   sing N N 375 
THR C   O    doub N N 376 
THR C   OXT  sing N N 377 
THR CB  OG1  sing N N 378 
THR CB  CG2  sing N N 379 
THR CB  HB   sing N N 380 
THR OG1 HG1  sing N N 381 
THR CG2 HG21 sing N N 382 
THR CG2 HG22 sing N N 383 
THR CG2 HG23 sing N N 384 
THR OXT HXT  sing N N 385 
TRP N   CA   sing N N 386 
TRP N   H    sing N N 387 
TRP N   H2   sing N N 388 
TRP CA  C    sing N N 389 
TRP CA  CB   sing N N 390 
TRP CA  HA   sing N N 391 
TRP C   O    doub N N 392 
TRP C   OXT  sing N N 393 
TRP CB  CG   sing N N 394 
TRP CB  HB2  sing N N 395 
TRP CB  HB3  sing N N 396 
TRP CG  CD1  doub Y N 397 
TRP CG  CD2  sing Y N 398 
TRP CD1 NE1  sing Y N 399 
TRP CD1 HD1  sing N N 400 
TRP CD2 CE2  doub Y N 401 
TRP CD2 CE3  sing Y N 402 
TRP NE1 CE2  sing Y N 403 
TRP NE1 HE1  sing N N 404 
TRP CE2 CZ2  sing Y N 405 
TRP CE3 CZ3  doub Y N 406 
TRP CE3 HE3  sing N N 407 
TRP CZ2 CH2  doub Y N 408 
TRP CZ2 HZ2  sing N N 409 
TRP CZ3 CH2  sing Y N 410 
TRP CZ3 HZ3  sing N N 411 
TRP CH2 HH2  sing N N 412 
TRP OXT HXT  sing N N 413 
TYR N   CA   sing N N 414 
TYR N   H    sing N N 415 
TYR N   H2   sing N N 416 
TYR CA  C    sing N N 417 
TYR CA  CB   sing N N 418 
TYR CA  HA   sing N N 419 
TYR C   O    doub N N 420 
TYR C   OXT  sing N N 421 
TYR CB  CG   sing N N 422 
TYR CB  HB2  sing N N 423 
TYR CB  HB3  sing N N 424 
TYR CG  CD1  doub Y N 425 
TYR CG  CD2  sing Y N 426 
TYR CD1 CE1  sing Y N 427 
TYR CD1 HD1  sing N N 428 
TYR CD2 CE2  doub Y N 429 
TYR CD2 HD2  sing N N 430 
TYR CE1 CZ   doub Y N 431 
TYR CE1 HE1  sing N N 432 
TYR CE2 CZ   sing Y N 433 
TYR CE2 HE2  sing N N 434 
TYR CZ  OH   sing N N 435 
TYR OH  HH   sing N N 436 
TYR OXT HXT  sing N N 437 
VAL N   CA   sing N N 438 
VAL N   H    sing N N 439 
VAL N   H2   sing N N 440 
VAL CA  C    sing N N 441 
VAL CA  CB   sing N N 442 
VAL CA  HA   sing N N 443 
VAL C   O    doub N N 444 
VAL C   OXT  sing N N 445 
VAL CB  CG1  sing N N 446 
VAL CB  CG2  sing N N 447 
VAL CB  HB   sing N N 448 
VAL CG1 HG11 sing N N 449 
VAL CG1 HG12 sing N N 450 
VAL CG1 HG13 sing N N 451 
VAL CG2 HG21 sing N N 452 
VAL CG2 HG22 sing N N 453 
VAL CG2 HG23 sing N N 454 
VAL OXT HXT  sing N N 455 
# 
_atom_sites.entry_id                    1JZH 
_atom_sites.fract_transf_matrix[1][1]   0.01755335 
_atom_sites.fract_transf_matrix[1][2]   -0.00027491 
_atom_sites.fract_transf_matrix[1][3]   -0.00590499 
_atom_sites.fract_transf_matrix[2][1]   -0.00493007 
_atom_sites.fract_transf_matrix[2][2]   -0.00647099 
_atom_sites.fract_transf_matrix[2][3]   -0.01435401 
_atom_sites.fract_transf_matrix[3][1]   -0.00160732 
_atom_sites.fract_transf_matrix[3][2]   0.01318473 
_atom_sites.fract_transf_matrix[3][3]   -0.00539181 
_atom_sites.fract_transf_vector[1]      0.204226 
_atom_sites.fract_transf_vector[2]      0.178624 
_atom_sites.fract_transf_vector[3]      0.119559 
# 
loop_
_atom_type.symbol 
C  
CU 
N  
O  
RU 
S  
# 
loop_
_atom_site.group_PDB 
_atom_site.id 
_atom_site.type_symbol 
_atom_site.label_atom_id 
_atom_site.label_alt_id 
_atom_site.label_comp_id 
_atom_site.label_asym_id 
_atom_site.label_entity_id 
_atom_site.label_seq_id 
_atom_site.pdbx_PDB_ins_code 
_atom_site.Cartn_x 
_atom_site.Cartn_y 
_atom_site.Cartn_z 
_atom_site.occupancy 
_atom_site.B_iso_or_equiv 
_atom_site.pdbx_formal_charge 
_atom_site.auth_seq_id 
_atom_site.auth_comp_id 
_atom_site.auth_asym_id 
_atom_site.auth_atom_id 
_atom_site.pdbx_PDB_model_num 
ATOM   1    N  N   . ALA A 1 1   ? -1.646  -18.097 -13.193 1.00 47.69 ? 1    ALA A N   1 
ATOM   2    C  CA  . ALA A 1 1   ? -0.753  -17.066 -12.614 1.00 47.64 ? 1    ALA A CA  1 
ATOM   3    C  C   . ALA A 1 1   ? -1.371  -15.689 -12.682 1.00 47.59 ? 1    ALA A C   1 
ATOM   4    O  O   . ALA A 1 1   ? -1.275  -14.991 -13.732 1.00 47.63 ? 1    ALA A O   1 
ATOM   5    C  CB  . ALA A 1 1   ? 0.601   -17.086 -13.317 1.00 47.68 ? 1    ALA A CB  1 
ATOM   6    N  N   . GLU A 1 2   ? -2.001  -15.284 -11.572 1.00 47.46 ? 2    GLU A N   1 
ATOM   7    C  CA  . GLU A 1 2   ? -2.663  -13.997 -11.452 1.00 47.29 ? 2    GLU A CA  1 
ATOM   8    C  C   . GLU A 1 2   ? -1.660  -12.909 -11.084 1.00 47.05 ? 2    GLU A C   1 
ATOM   9    O  O   . GLU A 1 2   ? -1.151  -12.918 -9.944  1.00 47.05 ? 2    GLU A O   1 
ATOM   10   C  CB  . GLU A 1 2   ? -3.752  -14.114 -10.379 1.00 47.46 ? 2    GLU A CB  1 
ATOM   11   C  CG  . GLU A 1 2   ? -4.407  -12.836 -9.959  1.00 47.68 ? 2    GLU A CG  1 
ATOM   12   C  CD  . GLU A 1 2   ? -5.480  -13.060 -8.906  1.00 47.81 ? 2    GLU A CD  1 
ATOM   13   O  OE1 . GLU A 1 2   ? -6.566  -13.548 -9.208  1.00 47.93 ? 2    GLU A OE1 1 
ATOM   14   O  OE2 . GLU A 1 2   ? -5.187  -12.678 -7.668  1.00 47.90 ? 2    GLU A OE2 1 
ATOM   15   N  N   . CYS A 1 3   ? -1.378  -11.951 -11.977 1.00 46.69 ? 3    CYS A N   1 
ATOM   16   C  CA  . CYS A 1 3   ? -0.423  -10.916 -11.641 1.00 46.28 ? 3    CYS A CA  1 
ATOM   17   C  C   . CYS A 1 3   ? -1.090  -9.613  -11.224 1.00 46.23 ? 3    CYS A C   1 
ATOM   18   O  O   . CYS A 1 3   ? -0.634  -8.520  -11.594 1.00 46.23 ? 3    CYS A O   1 
ATOM   19   C  CB  . CYS A 1 3   ? 0.571   -10.687 -12.784 1.00 45.93 ? 3    CYS A CB  1 
ATOM   20   S  SG  . CYS A 1 3   ? 1.408   -12.197 -13.354 1.00 45.22 ? 3    CYS A SG  1 
ATOM   21   N  N   . SER A 1 4   ? -2.173  -9.719  -10.452 1.00 46.13 ? 4    SER A N   1 
ATOM   22   C  CA  . SER A 1 4   ? -2.905  -8.548  -9.981  1.00 46.04 ? 4    SER A CA  1 
ATOM   23   C  C   . SER A 1 4   ? -3.793  -8.903  -8.794  1.00 45.94 ? 4    SER A C   1 
ATOM   24   O  O   . SER A 1 4   ? -4.066  -10.078 -8.550  1.00 45.95 ? 4    SER A O   1 
ATOM   25   C  CB  . SER A 1 4   ? -3.770  -7.970  -11.105 1.00 46.06 ? 4    SER A CB  1 
ATOM   26   O  OG  . SER A 1 4   ? -5.022  -8.637  -11.194 1.00 46.08 ? 4    SER A OG  1 
ATOM   27   N  N   . VAL A 1 5   ? -4.253  -7.883  -8.074  1.00 45.80 ? 5    VAL A N   1 
ATOM   28   C  CA  . VAL A 1 5   ? -5.122  -8.077  -6.921  1.00 45.64 ? 5    VAL A CA  1 
ATOM   29   C  C   . VAL A 1 5   ? -6.035  -6.873  -6.746  1.00 45.50 ? 5    VAL A C   1 
ATOM   30   O  O   . VAL A 1 5   ? -5.656  -5.743  -7.098  1.00 45.50 ? 5    VAL A O   1 
ATOM   31   C  CB  . VAL A 1 5   ? -4.292  -8.283  -5.622  1.00 45.68 ? 5    VAL A CB  1 
ATOM   32   C  CG1 . VAL A 1 5   ? -3.437  -9.539  -5.721  1.00 45.68 ? 5    VAL A CG1 1 
ATOM   33   C  CG2 . VAL A 1 5   ? -3.411  -7.070  -5.352  1.00 45.65 ? 5    VAL A CG2 1 
ATOM   34   N  N   . ASP A 1 6   ? -7.245  -7.106  -6.239  1.00 45.29 ? 6    ASP A N   1 
ATOM   35   C  CA  . ASP A 1 6   ? -8.191  -6.030  -5.993  1.00 45.07 ? 6    ASP A CA  1 
ATOM   36   C  C   . ASP A 1 6   ? -8.300  -5.860  -4.497  1.00 44.87 ? 6    ASP A C   1 
ATOM   37   O  O   . ASP A 1 6   ? -8.514  -6.826  -3.763  1.00 44.84 ? 6    ASP A O   1 
ATOM   38   C  CB  . ASP A 1 6   ? -9.559  -6.337  -6.607  1.00 45.13 ? 6    ASP A CB  1 
ATOM   39   C  CG  . ASP A 1 6   ? -9.528  -6.366  -8.132  1.00 45.17 ? 6    ASP A CG  1 
ATOM   40   O  OD1 . ASP A 1 6   ? -8.437  -6.236  -8.734  1.00 45.18 ? 6    ASP A OD1 1 
ATOM   41   O  OD2 . ASP A 1 6   ? -10.613 -6.519  -8.730  1.00 45.18 ? 6    ASP A OD2 1 
ATOM   42   N  N   . ILE A 1 7   ? -8.101  -4.627  -4.043  1.00 44.60 ? 7    ILE A N   1 
ATOM   43   C  CA  . ILE A 1 7   ? -8.172  -4.358  -2.602  1.00 44.31 ? 7    ILE A CA  1 
ATOM   44   C  C   . ILE A 1 7   ? -9.050  -3.189  -2.273  1.00 44.09 ? 7    ILE A C   1 
ATOM   45   O  O   . ILE A 1 7   ? -9.124  -2.204  -3.034  1.00 44.05 ? 7    ILE A O   1 
ATOM   46   C  CB  . ILE A 1 7   ? -6.769  -4.103  -2.005  1.00 44.33 ? 7    ILE A CB  1 
ATOM   47   C  CG1 . ILE A 1 7   ? -5.892  -5.319  -2.230  1.00 44.32 ? 7    ILE A CG1 1 
ATOM   48   C  CG2 . ILE A 1 7   ? -6.888  -3.843  -0.484  1.00 44.33 ? 7    ILE A CG2 1 
ATOM   49   C  CD1 . ILE A 1 7   ? -4.456  -5.085  -1.892  1.00 44.35 ? 7    ILE A CD1 1 
ATOM   50   N  N   . GLN A 1 8   ? -9.662  -3.289  -1.102  1.00 43.80 ? 8    GLN A N   1 
ATOM   51   C  CA  . GLN A 1 8   ? -10.541 -2.261  -0.641  1.00 43.52 ? 8    GLN A CA  1 
ATOM   52   C  C   . GLN A 1 8   ? -10.035 -1.711  0.682   1.00 43.31 ? 8    GLN A C   1 
ATOM   53   O  O   . GLN A 1 8   ? -9.287  -2.364  1.388   1.00 43.26 ? 8    GLN A O   1 
ATOM   54   C  CB  . GLN A 1 8   ? -11.930 -2.848  -0.441  1.00 43.54 ? 8    GLN A CB  1 
ATOM   55   C  CG  . GLN A 1 8   ? -12.641 -3.258  -1.735  1.00 43.54 ? 8    GLN A CG  1 
ATOM   56   C  CD  . GLN A 1 8   ? -14.016 -3.855  -1.463  1.00 43.54 ? 8    GLN A CD  1 
ATOM   57   O  OE1 . GLN A 1 8   ? -14.598 -3.643  -0.400  1.00 43.54 ? 8    GLN A OE1 1 
ATOM   58   N  NE2 . GLN A 1 8   ? -14.541 -4.602  -2.425  1.00 43.53 ? 8    GLN A NE2 1 
ATOM   59   N  N   . GLY A 1 9   ? -10.441 -0.479  0.952   1.00 43.07 ? 9    GLY A N   1 
ATOM   60   C  CA  . GLY A 1 9   ? -10.105 0.196   2.187   1.00 42.77 ? 9    GLY A CA  1 
ATOM   61   C  C   . GLY A 1 9   ? -11.382 0.858   2.674   1.00 42.58 ? 9    GLY A C   1 
ATOM   62   O  O   . GLY A 1 9   ? -11.917 1.723   1.982   1.00 42.54 ? 9    GLY A O   1 
ATOM   63   N  N   . ASN A 1 10  ? -11.878 0.473   3.853   1.00 42.36 ? 10   ASN A N   1 
ATOM   64   C  CA  . ASN A 1 10  ? -13.132 1.024   4.402   1.00 42.15 ? 10   ASN A CA  1 
ATOM   65   C  C   . ASN A 1 10  ? -13.006 2.097   5.499   1.00 41.97 ? 10   ASN A C   1 
ATOM   66   O  O   . ASN A 1 10  ? -11.904 2.528   5.836   1.00 41.94 ? 10   ASN A O   1 
ATOM   67   C  CB  . ASN A 1 10  ? -14.033 -0.109  4.911   1.00 42.19 ? 10   ASN A CB  1 
ATOM   68   C  CG  . ASN A 1 10  ? -13.366 -0.952  5.987   1.00 42.20 ? 10   ASN A CG  1 
ATOM   69   O  OD1 . ASN A 1 10  ? -12.630 -0.434  6.827   1.00 42.20 ? 10   ASN A OD1 1 
ATOM   70   N  ND2 . ASN A 1 10  ? -13.610 -2.259  5.955   1.00 42.20 ? 10   ASN A ND2 1 
ATOM   71   N  N   . ASP A 1 11  ? -14.144 2.494   6.078   1.00 41.77 ? 11   ASP A N   1 
ATOM   72   C  CA  . ASP A 1 11  ? -14.180 3.504   7.142   1.00 41.58 ? 11   ASP A CA  1 
ATOM   73   C  C   . ASP A 1 11  ? -13.735 2.972   8.501   1.00 41.44 ? 11   ASP A C   1 
ATOM   74   O  O   . ASP A 1 11  ? -13.559 3.743   9.447   1.00 41.43 ? 11   ASP A O   1 
ATOM   75   C  CB  . ASP A 1 11  ? -15.579 4.119   7.275   1.00 41.57 ? 11   ASP A CB  1 
ATOM   76   C  CG  . ASP A 1 11  ? -15.920 5.073   6.141   1.00 41.56 ? 11   ASP A CG  1 
ATOM   77   O  OD1 . ASP A 1 11  ? -15.002 5.533   5.427   1.00 41.56 ? 11   ASP A OD1 1 
ATOM   78   O  OD2 . ASP A 1 11  ? -17.115 5.382   5.974   1.00 41.57 ? 11   ASP A OD2 1 
ATOM   79   N  N   . GLN A 1 12  ? -13.584 1.658   8.615   1.00 41.27 ? 12   GLN A N   1 
ATOM   80   C  CA  . GLN A 1 12  ? -13.151 1.088   9.881   1.00 41.13 ? 12   GLN A CA  1 
ATOM   81   C  C   . GLN A 1 12  ? -11.657 0.776   9.875   1.00 40.98 ? 12   GLN A C   1 
ATOM   82   O  O   . GLN A 1 12  ? -11.172 -0.044  10.661  1.00 40.96 ? 12   GLN A O   1 
ATOM   83   C  CB  . GLN A 1 12  ? -13.994 -0.141  10.254  1.00 41.17 ? 12   GLN A CB  1 
ATOM   84   C  CG  . GLN A 1 12  ? -15.478 0.161   10.489  1.00 41.24 ? 12   GLN A CG  1 
ATOM   85   C  CD  . GLN A 1 12  ? -15.727 1.383   11.371  1.00 41.32 ? 12   GLN A CD  1 
ATOM   86   O  OE1 . GLN A 1 12  ? -16.693 2.103   11.165  1.00 41.37 ? 12   GLN A OE1 1 
ATOM   87   N  NE2 . GLN A 1 12  ? -14.851 1.626   12.339  1.00 41.31 ? 12   GLN A NE2 1 
ATOM   88   N  N   . MET A 1 13  ? -10.936 1.472   8.996   1.00 40.82 ? 13   MET A N   1 
ATOM   89   C  CA  . MET A 1 13  ? -9.490  1.337   8.843   1.00 40.66 ? 13   MET A CA  1 
ATOM   90   C  C   . MET A 1 13  ? -9.070  -0.108  8.620   1.00 40.53 ? 13   MET A C   1 
ATOM   91   O  O   . MET A 1 13  ? -8.140  -0.609  9.251   1.00 40.48 ? 13   MET A O   1 
ATOM   92   C  CB  . MET A 1 13  ? -8.784  1.901   10.071  1.00 40.70 ? 13   MET A CB  1 
ATOM   93   C  CG  . MET A 1 13  ? -9.284  3.269   10.506  1.00 40.69 ? 13   MET A CG  1 
ATOM   94   S  SD  . MET A 1 13  ? -8.205  4.012   11.734  1.00 40.75 ? 13   MET A SD  1 
ATOM   95   C  CE  . MET A 1 13  ? -6.957  2.739   11.880  1.00 40.79 ? 13   MET A CE  1 
ATOM   96   N  N   . GLN A 1 14  ? -9.755  -0.772  7.699   1.00 40.41 ? 14   GLN A N   1 
ATOM   97   C  CA  . GLN A 1 14  ? -9.458  -2.162  7.398   1.00 40.30 ? 14   GLN A CA  1 
ATOM   98   C  C   . GLN A 1 14  ? -9.240  -2.403  5.904   1.00 40.27 ? 14   GLN A C   1 
ATOM   99   O  O   . GLN A 1 14  ? -9.874  -1.763  5.062   1.00 40.24 ? 14   GLN A O   1 
ATOM   100  C  CB  . GLN A 1 14  ? -10.623 -3.050  7.862   1.00 40.25 ? 14   GLN A CB  1 
ATOM   101  C  CG  . GLN A 1 14  ? -11.021 -2.914  9.329   1.00 40.18 ? 14   GLN A CG  1 
ATOM   102  C  CD  . GLN A 1 14  ? -12.295 -3.686  9.668   1.00 40.20 ? 14   GLN A CD  1 
ATOM   103  O  OE1 . GLN A 1 14  ? -12.291 -4.570  10.526  1.00 40.17 ? 14   GLN A OE1 1 
ATOM   104  N  NE2 . GLN A 1 14  ? -13.390 -3.352  8.992   1.00 40.10 ? 14   GLN A NE2 1 
ATOM   105  N  N   . PHE A 1 15  ? -8.275  -3.267  5.596   1.00 40.25 ? 15   PHE A N   1 
ATOM   106  C  CA  . PHE A 1 15  ? -8.023  -3.681  4.215   1.00 40.31 ? 15   PHE A CA  1 
ATOM   107  C  C   . PHE A 1 15  ? -8.753  -5.014  4.183   1.00 40.36 ? 15   PHE A C   1 
ATOM   108  O  O   . PHE A 1 15  ? -8.652  -5.816  5.154   1.00 40.32 ? 15   PHE A O   1 
ATOM   109  C  CB  . PHE A 1 15  ? -6.523  -3.915  3.945   1.00 40.27 ? 15   PHE A CB  1 
ATOM   110  C  CG  . PHE A 1 15  ? -5.812  -2.737  3.310   1.00 40.24 ? 15   PHE A CG  1 
ATOM   111  C  CD1 . PHE A 1 15  ? -6.348  -2.073  2.214   1.00 40.21 ? 15   PHE A CD1 1 
ATOM   112  C  CD2 . PHE A 1 15  ? -4.574  -2.325  3.792   1.00 40.22 ? 15   PHE A CD2 1 
ATOM   113  C  CE1 . PHE A 1 15  ? -5.662  -1.022  1.611   1.00 40.19 ? 15   PHE A CE1 1 
ATOM   114  C  CE2 . PHE A 1 15  ? -3.880  -1.273  3.193   1.00 40.19 ? 15   PHE A CE2 1 
ATOM   115  C  CZ  . PHE A 1 15  ? -4.429  -0.622  2.100   1.00 40.19 ? 15   PHE A CZ  1 
ATOM   116  N  N   . ASN A 1 16  ? -9.514  -5.253  3.114   1.00 40.46 ? 16   ASN A N   1 
ATOM   117  C  CA  . ASN A 1 16  ? -10.283 -6.487  2.938   1.00 40.55 ? 16   ASN A CA  1 
ATOM   118  C  C   . ASN A 1 16  ? -9.359  -7.667  2.580   1.00 40.61 ? 16   ASN A C   1 
ATOM   119  O  O   . ASN A 1 16  ? -9.786  -8.781  2.379   1.00 40.66 ? 16   ASN A O   1 
ATOM   120  C  CB  . ASN A 1 16  ? -11.269 -6.300  1.818   1.00 40.58 ? 16   ASN A CB  1 
ATOM   121  C  CG  . ASN A 1 16  ? -10.567 -6.042  0.471   1.00 40.63 ? 16   ASN A CG  1 
ATOM   122  O  OD1 . ASN A 1 16  ? -9.374  -6.281  0.315   1.00 40.67 ? 16   ASN A OD1 1 
ATOM   123  N  ND2 . ASN A 1 16  ? -11.321 -5.603  -0.508  1.00 40.71 ? 16   ASN A ND2 1 
ATOM   124  N  N   . THR A 1 17  ? -8.089  -7.345  2.403   1.00 40.69 ? 17   THR A N   1 
ATOM   125  C  CA  . THR A 1 17  ? -7.062  -8.309  2.033   1.00 40.77 ? 17   THR A CA  1 
ATOM   126  C  C   . THR A 1 17  ? -5.929  -8.210  3.053   1.00 40.83 ? 17   THR A C   1 
ATOM   127  O  O   . THR A 1 17  ? -5.412  -7.131  3.330   1.00 40.83 ? 17   THR A O   1 
ATOM   128  C  CB  . THR A 1 17  ? -6.518  -7.991  0.629   1.00 40.79 ? 17   THR A CB  1 
ATOM   129  O  OG1 . THR A 1 17  ? -7.587  -8.071  -0.324  1.00 40.86 ? 17   THR A OG1 1 
ATOM   130  C  CG2 . THR A 1 17  ? -5.421  -8.965  0.231   1.00 40.77 ? 17   THR A CG2 1 
ATOM   131  N  N   . ASN A 1 18  ? -5.513  -9.363  3.553   1.00 40.90 ? 18   ASN A N   1 
ATOM   132  C  CA  . ASN A 1 18  ? -4.477  -9.437  4.573   1.00 40.98 ? 18   ASN A CA  1 
ATOM   133  C  C   . ASN A 1 18  ? -3.116  -9.977  4.130   1.00 41.03 ? 18   ASN A C   1 
ATOM   134  O  O   . ASN A 1 18  ? -2.110  -9.718  4.790   1.00 40.99 ? 18   ASN A O   1 
ATOM   135  C  CB  . ASN A 1 18  ? -4.998  -10.277 5.746   1.00 41.02 ? 18   ASN A CB  1 
ATOM   136  C  CG  . ASN A 1 18  ? -6.387  -9.838  6.220   1.00 41.05 ? 18   ASN A CG  1 
ATOM   137  O  OD1 . ASN A 1 18  ? -6.614  -8.667  6.531   1.00 41.07 ? 18   ASN A OD1 1 
ATOM   138  N  ND2 . ASN A 1 18  ? -7.320  -10.781 6.266   1.00 41.02 ? 18   ASN A ND2 1 
ATOM   139  N  N   . ALA A 1 19  ? -3.080  -10.715 3.022   1.00 41.10 ? 19   ALA A N   1 
ATOM   140  C  CA  . ALA A 1 19  ? -1.828  -11.297 2.536   1.00 41.17 ? 19   ALA A CA  1 
ATOM   141  C  C   . ALA A 1 19  ? -1.791  -11.422 1.026   1.00 41.24 ? 19   ALA A C   1 
ATOM   142  O  O   . ALA A 1 19  ? -2.724  -11.941 0.436   1.00 41.25 ? 19   ALA A O   1 
ATOM   143  C  CB  . ALA A 1 19  ? -1.620  -12.665 3.162   1.00 41.15 ? 19   ALA A CB  1 
ATOM   144  N  N   . ILE A 1 20  ? -0.693  -10.989 0.411   1.00 41.38 ? 20   ILE A N   1 
ATOM   145  C  CA  . ILE A 1 20  ? -0.538  -11.052 -1.043  1.00 41.51 ? 20   ILE A CA  1 
ATOM   146  C  C   . ILE A 1 20  ? 0.650   -11.920 -1.451  1.00 41.64 ? 20   ILE A C   1 
ATOM   147  O  O   . ILE A 1 20  ? 1.742   -11.802 -0.894  1.00 41.63 ? 20   ILE A O   1 
ATOM   148  C  CB  . ILE A 1 20  ? -0.347  -9.642  -1.667  1.00 41.47 ? 20   ILE A CB  1 
ATOM   149  C  CG1 . ILE A 1 20  ? -1.484  -8.705  -1.244  1.00 41.48 ? 20   ILE A CG1 1 
ATOM   150  C  CG2 . ILE A 1 20  ? -0.315  -9.744  -3.189  1.00 41.43 ? 20   ILE A CG2 1 
ATOM   151  C  CD1 . ILE A 1 20  ? -1.301  -7.266  -1.707  1.00 41.49 ? 20   ILE A CD1 1 
ATOM   152  N  N   . THR A 1 21  ? 0.418   -12.804 -2.415  1.00 41.80 ? 21   THR A N   1 
ATOM   153  C  CA  . THR A 1 21  ? 1.457   -13.687 -2.931  1.00 41.97 ? 21   THR A CA  1 
ATOM   154  C  C   . THR A 1 21  ? 1.711   -13.317 -4.390  1.00 42.09 ? 21   THR A C   1 
ATOM   155  O  O   . THR A 1 21  ? 0.791   -13.338 -5.211  1.00 42.08 ? 21   THR A O   1 
ATOM   156  C  CB  . THR A 1 21  ? 1.042   -15.175 -2.855  1.00 41.99 ? 21   THR A CB  1 
ATOM   157  O  OG1 . THR A 1 21  ? 0.858   -15.558 -1.486  1.00 42.01 ? 21   THR A OG1 1 
ATOM   158  C  CG2 . THR A 1 21  ? 2.112   -16.059 -3.485  1.00 42.04 ? 21   THR A CG2 1 
ATOM   159  N  N   . VAL A 1 22  ? 2.952   -12.937 -4.684  1.00 42.23 ? 22   VAL A N   1 
ATOM   160  C  CA  . VAL A 1 22  ? 3.365   -12.554 -6.033  1.00 42.40 ? 22   VAL A CA  1 
ATOM   161  C  C   . VAL A 1 22  ? 4.115   -13.717 -6.672  1.00 42.55 ? 22   VAL A C   1 
ATOM   162  O  O   . VAL A 1 22  ? 5.192   -14.098 -6.211  1.00 42.55 ? 22   VAL A O   1 
ATOM   163  C  CB  . VAL A 1 22  ? 4.289   -11.311 -6.007  1.00 42.38 ? 22   VAL A CB  1 
ATOM   164  C  CG1 . VAL A 1 22  ? 4.772   -10.973 -7.414  1.00 42.39 ? 22   VAL A CG1 1 
ATOM   165  C  CG2 . VAL A 1 22  ? 3.552   -10.129 -5.412  1.00 42.36 ? 22   VAL A CG2 1 
ATOM   166  N  N   . ASP A 1 23  ? 3.534   -14.285 -7.723  1.00 42.74 ? 23   ASP A N   1 
ATOM   167  C  CA  . ASP A 1 23  ? 4.144   -15.410 -8.417  1.00 42.95 ? 23   ASP A CA  1 
ATOM   168  C  C   . ASP A 1 23  ? 5.400   -14.989 -9.182  1.00 43.08 ? 23   ASP A C   1 
ATOM   169  O  O   . ASP A 1 23  ? 5.413   -13.951 -9.845  1.00 43.14 ? 23   ASP A O   1 
ATOM   170  C  CB  . ASP A 1 23  ? 3.128   -16.057 -9.359  1.00 42.97 ? 23   ASP A CB  1 
ATOM   171  C  CG  . ASP A 1 23  ? 3.644   -17.336 -9.981  1.00 43.04 ? 23   ASP A CG  1 
ATOM   172  O  OD1 . ASP A 1 23  ? 4.225   -17.258 -11.074 1.00 43.03 ? 23   ASP A OD1 1 
ATOM   173  O  OD2 . ASP A 1 23  ? 3.474   -18.417 -9.379  1.00 43.08 ? 23   ASP A OD2 1 
ATOM   174  N  N   . LYS A 1 24  ? 6.446   -15.809 -9.082  1.00 43.24 ? 24   LYS A N   1 
ATOM   175  C  CA  . LYS A 1 24  ? 7.733   -15.558 -9.739  1.00 43.38 ? 24   LYS A CA  1 
ATOM   176  C  C   . LYS A 1 24  ? 7.651   -15.384 -11.251 1.00 43.46 ? 24   LYS A C   1 
ATOM   177  O  O   . LYS A 1 24  ? 8.508   -14.728 -11.847 1.00 43.48 ? 24   LYS A O   1 
ATOM   178  C  CB  . LYS A 1 24  ? 8.708   -16.699 -9.447  1.00 43.44 ? 24   LYS A CB  1 
ATOM   179  C  CG  . LYS A 1 24  ? 9.207   -16.779 -8.026  1.00 43.50 ? 24   LYS A CG  1 
ATOM   180  C  CD  . LYS A 1 24  ? 9.712   -18.185 -7.725  1.00 43.59 ? 24   LYS A CD  1 
ATOM   181  C  CE  . LYS A 1 24  ? 10.800  -18.637 -8.692  1.00 43.61 ? 24   LYS A CE  1 
ATOM   182  N  NZ  . LYS A 1 24  ? 11.361  -19.962 -8.288  1.00 43.68 ? 24   LYS A NZ  1 
ATOM   183  N  N   . SER A 1 25  ? 6.651   -16.010 -11.869 1.00 43.50 ? 25   SER A N   1 
ATOM   184  C  CA  . SER A 1 25  ? 6.459   -15.938 -13.318 1.00 43.56 ? 25   SER A CA  1 
ATOM   185  C  C   . SER A 1 25  ? 6.088   -14.537 -13.773 1.00 43.56 ? 25   SER A C   1 
ATOM   186  O  O   . SER A 1 25  ? 6.370   -14.149 -14.912 1.00 43.56 ? 25   SER A O   1 
ATOM   187  C  CB  . SER A 1 25  ? 5.370   -16.914 -13.768 1.00 43.57 ? 25   SER A CB  1 
ATOM   188  O  OG  . SER A 1 25  ? 5.648   -18.231 -13.323 1.00 43.67 ? 25   SER A OG  1 
ATOM   189  N  N   . CYS A 1 26  ? 5.428   -13.792 -12.890 1.00 43.56 ? 26   CYS A N   1 
ATOM   190  C  CA  . CYS A 1 26  ? 5.012   -12.430 -13.191 1.00 43.52 ? 26   CYS A CA  1 
ATOM   191  C  C   . CYS A 1 26  ? 6.211   -11.518 -13.423 1.00 43.22 ? 26   CYS A C   1 
ATOM   192  O  O   . CYS A 1 26  ? 7.220   -11.604 -12.720 1.00 43.19 ? 26   CYS A O   1 
ATOM   193  C  CB  . CYS A 1 26  ? 4.142   -11.869 -12.060 1.00 43.97 ? 26   CYS A CB  1 
ATOM   194  S  SG  . CYS A 1 26  ? 2.572   -12.761 -11.790 1.00 44.61 ? 26   CYS A SG  1 
ATOM   195  N  N   . LYS A 1 27  ? 6.113   -10.695 -14.462 1.00 42.84 ? 27   LYS A N   1 
ATOM   196  C  CA  . LYS A 1 27  ? 7.160   -9.739  -14.802 1.00 42.45 ? 27   LYS A CA  1 
ATOM   197  C  C   . LYS A 1 27  ? 6.755   -8.447  -14.098 1.00 42.12 ? 27   LYS A C   1 
ATOM   198  O  O   . LYS A 1 27  ? 7.597   -7.679  -13.629 1.00 42.07 ? 27   LYS A O   1 
ATOM   199  C  CB  . LYS A 1 27  ? 7.209   -9.524  -16.319 1.00 42.51 ? 27   LYS A CB  1 
ATOM   200  C  CG  . LYS A 1 27  ? 8.613   -9.389  -16.882 1.00 42.58 ? 27   LYS A CG  1 
ATOM   201  C  CD  . LYS A 1 27  ? 9.284   -10.736 -17.104 1.00 42.65 ? 27   LYS A CD  1 
ATOM   202  C  CE  . LYS A 1 27  ? 9.064   -11.234 -18.529 1.00 42.75 ? 27   LYS A CE  1 
ATOM   203  N  NZ  . LYS A 1 27  ? 9.868   -12.457 -18.818 1.00 42.80 ? 27   LYS A NZ  1 
ATOM   204  N  N   . GLN A 1 28  ? 5.445   -8.235  -14.026 1.00 41.68 ? 28   GLN A N   1 
ATOM   205  C  CA  . GLN A 1 28  ? 4.859   -7.073  -13.373 1.00 41.25 ? 28   GLN A CA  1 
ATOM   206  C  C   . GLN A 1 28  ? 3.751   -7.557  -12.453 1.00 40.88 ? 28   GLN A C   1 
ATOM   207  O  O   . GLN A 1 28  ? 3.270   -8.688  -12.584 1.00 40.85 ? 28   GLN A O   1 
ATOM   208  C  CB  . GLN A 1 28  ? 4.238   -6.122  -14.396 1.00 41.34 ? 28   GLN A CB  1 
ATOM   209  C  CG  . GLN A 1 28  ? 5.163   -5.622  -15.479 1.00 41.42 ? 28   GLN A CG  1 
ATOM   210  C  CD  . GLN A 1 28  ? 4.522   -4.512  -16.288 1.00 41.48 ? 28   GLN A CD  1 
ATOM   211  O  OE1 . GLN A 1 28  ? 4.828   -3.333  -16.097 1.00 41.53 ? 28   GLN A OE1 1 
ATOM   212  N  NE2 . GLN A 1 28  ? 3.593   -4.879  -17.166 1.00 41.53 ? 28   GLN A NE2 1 
ATOM   213  N  N   . PHE A 1 29  ? 3.339   -6.689  -11.536 1.00 40.41 ? 29   PHE A N   1 
ATOM   214  C  CA  . PHE A 1 29  ? 2.265   -6.991  -10.598 1.00 39.93 ? 29   PHE A CA  1 
ATOM   215  C  C   . PHE A 1 29  ? 1.423   -5.727  -10.410 1.00 39.60 ? 29   PHE A C   1 
ATOM   216  O  O   . PHE A 1 29  ? 1.958   -4.632  -10.218 1.00 39.55 ? 29   PHE A O   1 
ATOM   217  C  CB  . PHE A 1 29  ? 2.825   -7.479  -9.263  1.00 39.89 ? 29   PHE A CB  1 
ATOM   218  C  CG  . PHE A 1 29  ? 1.797   -8.119  -8.382  1.00 39.80 ? 29   PHE A CG  1 
ATOM   219  C  CD1 . PHE A 1 29  ? 1.367   -9.420  -8.627  1.00 39.77 ? 29   PHE A CD1 1 
ATOM   220  C  CD2 . PHE A 1 29  ? 1.238   -7.418  -7.322  1.00 39.79 ? 29   PHE A CD2 1 
ATOM   221  C  CE1 . PHE A 1 29  ? 0.393   -10.009 -7.829  1.00 39.75 ? 29   PHE A CE1 1 
ATOM   222  C  CE2 . PHE A 1 29  ? 0.263   -7.999  -6.517  1.00 39.79 ? 29   PHE A CE2 1 
ATOM   223  C  CZ  . PHE A 1 29  ? -0.160  -9.299  -6.775  1.00 39.77 ? 29   PHE A CZ  1 
ATOM   224  N  N   . THR A 1 30  ? 0.107   -5.888  -10.458 1.00 39.20 ? 30   THR A N   1 
ATOM   225  C  CA  . THR A 1 30  ? -0.808  -4.760  -10.335 1.00 38.80 ? 30   THR A CA  1 
ATOM   226  C  C   . THR A 1 30  ? -1.726  -4.861  -9.122  1.00 38.54 ? 30   THR A C   1 
ATOM   227  O  O   . THR A 1 30  ? -2.185  -5.941  -8.771  1.00 38.47 ? 30   THR A O   1 
ATOM   228  C  CB  . THR A 1 30  ? -1.684  -4.645  -11.611 1.00 38.80 ? 30   THR A CB  1 
ATOM   229  O  OG1 . THR A 1 30  ? -0.837  -4.587  -12.764 1.00 38.80 ? 30   THR A OG1 1 
ATOM   230  C  CG2 . THR A 1 30  ? -2.552  -3.401  -11.578 1.00 38.75 ? 30   THR A CG2 1 
ATOM   231  N  N   . VAL A 1 31  ? -1.961  -3.725  -8.472  1.00 38.18 ? 31   VAL A N   1 
ATOM   232  C  CA  . VAL A 1 31  ? -2.847  -3.655  -7.321  1.00 37.87 ? 31   VAL A CA  1 
ATOM   233  C  C   . VAL A 1 31  ? -3.929  -2.631  -7.632  1.00 37.68 ? 31   VAL A C   1 
ATOM   234  O  O   . VAL A 1 31  ? -3.629  -1.486  -7.977  1.00 37.64 ? 31   VAL A O   1 
ATOM   235  C  CB  . VAL A 1 31  ? -2.112  -3.220  -6.033  1.00 37.85 ? 31   VAL A CB  1 
ATOM   236  C  CG1 . VAL A 1 31  ? -3.112  -3.080  -4.881  1.00 37.79 ? 31   VAL A CG1 1 
ATOM   237  C  CG2 . VAL A 1 31  ? -1.028  -4.229  -5.675  1.00 37.77 ? 31   VAL A CG2 1 
ATOM   238  N  N   . ASN A 1 32  ? -5.186  -3.050  -7.519  1.00 37.50 ? 32   ASN A N   1 
ATOM   239  C  CA  . ASN A 1 32  ? -6.323  -2.173  -7.777  1.00 37.27 ? 32   ASN A CA  1 
ATOM   240  C  C   . ASN A 1 32  ? -7.016  -1.806  -6.468  1.00 37.14 ? 32   ASN A C   1 
ATOM   241  O  O   . ASN A 1 32  ? -7.765  -2.609  -5.905  1.00 37.12 ? 32   ASN A O   1 
ATOM   242  C  CB  . ASN A 1 32  ? -7.323  -2.849  -8.718  1.00 37.26 ? 32   ASN A CB  1 
ATOM   243  C  CG  . ASN A 1 32  ? -6.716  -3.203  -10.066 1.00 37.24 ? 32   ASN A CG  1 
ATOM   244  O  OD1 . ASN A 1 32  ? -6.241  -2.335  -10.803 1.00 37.17 ? 32   ASN A OD1 1 
ATOM   245  N  ND2 . ASN A 1 32  ? -6.728  -4.484  -10.394 1.00 37.22 ? 32   ASN A ND2 1 
ATOM   246  N  N   . LEU A 1 33  ? -6.800  -0.572  -6.020  1.00 36.97 ? 33   LEU A N   1 
ATOM   247  C  CA  . LEU A 1 33  ? -7.376  -0.085  -4.772  1.00 36.81 ? 33   LEU A CA  1 
ATOM   248  C  C   . LEU A 1 33  ? -8.679  0.702   -4.907  1.00 36.73 ? 33   LEU A C   1 
ATOM   249  O  O   . LEU A 1 33  ? -8.808  1.577   -5.764  1.00 36.72 ? 33   LEU A O   1 
ATOM   250  C  CB  . LEU A 1 33  ? -6.340  0.769   -4.037  1.00 36.74 ? 33   LEU A CB  1 
ATOM   251  C  CG  . LEU A 1 33  ? -6.645  1.223   -2.607  1.00 36.65 ? 33   LEU A CG  1 
ATOM   252  C  CD1 . LEU A 1 33  ? -6.617  0.026   -1.654  1.00 36.56 ? 33   LEU A CD1 1 
ATOM   253  C  CD2 . LEU A 1 33  ? -5.605  2.254   -2.191  1.00 36.58 ? 33   LEU A CD2 1 
ATOM   254  N  N   . SER A 1 34  ? -9.635  0.394   -4.036  1.00 36.62 ? 34   SER A N   1 
ATOM   255  C  CA  . SER A 1 34  ? -10.921 1.086   -4.015  1.00 36.51 ? 34   SER A CA  1 
ATOM   256  C  C   . SER A 1 34  ? -11.288 1.448   -2.580  1.00 36.41 ? 34   SER A C   1 
ATOM   257  O  O   . SER A 1 34  ? -10.725 0.903   -1.629  1.00 36.39 ? 34   SER A O   1 
ATOM   258  C  CB  . SER A 1 34  ? -12.021 0.237   -4.660  1.00 36.52 ? 34   SER A CB  1 
ATOM   259  O  OG  . SER A 1 34  ? -12.000 -1.081  -4.151  1.00 36.54 ? 34   SER A OG  1 
ATOM   260  N  N   . HIS A 1 35  ? -12.241 2.363   -2.437  1.00 36.32 ? 35   HIS A N   1 
ATOM   261  C  CA  . HIS A 1 35  ? -12.687 2.841   -1.137  1.00 36.20 ? 35   HIS A CA  1 
ATOM   262  C  C   . HIS A 1 35  ? -14.213 2.808   -1.062  1.00 36.13 ? 35   HIS A C   1 
ATOM   263  O  O   . HIS A 1 35  ? -14.885 3.697   -1.590  1.00 36.15 ? 35   HIS A O   1 
ATOM   264  C  CB  . HIS A 1 35  ? -12.181 4.275   -0.943  1.00 36.21 ? 35   HIS A CB  1 
ATOM   265  C  CG  . HIS A 1 35  ? -12.199 4.757   0.475   1.00 36.20 ? 35   HIS A CG  1 
ATOM   266  N  ND1 . HIS A 1 35  ? -13.312 4.669   1.287   1.00 36.18 ? 35   HIS A ND1 1 
ATOM   267  C  CD2 . HIS A 1 35  ? -11.247 5.376   1.211   1.00 36.18 ? 35   HIS A CD2 1 
ATOM   268  C  CE1 . HIS A 1 35  ? -13.044 5.216   2.457   1.00 36.17 ? 35   HIS A CE1 1 
ATOM   269  N  NE2 . HIS A 1 35  ? -11.798 5.654   2.439   1.00 36.16 ? 35   HIS A NE2 1 
ATOM   270  N  N   . PRO A 1 36  ? -14.781 1.754   -0.448  1.00 36.05 ? 36   PRO A N   1 
ATOM   271  C  CA  . PRO A 1 36  ? -16.231 1.592   -0.298  1.00 35.99 ? 36   PRO A CA  1 
ATOM   272  C  C   . PRO A 1 36  ? -16.816 2.408   0.858   1.00 35.92 ? 36   PRO A C   1 
ATOM   273  O  O   . PRO A 1 36  ? -18.020 2.350   1.115   1.00 35.93 ? 36   PRO A O   1 
ATOM   274  C  CB  . PRO A 1 36  ? -16.374 0.094   -0.047  1.00 36.02 ? 36   PRO A CB  1 
ATOM   275  C  CG  . PRO A 1 36  ? -15.154 -0.206  0.753   1.00 36.04 ? 36   PRO A CG  1 
ATOM   276  C  CD  . PRO A 1 36  ? -14.085 0.520   -0.041  1.00 36.02 ? 36   PRO A CD  1 
ATOM   277  N  N   . GLY A 1 37  ? -15.963 3.161   1.550   1.00 35.84 ? 37   GLY A N   1 
ATOM   278  C  CA  . GLY A 1 37  ? -16.411 3.971   2.670   1.00 35.71 ? 37   GLY A CA  1 
ATOM   279  C  C   . GLY A 1 37  ? -17.211 5.189   2.251   1.00 35.61 ? 37   GLY A C   1 
ATOM   280  O  O   . GLY A 1 37  ? -17.463 5.397   1.059   1.00 35.62 ? 37   GLY A O   1 
ATOM   281  N  N   . ASN A 1 38  ? -17.625 5.989   3.231   1.00 35.44 ? 38   ASN A N   1 
ATOM   282  C  CA  . ASN A 1 38  ? -18.403 7.195   2.965   1.00 35.24 ? 38   ASN A CA  1 
ATOM   283  C  C   . ASN A 1 38  ? -17.565 8.456   3.199   1.00 35.01 ? 38   ASN A C   1 
ATOM   284  O  O   . ASN A 1 38  ? -17.860 9.514   2.649   1.00 35.00 ? 38   ASN A O   1 
ATOM   285  C  CB  . ASN A 1 38  ? -19.648 7.268   3.870   1.00 35.39 ? 38   ASN A CB  1 
ATOM   286  C  CG  . ASN A 1 38  ? -20.445 5.964   3.915   1.00 35.47 ? 38   ASN A CG  1 
ATOM   287  O  OD1 . ASN A 1 38  ? -20.176 5.016   3.173   1.00 35.55 ? 38   ASN A OD1 1 
ATOM   288  N  ND2 . ASN A 1 38  ? -21.422 5.913   4.813   1.00 35.52 ? 38   ASN A ND2 1 
ATOM   289  N  N   . LEU A 1 39  ? -16.503 8.334   3.990   1.00 34.73 ? 39   LEU A N   1 
ATOM   290  C  CA  . LEU A 1 39  ? -15.643 9.472   4.321   1.00 34.42 ? 39   LEU A CA  1 
ATOM   291  C  C   . LEU A 1 39  ? -14.541 9.841   3.316   1.00 34.14 ? 39   LEU A C   1 
ATOM   292  O  O   . LEU A 1 39  ? -13.947 8.970   2.679   1.00 34.12 ? 39   LEU A O   1 
ATOM   293  C  CB  . LEU A 1 39  ? -15.034 9.255   5.708   1.00 34.48 ? 39   LEU A CB  1 
ATOM   294  C  CG  . LEU A 1 39  ? -16.038 9.250   6.865   1.00 34.53 ? 39   LEU A CG  1 
ATOM   295  C  CD1 . LEU A 1 39  ? -15.456 8.518   8.053   1.00 34.58 ? 39   LEU A CD1 1 
ATOM   296  C  CD2 . LEU A 1 39  ? -16.412 10.676  7.235   1.00 34.57 ? 39   LEU A CD2 1 
ATOM   297  N  N   . PRO A 1 40  ? -14.258 11.153  3.173   1.00 33.85 ? 40   PRO A N   1 
ATOM   298  C  CA  . PRO A 1 40  ? -13.236 11.694  2.264   1.00 33.60 ? 40   PRO A CA  1 
ATOM   299  C  C   . PRO A 1 40  ? -11.807 11.380  2.743   1.00 33.35 ? 40   PRO A C   1 
ATOM   300  O  O   . PRO A 1 40  ? -11.591 11.067  3.917   1.00 33.32 ? 40   PRO A O   1 
ATOM   301  C  CB  . PRO A 1 40  ? -13.536 13.192  2.269   1.00 33.64 ? 40   PRO A CB  1 
ATOM   302  C  CG  . PRO A 1 40  ? -14.051 13.423  3.643   1.00 33.71 ? 40   PRO A CG  1 
ATOM   303  C  CD  . PRO A 1 40  ? -14.959 12.242  3.876   1.00 33.79 ? 40   PRO A CD  1 
ATOM   304  N  N   . LYS A 1 41  ? -10.837 11.512  1.841   1.00 33.06 ? 41   LYS A N   1 
ATOM   305  C  CA  . LYS A 1 41  ? -9.439  11.195  2.139   1.00 32.74 ? 41   LYS A CA  1 
ATOM   306  C  C   . LYS A 1 41  ? -8.715  12.028  3.194   1.00 32.45 ? 41   LYS A C   1 
ATOM   307  O  O   . LYS A 1 41  ? -7.664  11.616  3.700   1.00 32.41 ? 41   LYS A O   1 
ATOM   308  C  CB  . LYS A 1 41  ? -8.614  11.155  0.848   1.00 32.77 ? 41   LYS A CB  1 
ATOM   309  C  CG  . LYS A 1 41  ? -8.373  12.502  0.207   1.00 32.77 ? 41   LYS A CG  1 
ATOM   310  C  CD  . LYS A 1 41  ? -7.701  12.336  -1.141  1.00 32.81 ? 41   LYS A CD  1 
ATOM   311  C  CE  . LYS A 1 41  ? -7.282  13.677  -1.713  1.00 32.85 ? 41   LYS A CE  1 
ATOM   312  N  NZ  . LYS A 1 41  ? -6.556  13.511  -3.001  1.00 32.83 ? 41   LYS A NZ  1 
ATOM   313  N  N   . ASN A 1 42  ? -9.244  13.204  3.508   1.00 32.09 ? 42   ASN A N   1 
ATOM   314  C  CA  . ASN A 1 42  ? -8.618  14.041  4.517   1.00 31.72 ? 42   ASN A CA  1 
ATOM   315  C  C   . ASN A 1 42  ? -8.818  13.453  5.921   1.00 31.44 ? 42   ASN A C   1 
ATOM   316  O  O   . ASN A 1 42  ? -8.045  13.751  6.831   1.00 31.42 ? 42   ASN A O   1 
ATOM   317  C  CB  . ASN A 1 42  ? -9.126  15.487  4.435   1.00 31.73 ? 42   ASN A CB  1 
ATOM   318  C  CG  . ASN A 1 42  ? -10.619 15.610  4.673   1.00 31.68 ? 42   ASN A CG  1 
ATOM   319  O  OD1 . ASN A 1 42  ? -11.114 16.694  4.978   1.00 31.72 ? 42   ASN A OD1 1 
ATOM   320  N  ND2 . ASN A 1 42  ? -11.342 14.506  4.539   1.00 31.66 ? 42   ASN A ND2 1 
ATOM   321  N  N   . VAL A 1 43  ? -9.827  12.592  6.076   1.00 31.06 ? 43   VAL A N   1 
ATOM   322  C  CA  . VAL A 1 43  ? -10.106 11.955  7.371   1.00 30.65 ? 43   VAL A CA  1 
ATOM   323  C  C   . VAL A 1 43  ? -10.058 10.420  7.356   1.00 30.34 ? 43   VAL A C   1 
ATOM   324  O  O   . VAL A 1 43  ? -9.833  9.800   8.397   1.00 30.35 ? 43   VAL A O   1 
ATOM   325  C  CB  . VAL A 1 43  ? -11.475 12.399  7.971   1.00 30.67 ? 43   VAL A CB  1 
ATOM   326  C  CG1 . VAL A 1 43  ? -11.483 13.892  8.224   1.00 30.64 ? 43   VAL A CG1 1 
ATOM   327  C  CG2 . VAL A 1 43  ? -12.619 12.001  7.060   1.00 30.66 ? 43   VAL A CG2 1 
ATOM   328  N  N   . MET A 1 44  ? -10.281 9.813   6.192   1.00 29.97 ? 44   MET A N   1 
ATOM   329  C  CA  . MET A 1 44  ? -10.262 8.356   6.058   1.00 29.55 ? 44   MET A CA  1 
ATOM   330  C  C   . MET A 1 44  ? -9.517  7.961   4.784   1.00 29.21 ? 44   MET A C   1 
ATOM   331  O  O   . MET A 1 44  ? -9.822  6.950   4.147   1.00 29.11 ? 44   MET A O   1 
ATOM   332  C  CB  . MET A 1 44  ? -11.695 7.802   6.032   1.00 29.66 ? 44   MET A CB  1 
ATOM   333  C  CG  . MET A 1 44  ? -11.794 6.290   6.251   1.00 29.72 ? 44   MET A CG  1 
ATOM   334  S  SD  . MET A 1 44  ? -10.962 5.716   7.759   1.00 29.75 ? 44   MET A SD  1 
ATOM   335  C  CE  . MET A 1 44  ? -12.141 6.287   8.936   1.00 29.69 ? 44   MET A CE  1 
ATOM   336  N  N   . GLY A 1 45  ? -8.528  8.765   4.417   1.00 28.85 ? 45   GLY A N   1 
ATOM   337  C  CA  . GLY A 1 45  ? -7.765  8.477   3.219   1.00 28.43 ? 45   GLY A CA  1 
ATOM   338  C  C   . GLY A 1 45  ? -6.972  7.194   3.318   1.00 28.11 ? 45   GLY A C   1 
ATOM   339  O  O   . GLY A 1 45  ? -6.495  6.835   4.395   1.00 27.93 ? 45   GLY A O   1 
ATOM   340  N  N   . HIS A 1 46  ? -6.862  6.491   2.192   1.00 27.76 ? 46   HIS A N   1 
ATOM   341  C  CA  . HIS A 1 46  ? -6.110  5.243   2.119   1.00 27.37 ? 46   HIS A CA  1 
ATOM   342  C  C   . HIS A 1 46  ? -5.244  5.117   0.884   1.00 27.06 ? 46   HIS A C   1 
ATOM   343  O  O   . HIS A 1 46  ? -5.659  5.472   -0.222  1.00 26.93 ? 46   HIS A O   1 
ATOM   344  C  CB  . HIS A 1 46  ? -7.037  4.025   2.094   1.00 27.53 ? 46   HIS A CB  1 
ATOM   345  C  CG  . HIS A 1 46  ? -7.918  3.896   3.289   1.00 27.60 ? 46   HIS A CG  1 
ATOM   346  N  ND1 . HIS A 1 46  ? -7.438  3.870   4.581   1.00 27.63 ? 46   HIS A ND1 1 
ATOM   347  C  CD2 . HIS A 1 46  ? -9.265  3.767   3.385   1.00 27.65 ? 46   HIS A CD2 1 
ATOM   348  C  CE1 . HIS A 1 46  ? -8.449  3.734   5.420   1.00 27.68 ? 46   HIS A CE1 1 
ATOM   349  N  NE2 . HIS A 1 46  ? -9.568  3.669   4.718   1.00 27.69 ? 46   HIS A NE2 1 
ATOM   350  N  N   . ASN A 1 47  ? -4.042  4.589   1.084   1.00 26.73 ? 47   ASN A N   1 
ATOM   351  C  CA  . ASN A 1 47  ? -3.137  4.299   -0.011  1.00 26.49 ? 47   ASN A CA  1 
ATOM   352  C  C   . ASN A 1 47  ? -2.588  2.911   0.247   1.00 26.36 ? 47   ASN A C   1 
ATOM   353  O  O   . ASN A 1 47  ? -2.784  2.346   1.323   1.00 26.34 ? 47   ASN A O   1 
ATOM   354  C  CB  . ASN A 1 47  ? -2.019  5.350   -0.178  1.00 26.34 ? 47   ASN A CB  1 
ATOM   355  C  CG  . ASN A 1 47  ? -1.194  5.588   1.086   1.00 26.30 ? 47   ASN A CG  1 
ATOM   356  O  OD1 . ASN A 1 47  ? -1.296  4.865   2.082   1.00 26.13 ? 47   ASN A OD1 1 
ATOM   357  N  ND2 . ASN A 1 47  ? -0.358  6.622   1.038   1.00 26.14 ? 47   ASN A ND2 1 
ATOM   358  N  N   . TRP A 1 48  ? -2.035  2.298   -0.783  1.00 26.18 ? 48   TRP A N   1 
ATOM   359  C  CA  . TRP A 1 48  ? -1.436  0.980   -0.662  1.00 26.08 ? 48   TRP A CA  1 
ATOM   360  C  C   . TRP A 1 48  ? 0.042   1.248   -0.955  1.00 26.13 ? 48   TRP A C   1 
ATOM   361  O  O   . TRP A 1 48  ? 0.403   1.619   -2.071  1.00 26.10 ? 48   TRP A O   1 
ATOM   362  C  CB  . TRP A 1 48  ? -2.064  0.017   -1.684  1.00 25.83 ? 48   TRP A CB  1 
ATOM   363  C  CG  . TRP A 1 48  ? -1.542  -1.391  -1.617  1.00 25.48 ? 48   TRP A CG  1 
ATOM   364  C  CD1 . TRP A 1 48  ? -2.065  -2.430  -0.899  1.00 25.42 ? 48   TRP A CD1 1 
ATOM   365  C  CD2 . TRP A 1 48  ? -0.404  -1.915  -2.306  1.00 25.33 ? 48   TRP A CD2 1 
ATOM   366  N  NE1 . TRP A 1 48  ? -1.324  -3.569  -1.106  1.00 25.27 ? 48   TRP A NE1 1 
ATOM   367  C  CE2 . TRP A 1 48  ? -0.291  -3.278  -1.967  1.00 25.27 ? 48   TRP A CE2 1 
ATOM   368  C  CE3 . TRP A 1 48  ? 0.540   -1.359  -3.180  1.00 25.22 ? 48   TRP A CE3 1 
ATOM   369  C  CZ2 . TRP A 1 48  ? 0.723   -4.100  -2.465  1.00 25.18 ? 48   TRP A CZ2 1 
ATOM   370  C  CZ3 . TRP A 1 48  ? 1.548   -2.171  -3.678  1.00 25.17 ? 48   TRP A CZ3 1 
ATOM   371  C  CH2 . TRP A 1 48  ? 1.634   -3.527  -3.321  1.00 25.19 ? 48   TRP A CH2 1 
ATOM   372  N  N   . VAL A 1 49  ? 0.870   1.167   0.086   1.00 26.23 ? 49   VAL A N   1 
ATOM   373  C  CA  . VAL A 1 49  ? 2.300   1.438   -0.032  1.00 26.33 ? 49   VAL A CA  1 
ATOM   374  C  C   . VAL A 1 49  ? 3.081   0.165   0.268   1.00 26.47 ? 49   VAL A C   1 
ATOM   375  O  O   . VAL A 1 49  ? 2.790   -0.537  1.237   1.00 26.43 ? 49   VAL A O   1 
ATOM   376  C  CB  . VAL A 1 49  ? 2.728   2.563   0.952   1.00 26.30 ? 49   VAL A CB  1 
ATOM   377  C  CG1 . VAL A 1 49  ? 4.196   2.916   0.768   1.00 26.25 ? 49   VAL A CG1 1 
ATOM   378  C  CG2 . VAL A 1 49  ? 1.847   3.798   0.761   1.00 26.29 ? 49   VAL A CG2 1 
ATOM   379  N  N   . LEU A 1 50  ? 4.077   -0.113  -0.566  1.00 26.61 ? 50   LEU A N   1 
ATOM   380  C  CA  . LEU A 1 50  ? 4.897   -1.312  -0.423  1.00 26.81 ? 50   LEU A CA  1 
ATOM   381  C  C   . LEU A 1 50  ? 6.358   -1.043  -0.067  1.00 26.98 ? 50   LEU A C   1 
ATOM   382  O  O   . LEU A 1 50  ? 7.010   -0.189  -0.666  1.00 26.97 ? 50   LEU A O   1 
ATOM   383  C  CB  . LEU A 1 50  ? 4.828   -2.117  -1.725  1.00 26.79 ? 50   LEU A CB  1 
ATOM   384  C  CG  . LEU A 1 50  ? 5.503   -3.485  -1.831  1.00 26.84 ? 50   LEU A CG  1 
ATOM   385  C  CD1 . LEU A 1 50  ? 4.880   -4.457  -0.838  1.00 26.82 ? 50   LEU A CD1 1 
ATOM   386  C  CD2 . LEU A 1 50  ? 5.376   -4.013  -3.251  1.00 26.83 ? 50   LEU A CD2 1 
ATOM   387  N  N   . SER A 1 51  ? 6.858   -1.769  0.931   1.00 27.18 ? 51   SER A N   1 
ATOM   388  C  CA  . SER A 1 51  ? 8.254   -1.671  1.349   1.00 27.40 ? 51   SER A CA  1 
ATOM   389  C  C   . SER A 1 51  ? 8.635   -2.980  2.023   1.00 27.57 ? 51   SER A C   1 
ATOM   390  O  O   . SER A 1 51  ? 7.786   -3.846  2.228   1.00 27.58 ? 51   SER A O   1 
ATOM   391  C  CB  . SER A 1 51  ? 8.476   -0.512  2.336   1.00 27.37 ? 51   SER A CB  1 
ATOM   392  O  OG  . SER A 1 51  ? 8.039   -0.839  3.648   1.00 27.24 ? 51   SER A OG  1 
ATOM   393  N  N   . THR A 1 52  ? 9.913   -3.148  2.337   1.00 27.84 ? 52   THR A N   1 
ATOM   394  C  CA  . THR A 1 52  ? 10.325  -4.359  3.040   1.00 28.12 ? 52   THR A CA  1 
ATOM   395  C  C   . THR A 1 52  ? 9.756   -4.205  4.452   1.00 28.34 ? 52   THR A C   1 
ATOM   396  O  O   . THR A 1 52  ? 9.494   -3.087  4.896   1.00 28.29 ? 52   THR A O   1 
ATOM   397  C  CB  . THR A 1 52  ? 11.874  -4.530  3.071   1.00 28.08 ? 52   THR A CB  1 
ATOM   398  O  OG1 . THR A 1 52  ? 12.484  -3.405  3.720   1.00 28.06 ? 52   THR A OG1 1 
ATOM   399  C  CG2 . THR A 1 52  ? 12.430  -4.654  1.651   1.00 28.09 ? 52   THR A CG2 1 
ATOM   400  N  N   . ALA A 1 53  ? 9.499   -5.326  5.124   1.00 28.62 ? 53   ALA A N   1 
ATOM   401  C  CA  . ALA A 1 53  ? 8.953   -5.306  6.480   1.00 28.89 ? 53   ALA A CA  1 
ATOM   402  C  C   . ALA A 1 53  ? 9.874   -4.502  7.393   1.00 29.07 ? 53   ALA A C   1 
ATOM   403  O  O   . ALA A 1 53  ? 9.426   -3.860  8.340   1.00 29.12 ? 53   ALA A O   1 
ATOM   404  C  CB  . ALA A 1 53  ? 8.813   -6.718  7.002   1.00 28.93 ? 53   ALA A CB  1 
ATOM   405  N  N   . ALA A 1 54  ? 11.159  -4.513  7.063   1.00 29.28 ? 54   ALA A N   1 
ATOM   406  C  CA  . ALA A 1 54  ? 12.150  -3.804  7.849   1.00 29.49 ? 54   ALA A CA  1 
ATOM   407  C  C   . ALA A 1 54  ? 12.115  -2.290  7.677   1.00 29.66 ? 54   ALA A C   1 
ATOM   408  O  O   . ALA A 1 54  ? 12.558  -1.568  8.566   1.00 29.70 ? 54   ALA A O   1 
ATOM   409  C  CB  . ALA A 1 54  ? 13.524  -4.342  7.536   1.00 29.45 ? 54   ALA A CB  1 
ATOM   410  N  N   . ASP A 1 55  ? 11.588  -1.809  6.551   1.00 29.80 ? 55   ASP A N   1 
ATOM   411  C  CA  . ASP A 1 55  ? 11.512  -0.366  6.296   1.00 30.02 ? 55   ASP A CA  1 
ATOM   412  C  C   . ASP A 1 55  ? 10.148  0.243   6.594   1.00 30.11 ? 55   ASP A C   1 
ATOM   413  O  O   . ASP A 1 55  ? 10.000  1.465   6.553   1.00 30.14 ? 55   ASP A O   1 
ATOM   414  C  CB  . ASP A 1 55  ? 11.844  -0.049  4.835   1.00 30.04 ? 55   ASP A CB  1 
ATOM   415  C  CG  . ASP A 1 55  ? 13.334  -0.010  4.552   1.00 30.17 ? 55   ASP A CG  1 
ATOM   416  O  OD1 . ASP A 1 55  ? 14.135  0.241   5.476   1.00 30.23 ? 55   ASP A OD1 1 
ATOM   417  O  OD2 . ASP A 1 55  ? 13.703  -0.209  3.377   1.00 30.12 ? 55   ASP A OD2 1 
ATOM   418  N  N   . MET A 1 56  ? 9.161   -0.602  6.878   1.00 30.26 ? 56   MET A N   1 
ATOM   419  C  CA  . MET A 1 56  ? 7.803   -0.142  7.135   1.00 30.39 ? 56   MET A CA  1 
ATOM   420  C  C   . MET A 1 56  ? 7.683   0.994   8.138   1.00 30.49 ? 56   MET A C   1 
ATOM   421  O  O   . MET A 1 56  ? 7.088   2.032   7.836   1.00 30.48 ? 56   MET A O   1 
ATOM   422  C  CB  . MET A 1 56  ? 6.903   -1.298  7.569   1.00 30.43 ? 56   MET A CB  1 
ATOM   423  C  CG  . MET A 1 56  ? 5.497   -0.839  7.893   1.00 30.48 ? 56   MET A CG  1 
ATOM   424  S  SD  . MET A 1 56  ? 4.341   -2.129  8.342   1.00 30.54 ? 56   MET A SD  1 
ATOM   425  C  CE  . MET A 1 56  ? 2.899   -1.147  8.764   1.00 30.58 ? 56   MET A CE  1 
ATOM   426  N  N   . GLN A 1 57  ? 8.233   0.791   9.330   1.00 30.59 ? 57   GLN A N   1 
ATOM   427  C  CA  . GLN A 1 57  ? 8.170   1.803   10.375  1.00 30.70 ? 57   GLN A CA  1 
ATOM   428  C  C   . GLN A 1 57  ? 8.686   3.169   9.959   1.00 30.67 ? 57   GLN A C   1 
ATOM   429  O  O   . GLN A 1 57  ? 8.044   4.182   10.233  1.00 30.67 ? 57   GLN A O   1 
ATOM   430  C  CB  . GLN A 1 57  ? 8.905   1.331   11.624  1.00 30.87 ? 57   GLN A CB  1 
ATOM   431  C  CG  . GLN A 1 57  ? 7.979   0.772   12.679  1.00 31.15 ? 57   GLN A CG  1 
ATOM   432  C  CD  . GLN A 1 57  ? 7.049   1.826   13.249  1.00 31.25 ? 57   GLN A CD  1 
ATOM   433  O  OE1 . GLN A 1 57  ? 6.065   2.218   12.617  1.00 31.42 ? 57   GLN A OE1 1 
ATOM   434  N  NE2 . GLN A 1 57  ? 7.362   2.298   14.452  1.00 31.40 ? 57   GLN A NE2 1 
ATOM   435  N  N   . GLY A 1 58  ? 9.849   3.189   9.312   1.00 30.65 ? 58   GLY A N   1 
ATOM   436  C  CA  . GLY A 1 58  ? 10.440  4.438   8.866   1.00 30.61 ? 58   GLY A CA  1 
ATOM   437  C  C   . GLY A 1 58  ? 9.588   5.131   7.824   1.00 30.64 ? 58   GLY A C   1 
ATOM   438  O  O   . GLY A 1 58  ? 9.405   6.348   7.875   1.00 30.63 ? 58   GLY A O   1 
ATOM   439  N  N   . VAL A 1 59  ? 9.066   4.356   6.877   1.00 30.63 ? 59   VAL A N   1 
ATOM   440  C  CA  . VAL A 1 59  ? 8.216   4.904   5.818   1.00 30.67 ? 59   VAL A CA  1 
ATOM   441  C  C   . VAL A 1 59  ? 6.948   5.508   6.405   1.00 30.71 ? 59   VAL A C   1 
ATOM   442  O  O   . VAL A 1 59  ? 6.572   6.617   6.050   1.00 30.69 ? 59   VAL A O   1 
ATOM   443  C  CB  . VAL A 1 59  ? 7.834   3.829   4.784   1.00 30.65 ? 59   VAL A CB  1 
ATOM   444  C  CG1 . VAL A 1 59  ? 6.812   4.383   3.794   1.00 30.57 ? 59   VAL A CG1 1 
ATOM   445  C  CG2 . VAL A 1 59  ? 9.072   3.354   4.061   1.00 30.61 ? 59   VAL A CG2 1 
ATOM   446  N  N   . VAL A 1 60  ? 6.312   4.770   7.311   1.00 30.83 ? 60   VAL A N   1 
ATOM   447  C  CA  . VAL A 1 60  ? 5.092   5.216   7.978   1.00 30.96 ? 60   VAL A CA  1 
ATOM   448  C  C   . VAL A 1 60  ? 5.372   6.449   8.828   1.00 31.07 ? 60   VAL A C   1 
ATOM   449  O  O   . VAL A 1 60  ? 4.662   7.448   8.728   1.00 31.09 ? 60   VAL A O   1 
ATOM   450  C  CB  . VAL A 1 60  ? 4.520   4.118   8.891   1.00 30.95 ? 60   VAL A CB  1 
ATOM   451  C  CG1 . VAL A 1 60  ? 3.363   4.669   9.718   1.00 30.94 ? 60   VAL A CG1 1 
ATOM   452  C  CG2 . VAL A 1 60  ? 4.065   2.927   8.063   1.00 30.99 ? 60   VAL A CG2 1 
ATOM   453  N  N   . THR A 1 61  ? 6.408   6.369   9.662   1.00 31.18 ? 61   THR A N   1 
ATOM   454  C  CA  . THR A 1 61  ? 6.794   7.480   10.534  1.00 31.33 ? 61   THR A CA  1 
ATOM   455  C  C   . THR A 1 61  ? 7.024   8.772   9.752   1.00 31.47 ? 61   THR A C   1 
ATOM   456  O  O   . THR A 1 61  ? 6.449   9.812   10.075  1.00 31.48 ? 61   THR A O   1 
ATOM   457  C  CB  . THR A 1 61  ? 8.072   7.145   11.332  1.00 31.27 ? 61   THR A CB  1 
ATOM   458  O  OG1 . THR A 1 61  ? 7.789   6.106   12.277  1.00 31.32 ? 61   THR A OG1 1 
ATOM   459  C  CG2 . THR A 1 61  ? 8.594   8.379   12.068  1.00 31.28 ? 61   THR A CG2 1 
ATOM   460  N  N   . ASP A 1 62  ? 7.846   8.692   8.711   1.00 31.65 ? 62   ASP A N   1 
ATOM   461  C  CA  . ASP A 1 62  ? 8.166   9.852   7.891   1.00 31.88 ? 62   ASP A CA  1 
ATOM   462  C  C   . ASP A 1 62  ? 7.016   10.317  7.003   1.00 32.03 ? 62   ASP A C   1 
ATOM   463  O  O   . ASP A 1 62  ? 6.866   11.513  6.753   1.00 32.06 ? 62   ASP A O   1 
ATOM   464  C  CB  . ASP A 1 62  ? 9.418   9.580   7.047   1.00 31.92 ? 62   ASP A CB  1 
ATOM   465  C  CG  . ASP A 1 62  ? 10.689  9.482   7.887   1.00 31.98 ? 62   ASP A CG  1 
ATOM   466  O  OD1 . ASP A 1 62  ? 10.695  9.923   9.057   1.00 31.96 ? 62   ASP A OD1 1 
ATOM   467  O  OD2 . ASP A 1 62  ? 11.701  8.971   7.364   1.00 32.03 ? 62   ASP A OD2 1 
ATOM   468  N  N   . GLY A 1 63  ? 6.215   9.371   6.518   1.00 32.20 ? 63   GLY A N   1 
ATOM   469  C  CA  . GLY A 1 63  ? 5.085   9.713   5.673   1.00 32.44 ? 63   GLY A CA  1 
ATOM   470  C  C   . GLY A 1 63  ? 4.026   10.500  6.427   1.00 32.65 ? 63   GLY A C   1 
ATOM   471  O  O   . GLY A 1 63  ? 3.515   11.504  5.932   1.00 32.66 ? 63   GLY A O   1 
ATOM   472  N  N   . MET A 1 64  ? 3.708   10.060  7.639   1.00 32.85 ? 64   MET A N   1 
ATOM   473  C  CA  . MET A 1 64  ? 2.705   10.751  8.440   1.00 33.09 ? 64   MET A CA  1 
ATOM   474  C  C   . MET A 1 64  ? 3.105   12.193  8.757   1.00 33.15 ? 64   MET A C   1 
ATOM   475  O  O   . MET A 1 64  ? 2.245   13.046  8.954   1.00 33.16 ? 64   MET A O   1 
ATOM   476  C  CB  . MET A 1 64  ? 2.416   9.980   9.729   1.00 33.21 ? 64   MET A CB  1 
ATOM   477  C  CG  . MET A 1 64  ? 1.822   8.589   9.498   1.00 33.42 ? 64   MET A CG  1 
ATOM   478  S  SD  . MET A 1 64  ? 1.245   7.842   11.028  1.00 33.60 ? 64   MET A SD  1 
ATOM   479  C  CE  . MET A 1 64  ? 2.683   8.113   12.011  1.00 33.69 ? 64   MET A CE  1 
ATOM   480  N  N   . ALA A 1 65  ? 4.408   12.465  8.737   1.00 33.25 ? 65   ALA A N   1 
ATOM   481  C  CA  . ALA A 1 65  ? 4.942   13.791  9.034   1.00 33.37 ? 65   ALA A CA  1 
ATOM   482  C  C   . ALA A 1 65  ? 4.993   14.713  7.817   1.00 33.44 ? 65   ALA A C   1 
ATOM   483  O  O   . ALA A 1 65  ? 5.185   15.921  7.955   1.00 33.43 ? 65   ALA A O   1 
ATOM   484  C  CB  . ALA A 1 65  ? 6.337   13.662  9.650   1.00 33.42 ? 65   ALA A CB  1 
ATOM   485  N  N   . SER A 1 66  ? 4.817   14.140  6.632   1.00 33.49 ? 66   SER A N   1 
ATOM   486  C  CA  . SER A 1 66  ? 4.855   14.898  5.386   1.00 33.60 ? 66   SER A CA  1 
ATOM   487  C  C   . SER A 1 66  ? 3.550   15.618  5.046   1.00 33.65 ? 66   SER A C   1 
ATOM   488  O  O   . SER A 1 66  ? 3.516   16.448  4.141   1.00 33.65 ? 66   SER A O   1 
ATOM   489  C  CB  . SER A 1 66  ? 5.270   13.980  4.233   1.00 33.59 ? 66   SER A CB  1 
ATOM   490  O  OG  . SER A 1 66  ? 6.536   13.397  4.493   1.00 33.61 ? 66   SER A OG  1 
ATOM   491  N  N   . GLY A 1 67  ? 2.476   15.294  5.761   1.00 33.72 ? 67   GLY A N   1 
ATOM   492  C  CA  . GLY A 1 67  ? 1.199   15.945  5.509   1.00 33.81 ? 67   GLY A CA  1 
ATOM   493  C  C   . GLY A 1 67  ? 0.393   15.437  4.326   1.00 33.86 ? 67   GLY A C   1 
ATOM   494  O  O   . GLY A 1 67  ? 0.909   14.724  3.457   1.00 33.85 ? 67   GLY A O   1 
ATOM   495  N  N   . LEU A 1 68  ? -0.876  15.846  4.290   1.00 33.93 ? 68   LEU A N   1 
ATOM   496  C  CA  . LEU A 1 68  ? -1.832  15.465  3.248   1.00 34.00 ? 68   LEU A CA  1 
ATOM   497  C  C   . LEU A 1 68  ? -1.418  15.816  1.827   1.00 34.05 ? 68   LEU A C   1 
ATOM   498  O  O   . LEU A 1 68  ? -1.512  14.986  0.916   1.00 34.05 ? 68   LEU A O   1 
ATOM   499  C  CB  . LEU A 1 68  ? -3.193  16.104  3.529   1.00 34.01 ? 68   LEU A CB  1 
ATOM   500  C  CG  . LEU A 1 68  ? -4.277  15.883  2.471   1.00 34.04 ? 68   LEU A CG  1 
ATOM   501  C  CD1 . LEU A 1 68  ? -4.622  14.407  2.392   1.00 34.03 ? 68   LEU A CD1 1 
ATOM   502  C  CD2 . LEU A 1 68  ? -5.508  16.706  2.812   1.00 34.03 ? 68   LEU A CD2 1 
ATOM   503  N  N   . ASP A 1 69  ? -1.010  17.066  1.633   1.00 34.08 ? 69   ASP A N   1 
ATOM   504  C  CA  . ASP A 1 69  ? -0.596  17.551  0.322   1.00 34.10 ? 69   ASP A CA  1 
ATOM   505  C  C   . ASP A 1 69  ? 0.462   16.672  -0.336  1.00 34.03 ? 69   ASP A C   1 
ATOM   506  O  O   . ASP A 1 69  ? 0.503   16.561  -1.568  1.00 34.03 ? 69   ASP A O   1 
ATOM   507  C  CB  . ASP A 1 69  ? -0.111  19.003  0.421   1.00 34.29 ? 69   ASP A CB  1 
ATOM   508  C  CG  . ASP A 1 69  ? 1.100   19.164  1.334   1.00 34.41 ? 69   ASP A CG  1 
ATOM   509  O  OD1 . ASP A 1 69  ? 1.067   18.708  2.500   1.00 34.49 ? 69   ASP A OD1 1 
ATOM   510  O  OD2 . ASP A 1 69  ? 2.093   19.768  0.878   1.00 34.59 ? 69   ASP A OD2 1 
ATOM   511  N  N   . LYS A 1 70  ? 1.276   16.017  0.493   1.00 33.88 ? 70   LYS A N   1 
ATOM   512  C  CA  . LYS A 1 70  ? 2.342   15.133  0.025   1.00 33.75 ? 70   LYS A CA  1 
ATOM   513  C  C   . LYS A 1 70  ? 1.923   13.658  0.032   1.00 33.61 ? 70   LYS A C   1 
ATOM   514  O  O   . LYS A 1 70  ? 2.781   12.771  -0.019  1.00 33.63 ? 70   LYS A O   1 
ATOM   515  C  CB  . LYS A 1 70  ? 3.594   15.309  0.892   1.00 33.83 ? 70   LYS A CB  1 
ATOM   516  C  CG  . LYS A 1 70  ? 4.222   16.698  0.848   1.00 34.00 ? 70   LYS A CG  1 
ATOM   517  C  CD  . LYS A 1 70  ? 4.760   17.014  -0.533  1.00 34.10 ? 70   LYS A CD  1 
ATOM   518  C  CE  . LYS A 1 70  ? 5.107   18.483  -0.690  1.00 34.15 ? 70   LYS A CE  1 
ATOM   519  N  NZ  . LYS A 1 70  ? 5.379   18.792  -2.127  1.00 34.19 ? 70   LYS A NZ  1 
ATOM   520  N  N   . ASP A 1 71  ? 0.615   13.407  0.097   1.00 33.46 ? 71   ASP A N   1 
ATOM   521  C  CA  . ASP A 1 71  ? 0.059   12.050  0.117   1.00 33.28 ? 71   ASP A CA  1 
ATOM   522  C  C   . ASP A 1 71  ? 0.617   11.167  1.228   1.00 33.13 ? 71   ASP A C   1 
ATOM   523  O  O   . ASP A 1 71  ? 0.711   9.947   1.078   1.00 33.09 ? 71   ASP A O   1 
ATOM   524  C  CB  . ASP A 1 71  ? 0.252   11.367  -1.237  1.00 33.30 ? 71   ASP A CB  1 
ATOM   525  C  CG  . ASP A 1 71  ? -1.058  11.141  -1.963  1.00 33.34 ? 71   ASP A CG  1 
ATOM   526  O  OD1 . ASP A 1 71  ? -1.971  11.989  -1.844  1.00 33.33 ? 71   ASP A OD1 1 
ATOM   527  O  OD2 . ASP A 1 71  ? -1.181  10.110  -2.649  1.00 33.34 ? 71   ASP A OD2 1 
ATOM   528  N  N   . TYR A 1 72  ? 0.974   11.799  2.341   1.00 32.93 ? 72   TYR A N   1 
ATOM   529  C  CA  . TYR A 1 72  ? 1.527   11.109  3.499   1.00 32.81 ? 72   TYR A CA  1 
ATOM   530  C  C   . TYR A 1 72  ? 2.718   10.204  3.191   1.00 32.73 ? 72   TYR A C   1 
ATOM   531  O  O   . TYR A 1 72  ? 2.842   9.109   3.726   1.00 32.70 ? 72   TYR A O   1 
ATOM   532  C  CB  . TYR A 1 72  ? 0.421   10.376  4.266   1.00 32.71 ? 72   TYR A CB  1 
ATOM   533  C  CG  . TYR A 1 72  ? -0.509  11.340  4.962   1.00 32.59 ? 72   TYR A CG  1 
ATOM   534  C  CD1 . TYR A 1 72  ? -0.051  12.117  6.023   1.00 32.55 ? 72   TYR A CD1 1 
ATOM   535  C  CD2 . TYR A 1 72  ? -1.827  11.506  4.541   1.00 32.54 ? 72   TYR A CD2 1 
ATOM   536  C  CE1 . TYR A 1 72  ? -0.874  13.039  6.649   1.00 32.57 ? 72   TYR A CE1 1 
ATOM   537  C  CE2 . TYR A 1 72  ? -2.667  12.430  5.163   1.00 32.55 ? 72   TYR A CE2 1 
ATOM   538  C  CZ  . TYR A 1 72  ? -2.180  13.190  6.220   1.00 32.56 ? 72   TYR A CZ  1 
ATOM   539  O  OH  . TYR A 1 72  ? -2.996  14.086  6.867   1.00 32.54 ? 72   TYR A OH  1 
ATOM   540  N  N   . LEU A 1 73  ? 3.603   10.706  2.332   1.00 32.68 ? 73   LEU A N   1 
ATOM   541  C  CA  . LEU A 1 73  ? 4.821   10.011  1.934   1.00 32.61 ? 73   LEU A CA  1 
ATOM   542  C  C   . LEU A 1 73  ? 5.969   11.008  1.921   1.00 32.58 ? 73   LEU A C   1 
ATOM   543  O  O   . LEU A 1 73  ? 5.786   12.168  1.544   1.00 32.56 ? 73   LEU A O   1 
ATOM   544  C  CB  . LEU A 1 73  ? 4.680   9.419   0.533   1.00 32.59 ? 73   LEU A CB  1 
ATOM   545  C  CG  . LEU A 1 73  ? 3.803   8.189   0.356   1.00 32.57 ? 73   LEU A CG  1 
ATOM   546  C  CD1 . LEU A 1 73  ? 3.893   7.722   -1.085  1.00 32.58 ? 73   LEU A CD1 1 
ATOM   547  C  CD2 . LEU A 1 73  ? 4.266   7.096   1.305   1.00 32.55 ? 73   LEU A CD2 1 
ATOM   548  N  N   . LYS A 1 74  ? 7.143   10.567  2.363   1.00 32.55 ? 74   LYS A N   1 
ATOM   549  C  CA  . LYS A 1 74  ? 8.318   11.430  2.360   1.00 32.54 ? 74   LYS A CA  1 
ATOM   550  C  C   . LYS A 1 74  ? 8.692   11.577  0.891   1.00 32.48 ? 74   LYS A C   1 
ATOM   551  O  O   . LYS A 1 74  ? 8.855   10.577  0.188   1.00 32.50 ? 74   LYS A O   1 
ATOM   552  C  CB  . LYS A 1 74  ? 9.462   10.767  3.136   1.00 32.59 ? 74   LYS A CB  1 
ATOM   553  C  CG  . LYS A 1 74  ? 10.763  11.558  3.176   1.00 32.70 ? 74   LYS A CG  1 
ATOM   554  C  CD  . LYS A 1 74  ? 11.809  10.793  3.976   1.00 32.77 ? 74   LYS A CD  1 
ATOM   555  C  CE  . LYS A 1 74  ? 13.225  11.268  3.690   1.00 32.81 ? 74   LYS A CE  1 
ATOM   556  N  NZ  . LYS A 1 74  ? 14.206  10.240  4.159   1.00 32.87 ? 74   LYS A NZ  1 
ATOM   557  N  N   . PRO A 1 75  ? 8.809   12.823  0.399   1.00 32.43 ? 75   PRO A N   1 
ATOM   558  C  CA  . PRO A 1 75  ? 9.165   13.031  -1.007  1.00 32.39 ? 75   PRO A CA  1 
ATOM   559  C  C   . PRO A 1 75  ? 10.413  12.233  -1.372  1.00 32.35 ? 75   PRO A C   1 
ATOM   560  O  O   . PRO A 1 75  ? 11.369  12.189  -0.604  1.00 32.35 ? 75   PRO A O   1 
ATOM   561  C  CB  . PRO A 1 75  ? 9.428   14.536  -1.070  1.00 32.41 ? 75   PRO A CB  1 
ATOM   562  C  CG  . PRO A 1 75  ? 8.496   15.082  -0.029  1.00 32.40 ? 75   PRO A CG  1 
ATOM   563  C  CD  . PRO A 1 75  ? 8.700   14.110  1.109   1.00 32.39 ? 75   PRO A CD  1 
ATOM   564  N  N   . ASP A 1 76  ? 10.342  11.527  -2.497  1.00 32.31 ? 76   ASP A N   1 
ATOM   565  C  CA  . ASP A 1 76  ? 11.448  10.717  -3.006  1.00 32.20 ? 76   ASP A CA  1 
ATOM   566  C  C   . ASP A 1 76  ? 12.003  9.671   -2.020  1.00 32.06 ? 76   ASP A C   1 
ATOM   567  O  O   . ASP A 1 76  ? 13.196  9.363   -2.039  1.00 32.08 ? 76   ASP A O   1 
ATOM   568  C  CB  . ASP A 1 76  ? 12.572  11.632  -3.529  1.00 32.36 ? 76   ASP A CB  1 
ATOM   569  C  CG  . ASP A 1 76  ? 12.074  12.642  -4.575  1.00 32.48 ? 76   ASP A CG  1 
ATOM   570  O  OD1 . ASP A 1 76  ? 11.607  12.216  -5.656  1.00 32.56 ? 76   ASP A OD1 1 
ATOM   571  O  OD2 . ASP A 1 76  ? 12.142  13.865  -4.304  1.00 32.53 ? 76   ASP A OD2 1 
ATOM   572  N  N   . ASP A 1 77  ? 11.129  9.099   -1.193  1.00 31.83 ? 77   ASP A N   1 
ATOM   573  C  CA  . ASP A 1 77  ? 11.521  8.077   -0.215  1.00 31.59 ? 77   ASP A CA  1 
ATOM   574  C  C   . ASP A 1 77  ? 11.970  6.820   -0.966  1.00 31.46 ? 77   ASP A C   1 
ATOM   575  O  O   . ASP A 1 77  ? 11.168  6.169   -1.632  1.00 31.45 ? 77   ASP A O   1 
ATOM   576  C  CB  . ASP A 1 77  ? 10.337  7.754   0.708   1.00 31.54 ? 77   ASP A CB  1 
ATOM   577  C  CG  . ASP A 1 77  ? 10.745  6.974   1.954   1.00 31.53 ? 77   ASP A CG  1 
ATOM   578  O  OD1 . ASP A 1 77  ? 11.730  6.208   1.902   1.00 31.44 ? 77   ASP A OD1 1 
ATOM   579  O  OD2 . ASP A 1 77  ? 10.075  7.132   2.996   1.00 31.45 ? 77   ASP A OD2 1 
ATOM   580  N  N   . SER A 1 78  ? 13.255  6.487   -0.849  1.00 31.32 ? 78   SER A N   1 
ATOM   581  C  CA  . SER A 1 78  ? 13.832  5.326   -1.533  1.00 31.13 ? 78   SER A CA  1 
ATOM   582  C  C   . SER A 1 78  ? 13.401  3.976   -0.975  1.00 30.95 ? 78   SER A C   1 
ATOM   583  O  O   . SER A 1 78  ? 13.604  2.947   -1.611  1.00 30.98 ? 78   SER A O   1 
ATOM   584  C  CB  . SER A 1 78  ? 15.364  5.419   -1.563  1.00 31.18 ? 78   SER A CB  1 
ATOM   585  O  OG  . SER A 1 78  ? 15.905  5.520   -0.255  1.00 31.28 ? 78   SER A OG  1 
ATOM   586  N  N   . ARG A 1 79  ? 12.794  3.983   0.207   1.00 30.73 ? 79   ARG A N   1 
ATOM   587  C  CA  . ARG A 1 79  ? 12.319  2.750   0.832   1.00 30.48 ? 79   ARG A CA  1 
ATOM   588  C  C   . ARG A 1 79  ? 10.965  2.323   0.277   1.00 30.32 ? 79   ARG A C   1 
ATOM   589  O  O   . ARG A 1 79  ? 10.488  1.228   0.566   1.00 30.32 ? 79   ARG A O   1 
ATOM   590  C  CB  . ARG A 1 79  ? 12.220  2.922   2.342   1.00 30.45 ? 79   ARG A CB  1 
ATOM   591  C  CG  . ARG A 1 79  ? 13.542  3.187   3.029   1.00 30.39 ? 79   ARG A CG  1 
ATOM   592  C  CD  . ARG A 1 79  ? 13.301  3.703   4.441   1.00 30.33 ? 79   ARG A CD  1 
ATOM   593  N  NE  . ARG A 1 79  ? 12.605  4.986   4.414   1.00 30.21 ? 79   ARG A NE  1 
ATOM   594  C  CZ  . ARG A 1 79  ? 12.428  5.778   5.467   1.00 30.20 ? 79   ARG A CZ  1 
ATOM   595  N  NH1 . ARG A 1 79  ? 12.887  5.424   6.662   1.00 30.16 ? 79   ARG A NH1 1 
ATOM   596  N  NH2 . ARG A 1 79  ? 11.826  6.951   5.313   1.00 30.17 ? 79   ARG A NH2 1 
ATOM   597  N  N   . VAL A 1 80  ? 10.316  3.212   -0.469  1.00 30.13 ? 80   VAL A N   1 
ATOM   598  C  CA  . VAL A 1 80  ? 9.030   2.894   -1.068  1.00 29.92 ? 80   VAL A CA  1 
ATOM   599  C  C   . VAL A 1 80  ? 9.290   2.191   -2.396  1.00 29.86 ? 80   VAL A C   1 
ATOM   600  O  O   . VAL A 1 80  ? 9.884   2.763   -3.306  1.00 29.85 ? 80   VAL A O   1 
ATOM   601  C  CB  . VAL A 1 80  ? 8.159   4.168   -1.286  1.00 29.88 ? 80   VAL A CB  1 
ATOM   602  C  CG1 . VAL A 1 80  ? 6.908   3.830   -2.091  1.00 29.80 ? 80   VAL A CG1 1 
ATOM   603  C  CG2 . VAL A 1 80  ? 7.760   4.769   0.057   1.00 29.85 ? 80   VAL A CG2 1 
ATOM   604  N  N   . ILE A 1 81  ? 8.888   0.927   -2.476  1.00 29.75 ? 81   ILE A N   1 
ATOM   605  C  CA  . ILE A 1 81  ? 9.068   0.132   -3.686  1.00 29.68 ? 81   ILE A CA  1 
ATOM   606  C  C   . ILE A 1 81  ? 8.038   0.535   -4.746  1.00 29.61 ? 81   ILE A C   1 
ATOM   607  O  O   . ILE A 1 81  ? 8.369   0.679   -5.916  1.00 29.61 ? 81   ILE A O   1 
ATOM   608  C  CB  . ILE A 1 81  ? 8.944   -1.376  -3.372  1.00 29.70 ? 81   ILE A CB  1 
ATOM   609  C  CG1 . ILE A 1 81  ? 10.057  -1.798  -2.408  1.00 29.71 ? 81   ILE A CG1 1 
ATOM   610  C  CG2 . ILE A 1 81  ? 9.007   -2.207  -4.653  1.00 29.71 ? 81   ILE A CG2 1 
ATOM   611  C  CD1 . ILE A 1 81  ? 9.890   -3.200  -1.854  1.00 29.66 ? 81   ILE A CD1 1 
ATOM   612  N  N   . ALA A 1 82  ? 6.798   0.730   -4.309  1.00 29.59 ? 82   ALA A N   1 
ATOM   613  C  CA  . ALA A 1 82  ? 5.693   1.118   -5.183  1.00 29.56 ? 82   ALA A CA  1 
ATOM   614  C  C   . ALA A 1 82  ? 4.549   1.586   -4.296  1.00 29.58 ? 82   ALA A C   1 
ATOM   615  O  O   . ALA A 1 82  ? 4.518   1.263   -3.112  1.00 29.54 ? 82   ALA A O   1 
ATOM   616  C  CB  . ALA A 1 82  ? 5.250   -0.071  -6.033  1.00 29.52 ? 82   ALA A CB  1 
ATOM   617  N  N   . HIS A 1 83  ? 3.623   2.361   -4.854  1.00 29.58 ? 83   HIS A N   1 
ATOM   618  C  CA  . HIS A 1 83  ? 2.493   2.859   -4.075  1.00 29.66 ? 83   HIS A CA  1 
ATOM   619  C  C   . HIS A 1 83  ? 1.400   3.447   -4.948  1.00 29.73 ? 83   HIS A C   1 
ATOM   620  O  O   . HIS A 1 83  ? 1.663   3.902   -6.063  1.00 29.73 ? 83   HIS A O   1 
ATOM   621  C  CB  . HIS A 1 83  ? 2.957   3.942   -3.090  1.00 29.56 ? 83   HIS A CB  1 
ATOM   622  C  CG  . HIS A 1 83  ? 3.299   5.248   -3.741  1.00 29.52 ? 83   HIS A CG  1 
ATOM   623  N  ND1 . HIS A 1 83  ? 2.415   6.305   -3.795  1.00 29.48 ? 83   HIS A ND1 1 
ATOM   624  C  CD2 . HIS A 1 83  ? 4.416   5.662   -4.385  1.00 29.52 ? 83   HIS A CD2 1 
ATOM   625  C  CE1 . HIS A 1 83  ? 2.972   7.312   -4.447  1.00 29.51 ? 83   HIS A CE1 1 
ATOM   626  N  NE2 . HIS A 1 83  ? 4.186   6.945   -4.813  1.00 29.46 ? 83   HIS A NE2 1 
ATOM   627  N  N   . THR A 1 84  ? 0.170   3.409   -4.444  1.00 29.86 ? 84   THR A N   1 
ATOM   628  C  CA  . THR A 1 84  ? -0.970  4.001   -5.149  1.00 30.00 ? 84   THR A CA  1 
ATOM   629  C  C   . THR A 1 84  ? -1.097  5.391   -4.545  1.00 30.15 ? 84   THR A C   1 
ATOM   630  O  O   . THR A 1 84  ? -0.389  5.731   -3.594  1.00 30.12 ? 84   THR A O   1 
ATOM   631  C  CB  . THR A 1 84  ? -2.314  3.282   -4.844  1.00 30.00 ? 84   THR A CB  1 
ATOM   632  O  OG1 . THR A 1 84  ? -2.659  3.459   -3.461  1.00 29.93 ? 84   THR A OG1 1 
ATOM   633  C  CG2 . THR A 1 84  ? -2.247  1.813   -5.169  1.00 29.96 ? 84   THR A CG2 1 
ATOM   634  N  N   . LYS A 1 85  ? -2.001  6.201   -5.076  1.00 30.33 ? 85   LYS A N   1 
ATOM   635  C  CA  . LYS A 1 85  ? -2.197  7.515   -4.493  1.00 30.52 ? 85   LYS A CA  1 
ATOM   636  C  C   . LYS A 1 85  ? -3.163  7.320   -3.317  1.00 30.68 ? 85   LYS A C   1 
ATOM   637  O  O   . LYS A 1 85  ? -3.741  6.236   -3.142  1.00 30.64 ? 85   LYS A O   1 
ATOM   638  C  CB  . LYS A 1 85  ? -2.776  8.496   -5.522  1.00 30.53 ? 85   LYS A CB  1 
ATOM   639  C  CG  . LYS A 1 85  ? -4.244  8.290   -5.853  1.00 30.51 ? 85   LYS A CG  1 
ATOM   640  C  CD  . LYS A 1 85  ? -4.775  9.421   -6.741  1.00 30.52 ? 85   LYS A CD  1 
ATOM   641  C  CE  . LYS A 1 85  ? -6.301  9.382   -6.834  1.00 30.56 ? 85   LYS A CE  1 
ATOM   642  N  NZ  . LYS A 1 85  ? -6.883  10.659  -7.343  1.00 30.57 ? 85   LYS A NZ  1 
ATOM   643  N  N   . LEU A 1 86  ? -3.299  8.348   -2.488  1.00 30.86 ? 86   LEU A N   1 
ATOM   644  C  CA  . LEU A 1 86  ? -4.202  8.287   -1.349  1.00 31.10 ? 86   LEU A CA  1 
ATOM   645  C  C   . LEU A 1 86  ? -5.613  8.554   -1.868  1.00 31.32 ? 86   LEU A C   1 
ATOM   646  O  O   . LEU A 1 86  ? -5.840  9.537   -2.579  1.00 31.30 ? 86   LEU A O   1 
ATOM   647  C  CB  . LEU A 1 86  ? -3.822  9.353   -0.328  1.00 31.03 ? 86   LEU A CB  1 
ATOM   648  C  CG  . LEU A 1 86  ? -4.535  9.340   1.023   1.00 31.01 ? 86   LEU A CG  1 
ATOM   649  C  CD1 . LEU A 1 86  ? -3.903  8.304   1.939   1.00 30.92 ? 86   LEU A CD1 1 
ATOM   650  C  CD2 . LEU A 1 86  ? -4.429  10.718  1.648   1.00 30.97 ? 86   LEU A CD2 1 
ATOM   651  N  N   . ILE A 1 87  ? -6.558  7.681   -1.528  1.00 31.57 ? 87   ILE A N   1 
ATOM   652  C  CA  . ILE A 1 87  ? -7.928  7.860   -1.989  1.00 31.87 ? 87   ILE A CA  1 
ATOM   653  C  C   . ILE A 1 87  ? -8.957  7.985   -0.874  1.00 32.11 ? 87   ILE A C   1 
ATOM   654  O  O   . ILE A 1 87  ? -8.700  7.633   0.280   1.00 32.08 ? 87   ILE A O   1 
ATOM   655  C  CB  . ILE A 1 87  ? -8.374  6.717   -2.930  1.00 31.80 ? 87   ILE A CB  1 
ATOM   656  C  CG1 . ILE A 1 87  ? -8.307  5.370   -2.209  1.00 31.79 ? 87   ILE A CG1 1 
ATOM   657  C  CG2 . ILE A 1 87  ? -7.529  6.700   -4.190  1.00 31.81 ? 87   ILE A CG2 1 
ATOM   658  C  CD1 . ILE A 1 87  ? -8.904  4.229   -2.998  1.00 31.74 ? 87   ILE A CD1 1 
ATOM   659  N  N   . GLY A 1 88  ? -10.127 8.501   -1.246  1.00 32.39 ? 88   GLY A N   1 
ATOM   660  C  CA  . GLY A 1 88  ? -11.223 8.661   -0.314  1.00 32.75 ? 88   GLY A CA  1 
ATOM   661  C  C   . GLY A 1 88  ? -12.458 7.954   -0.839  1.00 33.02 ? 88   GLY A C   1 
ATOM   662  O  O   . GLY A 1 88  ? -12.406 7.268   -1.865  1.00 33.00 ? 88   GLY A O   1 
ATOM   663  N  N   . SER A 1 89  ? -13.568 8.113   -0.126  1.00 33.32 ? 89   SER A N   1 
ATOM   664  C  CA  . SER A 1 89  ? -14.837 7.498   -0.498  1.00 33.61 ? 89   SER A CA  1 
ATOM   665  C  C   . SER A 1 89  ? -15.155 7.666   -1.980  1.00 33.80 ? 89   SER A C   1 
ATOM   666  O  O   . SER A 1 89  ? -15.048 8.769   -2.527  1.00 33.85 ? 89   SER A O   1 
ATOM   667  C  CB  . SER A 1 89  ? -15.968 8.115   0.326   1.00 33.63 ? 89   SER A CB  1 
ATOM   668  O  OG  . SER A 1 89  ? -17.248 7.713   -0.145  1.00 33.73 ? 89   SER A OG  1 
ATOM   669  N  N   . GLY A 1 90  ? -15.524 6.559   -2.623  1.00 34.00 ? 90   GLY A N   1 
ATOM   670  C  CA  . GLY A 1 90  ? -15.890 6.590   -4.031  1.00 34.23 ? 90   GLY A CA  1 
ATOM   671  C  C   . GLY A 1 90  ? -14.776 6.623   -5.058  1.00 34.42 ? 90   GLY A C   1 
ATOM   672  O  O   . GLY A 1 90  ? -15.006 6.325   -6.234  1.00 34.41 ? 90   GLY A O   1 
ATOM   673  N  N   . GLU A 1 91  ? -13.575 6.991   -4.629  1.00 34.60 ? 91   GLU A N   1 
ATOM   674  C  CA  . GLU A 1 91  ? -12.433 7.057   -5.535  1.00 34.75 ? 91   GLU A CA  1 
ATOM   675  C  C   . GLU A 1 91  ? -11.731 5.702   -5.656  1.00 34.82 ? 91   GLU A C   1 
ATOM   676  O  O   . GLU A 1 91  ? -12.052 4.753   -4.935  1.00 34.83 ? 91   GLU A O   1 
ATOM   677  C  CB  . GLU A 1 91  ? -11.443 8.116   -5.052  1.00 34.81 ? 91   GLU A CB  1 
ATOM   678  C  CG  . GLU A 1 91  ? -12.051 9.500   -4.897  1.00 34.94 ? 91   GLU A CG  1 
ATOM   679  C  CD  . GLU A 1 91  ? -11.057 10.536  -4.404  1.00 35.09 ? 91   GLU A CD  1 
ATOM   680  O  OE1 . GLU A 1 91  ? -10.018 10.152  -3.824  1.00 35.15 ? 91   GLU A OE1 1 
ATOM   681  O  OE2 . GLU A 1 91  ? -11.318 11.744  -4.595  1.00 35.14 ? 91   GLU A OE2 1 
ATOM   682  N  N   . LYS A 1 92  ? -10.805 5.611   -6.605  1.00 34.90 ? 92   LYS A N   1 
ATOM   683  C  CA  . LYS A 1 92  ? -10.036 4.391   -6.819  1.00 34.97 ? 92   LYS A CA  1 
ATOM   684  C  C   . LYS A 1 92  ? -8.727  4.710   -7.520  1.00 34.96 ? 92   LYS A C   1 
ATOM   685  O  O   . LYS A 1 92  ? -8.543  5.810   -8.042  1.00 34.95 ? 92   LYS A O   1 
ATOM   686  C  CB  . LYS A 1 92  ? -10.830 3.354   -7.623  1.00 35.07 ? 92   LYS A CB  1 
ATOM   687  C  CG  . LYS A 1 92  ? -10.961 3.645   -9.101  1.00 35.18 ? 92   LYS A CG  1 
ATOM   688  C  CD  . LYS A 1 92  ? -11.798 2.581   -9.788  1.00 35.32 ? 92   LYS A CD  1 
ATOM   689  C  CE  . LYS A 1 92  ? -12.257 3.057   -11.163 1.00 35.41 ? 92   LYS A CE  1 
ATOM   690  N  NZ  . LYS A 1 92  ? -11.139 3.604   -11.966 1.00 35.55 ? 92   LYS A NZ  1 
ATOM   691  N  N   . ASP A 1 93  ? -7.813  3.746   -7.505  1.00 34.95 ? 93   ASP A N   1 
ATOM   692  C  CA  . ASP A 1 93  ? -6.512  3.915   -8.135  1.00 34.94 ? 93   ASP A CA  1 
ATOM   693  C  C   . ASP A 1 93  ? -5.815  2.572   -8.285  1.00 34.91 ? 93   ASP A C   1 
ATOM   694  O  O   . ASP A 1 93  ? -6.109  1.622   -7.555  1.00 34.94 ? 93   ASP A O   1 
ATOM   695  C  CB  . ASP A 1 93  ? -5.642  4.868   -7.311  1.00 34.96 ? 93   ASP A CB  1 
ATOM   696  C  CG  . ASP A 1 93  ? -4.419  5.341   -8.069  1.00 35.00 ? 93   ASP A CG  1 
ATOM   697  O  OD1 . ASP A 1 93  ? -4.547  5.632   -9.276  1.00 34.99 ? 93   ASP A OD1 1 
ATOM   698  O  OD2 . ASP A 1 93  ? -3.332  5.420   -7.460  1.00 35.03 ? 93   ASP A OD2 1 
ATOM   699  N  N   . SER A 1 94  ? -4.898  2.494   -9.240  1.00 34.86 ? 94   SER A N   1 
ATOM   700  C  CA  . SER A 1 94  ? -4.154  1.267   -9.491  1.00 34.84 ? 94   SER A CA  1 
ATOM   701  C  C   . SER A 1 94  ? -2.663  1.538   -9.620  1.00 34.83 ? 94   SER A C   1 
ATOM   702  O  O   . SER A 1 94  ? -2.256  2.622   -10.023 1.00 34.81 ? 94   SER A O   1 
ATOM   703  C  CB  . SER A 1 94  ? -4.656  0.590   -10.769 1.00 34.88 ? 94   SER A CB  1 
ATOM   704  O  OG  . SER A 1 94  ? -6.016  0.215   -10.648 1.00 34.88 ? 94   SER A OG  1 
ATOM   705  N  N   . VAL A 1 95  ? -1.857  0.536   -9.293  1.00 34.79 ? 95   VAL A N   1 
ATOM   706  C  CA  . VAL A 1 95  ? -0.411  0.661   -9.389  1.00 34.77 ? 95   VAL A CA  1 
ATOM   707  C  C   . VAL A 1 95  ? 0.205   -0.628  -9.924  1.00 34.79 ? 95   VAL A C   1 
ATOM   708  O  O   . VAL A 1 95  ? -0.189  -1.729  -9.533  1.00 34.73 ? 95   VAL A O   1 
ATOM   709  C  CB  . VAL A 1 95  ? 0.227   1.014   -8.017  1.00 34.77 ? 95   VAL A CB  1 
ATOM   710  C  CG1 . VAL A 1 95  ? 0.020   -0.113  -7.018  1.00 34.71 ? 95   VAL A CG1 1 
ATOM   711  C  CG2 . VAL A 1 95  ? 1.702   1.317   -8.182  1.00 34.72 ? 95   VAL A CG2 1 
ATOM   712  N  N   . THR A 1 96  ? 1.131   -0.487  -10.867 1.00 34.77 ? 96   THR A N   1 
ATOM   713  C  CA  . THR A 1 96  ? 1.823   -1.639  -11.441 1.00 34.80 ? 96   THR A CA  1 
ATOM   714  C  C   . THR A 1 96  ? 3.326   -1.432  -11.237 1.00 34.87 ? 96   THR A C   1 
ATOM   715  O  O   . THR A 1 96  ? 3.840   -0.341  -11.469 1.00 34.85 ? 96   THR A O   1 
ATOM   716  C  CB  . THR A 1 96  ? 1.513   -1.811  -12.954 1.00 34.76 ? 96   THR A CB  1 
ATOM   717  O  OG1 . THR A 1 96  ? 0.097   -1.933  -13.144 1.00 34.72 ? 96   THR A OG1 1 
ATOM   718  C  CG2 . THR A 1 96  ? 2.177   -3.067  -13.496 1.00 34.70 ? 96   THR A CG2 1 
ATOM   719  N  N   . PHE A 1 97  ? 4.017   -2.465  -10.766 1.00 34.97 ? 97   PHE A N   1 
ATOM   720  C  CA  . PHE A 1 97  ? 5.461   -2.372  -10.525 1.00 35.07 ? 97   PHE A CA  1 
ATOM   721  C  C   . PHE A 1 97  ? 6.235   -3.580  -11.043 1.00 35.24 ? 97   PHE A C   1 
ATOM   722  O  O   . PHE A 1 97  ? 5.663   -4.654  -11.226 1.00 35.24 ? 97   PHE A O   1 
ATOM   723  C  CB  . PHE A 1 97  ? 5.749   -2.171  -9.024  1.00 34.98 ? 97   PHE A CB  1 
ATOM   724  C  CG  . PHE A 1 97  ? 5.238   -3.283  -8.146  1.00 34.88 ? 97   PHE A CG  1 
ATOM   725  C  CD1 . PHE A 1 97  ? 3.958   -3.222  -7.602  1.00 34.84 ? 97   PHE A CD1 1 
ATOM   726  C  CD2 . PHE A 1 97  ? 6.032   -4.388  -7.861  1.00 34.87 ? 97   PHE A CD2 1 
ATOM   727  C  CE1 . PHE A 1 97  ? 3.474   -4.251  -6.788  1.00 34.81 ? 97   PHE A CE1 1 
ATOM   728  C  CE2 . PHE A 1 97  ? 5.557   -5.420  -7.049  1.00 34.82 ? 97   PHE A CE2 1 
ATOM   729  C  CZ  . PHE A 1 97  ? 4.274   -5.349  -6.511  1.00 34.77 ? 97   PHE A CZ  1 
ATOM   730  N  N   . ASP A 1 98  ? 7.534   -3.388  -11.287 1.00 35.42 ? 98   ASP A N   1 
ATOM   731  C  CA  . ASP A 1 98  ? 8.418   -4.456  -11.760 1.00 35.63 ? 98   ASP A CA  1 
ATOM   732  C  C   . ASP A 1 98  ? 8.653   -5.481  -10.666 1.00 35.76 ? 98   ASP A C   1 
ATOM   733  O  O   . ASP A 1 98  ? 9.158   -5.139  -9.594  1.00 35.71 ? 98   ASP A O   1 
ATOM   734  C  CB  . ASP A 1 98  ? 9.784   -3.898  -12.167 1.00 35.70 ? 98   ASP A CB  1 
ATOM   735  C  CG  . ASP A 1 98  ? 9.749   -3.133  -13.472 1.00 35.78 ? 98   ASP A CG  1 
ATOM   736  O  OD1 . ASP A 1 98  ? 10.769  -2.539  -13.855 1.00 35.90 ? 98   ASP A OD1 1 
ATOM   737  O  OD2 . ASP A 1 98  ? 8.738   -3.142  -14.182 1.00 35.86 ? 98   ASP A OD2 1 
ATOM   738  N  N   . VAL A 1 99  ? 8.331   -6.740  -10.956 1.00 35.88 ? 99   VAL A N   1 
ATOM   739  C  CA  . VAL A 1 99  ? 8.528   -7.827  -9.998  1.00 36.03 ? 99   VAL A CA  1 
ATOM   740  C  C   . VAL A 1 99  ? 10.019  -8.021  -9.688  1.00 36.12 ? 99   VAL A C   1 
ATOM   741  O  O   . VAL A 1 99  ? 10.382  -8.573  -8.644  1.00 36.12 ? 99   VAL A O   1 
ATOM   742  C  CB  . VAL A 1 99  ? 7.883   -9.142  -10.520 1.00 36.02 ? 99   VAL A CB  1 
ATOM   743  C  CG1 . VAL A 1 99  ? 8.380   -10.351 -9.736  1.00 36.02 ? 99   VAL A CG1 1 
ATOM   744  C  CG2 . VAL A 1 99  ? 6.367   -9.047  -10.407 1.00 36.02 ? 99   VAL A CG2 1 
ATOM   745  N  N   . SER A 1 100 ? 10.880  -7.524  -10.572 1.00 36.29 ? 100  SER A N   1 
ATOM   746  C  CA  . SER A 1 100 ? 12.325  -7.628  -10.386 1.00 36.44 ? 100  SER A CA  1 
ATOM   747  C  C   . SER A 1 100 ? 12.798  -6.830  -9.168  1.00 36.51 ? 100  SER A C   1 
ATOM   748  O  O   . SER A 1 100 ? 13.947  -6.953  -8.740  1.00 36.50 ? 100  SER A O   1 
ATOM   749  C  CB  . SER A 1 100 ? 13.063  -7.187  -11.654 1.00 36.47 ? 100  SER A CB  1 
ATOM   750  O  OG  . SER A 1 100 ? 12.521  -5.992  -12.193 1.00 36.59 ? 100  SER A OG  1 
ATOM   751  N  N   . LYS A 1 101 ? 11.904  -6.014  -8.615  1.00 36.60 ? 101  LYS A N   1 
ATOM   752  C  CA  . LYS A 1 101 ? 12.207  -5.222  -7.426  1.00 36.71 ? 101  LYS A CA  1 
ATOM   753  C  C   . LYS A 1 101 ? 11.995  -6.043  -6.159  1.00 36.72 ? 101  LYS A C   1 
ATOM   754  O  O   . LYS A 1 101 ? 12.258  -5.567  -5.057  1.00 36.68 ? 101  LYS A O   1 
ATOM   755  C  CB  . LYS A 1 101 ? 11.346  -3.958  -7.366  1.00 36.81 ? 101  LYS A CB  1 
ATOM   756  C  CG  . LYS A 1 101 ? 11.786  -2.853  -8.307  1.00 36.92 ? 101  LYS A CG  1 
ATOM   757  C  CD  . LYS A 1 101 ? 10.958  -1.601  -8.096  1.00 37.02 ? 101  LYS A CD  1 
ATOM   758  C  CE  . LYS A 1 101 ? 11.192  -0.589  -9.207  1.00 37.07 ? 101  LYS A CE  1 
ATOM   759  N  NZ  . LYS A 1 101 ? 10.419  0.667   -8.977  1.00 37.19 ? 101  LYS A NZ  1 
ATOM   760  N  N   . LEU A 1 102 ? 11.499  -7.268  -6.324  1.00 36.74 ? 102  LEU A N   1 
ATOM   761  C  CA  . LEU A 1 102 ? 11.254  -8.169  -5.202  1.00 36.78 ? 102  LEU A CA  1 
ATOM   762  C  C   . LEU A 1 102 ? 12.208  -9.355  -5.256  1.00 36.78 ? 102  LEU A C   1 
ATOM   763  O  O   . LEU A 1 102 ? 12.731  -9.704  -6.316  1.00 36.77 ? 102  LEU A O   1 
ATOM   764  C  CB  . LEU A 1 102 ? 9.806   -8.671  -5.216  1.00 36.78 ? 102  LEU A CB  1 
ATOM   765  C  CG  . LEU A 1 102 ? 8.674   -7.638  -5.216  1.00 36.74 ? 102  LEU A CG  1 
ATOM   766  C  CD1 . LEU A 1 102 ? 7.339   -8.351  -5.167  1.00 36.75 ? 102  LEU A CD1 1 
ATOM   767  C  CD2 . LEU A 1 102 ? 8.817   -6.682  -4.043  1.00 36.75 ? 102  LEU A CD2 1 
ATOM   768  N  N   . LYS A 1 103 ? 12.455  -9.952  -4.096  1.00 36.78 ? 103  LYS A N   1 
ATOM   769  C  CA  . LYS A 1 103 ? 13.334  -11.117 -4.024  1.00 36.79 ? 103  LYS A CA  1 
ATOM   770  C  C   . LYS A 1 103 ? 12.806  -12.134 -3.074  1.00 36.73 ? 103  LYS A C   1 
ATOM   771  O  O   . LYS A 1 103 ? 12.054  -11.826 -2.117  1.00 36.71 ? 103  LYS A O   1 
ATOM   772  C  CB  . LYS A 1 103 ? 14.765  -10.739 -3.636  1.00 36.82 ? 103  LYS A CB  1 
ATOM   773  C  CG  . LYS A 1 103 ? 14.949  -10.314 -2.187  1.00 36.82 ? 103  LYS A CG  1 
ATOM   774  C  CD  . LYS A 1 103 ? 16.403  -10.010 -1.887  1.00 36.84 ? 103  LYS A CD  1 
ATOM   775  C  CE  . LYS A 1 103 ? 16.604  -9.608  -0.434  1.00 36.87 ? 103  LYS A CE  1 
ATOM   776  N  NZ  . LYS A 1 103 ? 18.013  -9.243  -0.135  1.00 36.93 ? 103  LYS A NZ  1 
ATOM   777  N  N   . GLU A 1 104 ? 13.209  -13.365 -3.370  1.00 36.67 ? 104  GLU A N   1 
ATOM   778  C  CA  . GLU A 1 104 ? 12.787  -14.497 -2.577  1.00 36.58 ? 104  GLU A CA  1 
ATOM   779  C  C   . GLU A 1 104 ? 13.301  -14.480 -1.154  1.00 36.41 ? 104  GLU A C   1 
ATOM   780  O  O   . GLU A 1 104 ? 14.403  -13.999 -0.886  1.00 36.41 ? 104  GLU A O   1 
ATOM   781  C  CB  . GLU A 1 104 ? 13.235  -15.793 -3.204  1.00 36.73 ? 104  GLU A CB  1 
ATOM   782  C  CG  . GLU A 1 104 ? 12.261  -16.388 -4.179  1.00 36.91 ? 104  GLU A CG  1 
ATOM   783  C  CD  . GLU A 1 104 ? 12.695  -17.784 -4.611  1.00 37.02 ? 104  GLU A CD  1 
ATOM   784  O  OE1 . GLU A 1 104 ? 13.721  -18.292 -4.095  1.00 37.15 ? 104  GLU A OE1 1 
ATOM   785  O  OE2 . GLU A 1 104 ? 12.012  -18.377 -5.473  1.00 37.10 ? 104  GLU A OE2 1 
ATOM   786  N  N   . GLY A 1 105 ? 12.453  -15.004 -0.268  1.00 36.19 ? 105  GLY A N   1 
ATOM   787  C  CA  . GLY A 1 105 ? 12.820  -15.115 1.114   1.00 35.90 ? 105  GLY A CA  1 
ATOM   788  C  C   . GLY A 1 105 ? 12.310  -13.980 1.946   1.00 35.68 ? 105  GLY A C   1 
ATOM   789  O  O   . GLY A 1 105 ? 11.523  -14.206 2.835   1.00 35.72 ? 105  GLY A O   1 
ATOM   790  N  N   . GLU A 1 106 ? 12.844  -12.802 1.634   1.00 35.40 ? 106  GLU A N   1 
ATOM   791  C  CA  . GLU A 1 106 ? 12.590  -11.519 2.270   1.00 35.10 ? 106  GLU A CA  1 
ATOM   792  C  C   . GLU A 1 106 ? 11.128  -11.168 2.380   1.00 34.78 ? 106  GLU A C   1 
ATOM   793  O  O   . GLU A 1 106 ? 10.374  -11.312 1.400   1.00 34.81 ? 106  GLU A O   1 
ATOM   794  C  CB  . GLU A 1 106 ? 13.361  -10.447 1.489   1.00 35.18 ? 106  GLU A CB  1 
ATOM   795  C  CG  . GLU A 1 106 ? 13.051  -8.988  1.822   1.00 35.26 ? 106  GLU A CG  1 
ATOM   796  C  CD  . GLU A 1 106 ? 14.084  -8.015  1.283   1.00 35.28 ? 106  GLU A CD  1 
ATOM   797  O  OE1 . GLU A 1 106 ? 13.945  -7.553  0.133   1.00 35.28 ? 106  GLU A OE1 1 
ATOM   798  O  OE2 . GLU A 1 106 ? 15.040  -7.710  2.020   1.00 35.37 ? 106  GLU A OE2 1 
ATOM   799  N  N   . GLN A 1 107 ? 10.734  -10.681 3.558   1.00 34.37 ? 107  GLN A N   1 
ATOM   800  C  CA  . GLN A 1 107 ? 9.358   -10.312 3.817   1.00 33.91 ? 107  GLN A CA  1 
ATOM   801  C  C   . GLN A 1 107 ? 9.017   -8.869  3.456   1.00 33.49 ? 107  GLN A C   1 
ATOM   802  O  O   . GLN A 1 107 ? 9.727   -7.951  3.829   1.00 33.46 ? 107  GLN A O   1 
ATOM   803  C  CB  . GLN A 1 107 ? 9.012   -10.559 5.284   1.00 34.06 ? 107  GLN A CB  1 
ATOM   804  C  CG  . GLN A 1 107 ? 8.854   -12.026 5.665   1.00 34.24 ? 107  GLN A CG  1 
ATOM   805  C  CD  . GLN A 1 107 ? 8.619   -12.221 7.161   1.00 34.43 ? 107  GLN A CD  1 
ATOM   806  O  OE1 . GLN A 1 107 ? 7.737   -12.980 7.568   1.00 34.50 ? 107  GLN A OE1 1 
ATOM   807  N  NE2 . GLN A 1 107 ? 9.418   -11.540 7.985   1.00 34.46 ? 107  GLN A NE2 1 
ATOM   808  N  N   . TYR A 1 108 ? 7.912   -8.698  2.737   1.00 32.96 ? 108  TYR A N   1 
ATOM   809  C  CA  . TYR A 1 108 ? 7.452   -7.380  2.363   1.00 32.43 ? 108  TYR A CA  1 
ATOM   810  C  C   . TYR A 1 108 ? 6.115   -7.142  3.071   1.00 32.03 ? 108  TYR A C   1 
ATOM   811  O  O   . TYR A 1 108 ? 5.420   -8.051  3.455   1.00 31.94 ? 108  TYR A O   1 
ATOM   812  C  CB  . TYR A 1 108 ? 7.265   -7.286  0.841   1.00 32.45 ? 108  TYR A CB  1 
ATOM   813  C  CG  . TYR A 1 108 ? 8.549   -7.478  0.073   1.00 32.46 ? 108  TYR A CG  1 
ATOM   814  C  CD1 . TYR A 1 108 ? 9.477   -6.446  -0.028  1.00 32.48 ? 108  TYR A CD1 1 
ATOM   815  C  CD2 . TYR A 1 108 ? 8.855   -8.699  -0.527  1.00 32.46 ? 108  TYR A CD2 1 
ATOM   816  C  CE1 . TYR A 1 108 ? 10.678  -6.619  -0.697  1.00 32.50 ? 108  TYR A CE1 1 
ATOM   817  C  CE2 . TYR A 1 108 ? 10.059  -8.885  -1.203  1.00 32.51 ? 108  TYR A CE2 1 
ATOM   818  C  CZ  . TYR A 1 108 ? 10.969  -7.840  -1.281  1.00 32.52 ? 108  TYR A CZ  1 
ATOM   819  O  OH  . TYR A 1 108 ? 12.186  -8.024  -1.901  1.00 32.47 ? 108  TYR A OH  1 
ATOM   820  N  N   . MET A 1 109 ? 5.807   -5.869  3.262   1.00 31.52 ? 109  MET A N   1 
ATOM   821  C  CA  . MET A 1 109 ? 4.558   -5.439  3.910   1.00 30.97 ? 109  MET A CA  1 
ATOM   822  C  C   . MET A 1 109 ? 3.884   -4.284  3.161   1.00 30.45 ? 109  MET A C   1 
ATOM   823  O  O   . MET A 1 109 ? 4.531   -3.314  2.757   1.00 30.36 ? 109  MET A O   1 
ATOM   824  C  CB  . MET A 1 109 ? 4.828   -4.973  5.344   1.00 31.19 ? 109  MET A CB  1 
ATOM   825  C  CG  . MET A 1 109 ? 5.304   -6.071  6.260   1.00 31.39 ? 109  MET A CG  1 
ATOM   826  S  SD  . MET A 1 109 ? 3.970   -6.812  7.172   1.00 31.61 ? 109  MET A SD  1 
ATOM   827  C  CE  . MET A 1 109 ? 4.257   -6.051  8.781   1.00 31.66 ? 109  MET A CE  1 
ATOM   828  N  N   . PHE A 1 110 ? 2.582   -4.414  2.943   1.00 29.85 ? 110  PHE A N   1 
ATOM   829  C  CA  . PHE A 1 110 ? 1.820   -3.347  2.308   1.00 29.18 ? 110  PHE A CA  1 
ATOM   830  C  C   . PHE A 1 110 ? 1.050   -2.686  3.431   1.00 28.74 ? 110  PHE A C   1 
ATOM   831  O  O   . PHE A 1 110 ? 0.616   -3.351  4.375   1.00 28.64 ? 110  PHE A O   1 
ATOM   832  C  CB  . PHE A 1 110 ? 0.905   -3.868  1.187   1.00 29.11 ? 110  PHE A CB  1 
ATOM   833  C  CG  . PHE A 1 110 ? -0.220  -4.756  1.650   1.00 29.01 ? 110  PHE A CG  1 
ATOM   834  C  CD1 . PHE A 1 110 ? -0.091  -6.141  1.600   1.00 29.02 ? 110  PHE A CD1 1 
ATOM   835  C  CD2 . PHE A 1 110 ? -1.433  -4.212  2.049   1.00 28.97 ? 110  PHE A CD2 1 
ATOM   836  C  CE1 . PHE A 1 110 ? -1.162  -6.968  1.937   1.00 28.97 ? 110  PHE A CE1 1 
ATOM   837  C  CE2 . PHE A 1 110 ? -2.512  -5.030  2.388   1.00 28.95 ? 110  PHE A CE2 1 
ATOM   838  C  CZ  . PHE A 1 110 ? -2.375  -6.408  2.329   1.00 28.99 ? 110  PHE A CZ  1 
ATOM   839  N  N   . PHE A 1 111 ? 0.896   -1.374  3.343   1.00 28.15 ? 111  PHE A N   1 
ATOM   840  C  CA  . PHE A 1 111 ? 0.219   -0.621  4.385   1.00 27.61 ? 111  PHE A CA  1 
ATOM   841  C  C   . PHE A 1 111 ? -0.236  0.732   3.882   1.00 27.30 ? 111  PHE A C   1 
ATOM   842  O  O   . PHE A 1 111 ? 0.141   1.163   2.793   1.00 27.09 ? 111  PHE A O   1 
ATOM   843  C  CB  . PHE A 1 111 ? 1.192   -0.402  5.541   1.00 27.56 ? 111  PHE A CB  1 
ATOM   844  C  CG  . PHE A 1 111 ? 2.549   0.072   5.102   1.00 27.44 ? 111  PHE A CG  1 
ATOM   845  C  CD1 . PHE A 1 111 ? 3.549   -0.844  4.799   1.00 27.39 ? 111  PHE A CD1 1 
ATOM   846  C  CD2 . PHE A 1 111 ? 2.828   1.429   4.982   1.00 27.43 ? 111  PHE A CD2 1 
ATOM   847  C  CE1 . PHE A 1 111 ? 4.802   -0.424  4.381   1.00 27.39 ? 111  PHE A CE1 1 
ATOM   848  C  CE2 . PHE A 1 111 ? 4.090   1.861   4.565   1.00 27.35 ? 111  PHE A CE2 1 
ATOM   849  C  CZ  . PHE A 1 111 ? 5.074   0.934   4.266   1.00 27.41 ? 111  PHE A CZ  1 
ATOM   850  N  N   . CYS A 1 112 ? -1.064  1.383   4.685   1.00 26.97 ? 112  CYS A N   1 
ATOM   851  C  CA  . CYS A 1 112 ? -1.561  2.710   4.374   1.00 26.66 ? 112  CYS A CA  1 
ATOM   852  C  C   . CYS A 1 112 ? -0.750  3.662   5.247   1.00 26.41 ? 112  CYS A C   1 
ATOM   853  O  O   . CYS A 1 112 ? -0.497  3.369   6.427   1.00 26.12 ? 112  CYS A O   1 
ATOM   854  C  CB  . CYS A 1 112 ? -3.047  2.817   4.722   1.00 26.88 ? 112  CYS A CB  1 
ATOM   855  S  SG  . CYS A 1 112 ? -3.702  4.495   4.696   1.00 26.89 ? 112  CYS A SG  1 
ATOM   856  N  N   . THR A 1 113 ? -0.309  4.775   4.674   1.00 26.18 ? 113  THR A N   1 
ATOM   857  C  CA  . THR A 1 113 ? 0.472   5.727   5.445   1.00 26.13 ? 113  THR A CA  1 
ATOM   858  C  C   . THR A 1 113 ? -0.335  6.871   6.072   1.00 26.09 ? 113  THR A C   1 
ATOM   859  O  O   . THR A 1 113 ? 0.238   7.735   6.725   1.00 26.01 ? 113  THR A O   1 
ATOM   860  C  CB  . THR A 1 113 ? 1.666   6.296   4.631   1.00 26.18 ? 113  THR A CB  1 
ATOM   861  O  OG1 . THR A 1 113 ? 1.180   7.018   3.499   1.00 26.04 ? 113  THR A OG1 1 
ATOM   862  C  CG2 . THR A 1 113 ? 2.573   5.166   4.149   1.00 26.23 ? 113  THR A CG2 1 
ATOM   863  N  N   . PHE A 1 114 ? -1.653  6.883   5.894   1.00 26.04 ? 114  PHE A N   1 
ATOM   864  C  CA  . PHE A 1 114 ? -2.461  7.946   6.497   1.00 26.04 ? 114  PHE A CA  1 
ATOM   865  C  C   . PHE A 1 114 ? -2.284  7.848   8.014   1.00 26.07 ? 114  PHE A C   1 
ATOM   866  O  O   . PHE A 1 114 ? -2.296  6.750   8.566   1.00 26.00 ? 114  PHE A O   1 
ATOM   867  C  CB  . PHE A 1 114 ? -3.938  7.780   6.142   1.00 25.95 ? 114  PHE A CB  1 
ATOM   868  C  CG  . PHE A 1 114 ? -4.808  8.904   6.633   1.00 25.87 ? 114  PHE A CG  1 
ATOM   869  C  CD1 . PHE A 1 114 ? -5.184  8.981   7.975   1.00 25.77 ? 114  PHE A CD1 1 
ATOM   870  C  CD2 . PHE A 1 114 ? -5.229  9.897   5.763   1.00 25.77 ? 114  PHE A CD2 1 
ATOM   871  C  CE1 . PHE A 1 114 ? -5.960  10.032  8.443   1.00 25.75 ? 114  PHE A CE1 1 
ATOM   872  C  CE2 . PHE A 1 114 ? -6.009  10.954  6.217   1.00 25.76 ? 114  PHE A CE2 1 
ATOM   873  C  CZ  . PHE A 1 114 ? -6.374  11.024  7.562   1.00 25.78 ? 114  PHE A CZ  1 
ATOM   874  N  N   . PRO A 1 115 ? -2.161  8.994   8.707   1.00 26.14 ? 115  PRO A N   1 
ATOM   875  C  CA  . PRO A 1 115 ? -1.979  9.029   10.163  1.00 26.24 ? 115  PRO A CA  1 
ATOM   876  C  C   . PRO A 1 115 ? -2.714  7.975   10.984  1.00 26.40 ? 115  PRO A C   1 
ATOM   877  O  O   . PRO A 1 115 ? -3.946  7.981   11.064  1.00 26.41 ? 115  PRO A O   1 
ATOM   878  C  CB  . PRO A 1 115 ? -2.431  10.437  10.514  1.00 26.14 ? 115  PRO A CB  1 
ATOM   879  C  CG  . PRO A 1 115 ? -1.874  11.218  9.373   1.00 26.10 ? 115  PRO A CG  1 
ATOM   880  C  CD  . PRO A 1 115 ? -2.208  10.364  8.165   1.00 26.06 ? 115  PRO A CD  1 
ATOM   881  N  N   . GLY A 1 116 ? -1.931  7.072   11.578  1.00 26.63 ? 116  GLY A N   1 
ATOM   882  C  CA  . GLY A 1 116 ? -2.452  6.018   12.434  1.00 26.95 ? 116  GLY A CA  1 
ATOM   883  C  C   . GLY A 1 116 ? -3.039  4.758   11.814  1.00 27.20 ? 116  GLY A C   1 
ATOM   884  O  O   . GLY A 1 116 ? -3.183  3.733   12.493  1.00 27.16 ? 116  GLY A O   1 
ATOM   885  N  N   . HIS A 1 117 ? -3.355  4.811   10.527  1.00 27.43 ? 117  HIS A N   1 
ATOM   886  C  CA  . HIS A 1 117 ? -3.958  3.670   9.855   1.00 27.79 ? 117  HIS A CA  1 
ATOM   887  C  C   . HIS A 1 117 ? -3.149  2.388   9.816   1.00 28.05 ? 117  HIS A C   1 
ATOM   888  O  O   . HIS A 1 117 ? -3.725  1.306   9.923   1.00 28.06 ? 117  HIS A O   1 
ATOM   889  C  CB  . HIS A 1 117 ? -4.375  4.046   8.438   1.00 27.74 ? 117  HIS A CB  1 
ATOM   890  C  CG  . HIS A 1 117 ? -5.579  4.932   8.380   1.00 27.73 ? 117  HIS A CG  1 
ATOM   891  N  ND1 . HIS A 1 117 ? -6.221  5.228   7.200   1.00 27.67 ? 117  HIS A ND1 1 
ATOM   892  C  CD2 . HIS A 1 117 ? -6.257  5.583   9.355   1.00 27.80 ? 117  HIS A CD2 1 
ATOM   893  C  CE1 . HIS A 1 117 ? -7.247  6.029   7.450   1.00 27.71 ? 117  HIS A CE1 1 
ATOM   894  N  NE2 . HIS A 1 117 ? -7.288  6.255   8.747   1.00 27.75 ? 117  HIS A NE2 1 
ATOM   895  N  N   . SER A 1 118 ? -1.828  2.506   9.704   1.00 28.40 ? 118  SER A N   1 
ATOM   896  C  CA  . SER A 1 118 ? -0.950  1.338   9.618   1.00 28.78 ? 118  SER A CA  1 
ATOM   897  C  C   . SER A 1 118 ? -1.082  0.302   10.727  1.00 29.07 ? 118  SER A C   1 
ATOM   898  O  O   . SER A 1 118 ? -0.696  -0.849  10.530  1.00 29.16 ? 118  SER A O   1 
ATOM   899  C  CB  . SER A 1 118 ? 0.520   1.753   9.458   1.00 28.78 ? 118  SER A CB  1 
ATOM   900  O  OG  . SER A 1 118 ? 1.057   2.295   10.648  1.00 28.86 ? 118  SER A OG  1 
ATOM   901  N  N   . ALA A 1 119 ? -1.640  0.702   11.867  1.00 29.40 ? 119  ALA A N   1 
ATOM   902  C  CA  . ALA A 1 119 ? -1.831  -0.209  12.996  1.00 29.78 ? 119  ALA A CA  1 
ATOM   903  C  C   . ALA A 1 119 ? -2.624  -1.435  12.544  1.00 30.04 ? 119  ALA A C   1 
ATOM   904  O  O   . ALA A 1 119 ? -2.219  -2.570  12.806  1.00 30.08 ? 119  ALA A O   1 
ATOM   905  C  CB  . ALA A 1 119 ? -2.551  0.500   14.139  1.00 29.78 ? 119  ALA A CB  1 
ATOM   906  N  N   . LEU A 1 120 ? -3.731  -1.205  11.839  1.00 30.27 ? 120  LEU A N   1 
ATOM   907  C  CA  . LEU A 1 120 ? -4.550  -2.307  11.344  1.00 30.54 ? 120  LEU A CA  1 
ATOM   908  C  C   . LEU A 1 120 ? -4.438  -2.459  9.845   1.00 30.75 ? 120  LEU A C   1 
ATOM   909  O  O   . LEU A 1 120 ? -4.559  -3.564  9.330   1.00 30.80 ? 120  LEU A O   1 
ATOM   910  C  CB  . LEU A 1 120 ? -6.031  -2.118  11.662  1.00 30.58 ? 120  LEU A CB  1 
ATOM   911  C  CG  . LEU A 1 120 ? -6.546  -1.735  13.041  1.00 30.63 ? 120  LEU A CG  1 
ATOM   912  C  CD1 . LEU A 1 120 ? -6.698  -0.247  13.084  1.00 30.67 ? 120  LEU A CD1 1 
ATOM   913  C  CD2 . LEU A 1 120 ? -7.900  -2.368  13.249  1.00 30.61 ? 120  LEU A CD2 1 
ATOM   914  N  N   . MET A 1 121 ? -4.275  -1.342  9.140   1.00 30.97 ? 121  MET A N   1 
ATOM   915  C  CA  . MET A 1 121 ? -4.186  -1.381  7.685   1.00 31.23 ? 121  MET A CA  1 
ATOM   916  C  C   . MET A 1 121 ? -2.821  -1.788  7.174   1.00 31.64 ? 121  MET A C   1 
ATOM   917  O  O   . MET A 1 121 ? -2.033  -0.962  6.711   1.00 31.66 ? 121  MET A O   1 
ATOM   918  C  CB  . MET A 1 121 ? -4.616  -0.050  7.075   1.00 30.82 ? 121  MET A CB  1 
ATOM   919  C  CG  . MET A 1 121 ? -6.030  0.311   7.438   1.00 30.46 ? 121  MET A CG  1 
ATOM   920  S  SD  . MET A 1 121 ? -6.708  1.640   6.485   1.00 29.34 ? 121  MET A SD  1 
ATOM   921  C  CE  . MET A 1 121 ? -7.050  0.778   4.948   1.00 29.76 ? 121  MET A CE  1 
ATOM   922  N  N   . LYS A 1 122 ? -2.537  -3.076  7.295   1.00 32.16 ? 122  LYS A N   1 
ATOM   923  C  CA  . LYS A 1 122 ? -1.273  -3.613  6.833   1.00 32.71 ? 122  LYS A CA  1 
ATOM   924  C  C   . LYS A 1 122 ? -1.462  -5.076  6.514   1.00 33.08 ? 122  LYS A C   1 
ATOM   925  O  O   . LYS A 1 122 ? -2.438  -5.698  6.933   1.00 33.08 ? 122  LYS A O   1 
ATOM   926  C  CB  . LYS A 1 122 ? -0.167  -3.440  7.875   1.00 32.79 ? 122  LYS A CB  1 
ATOM   927  C  CG  . LYS A 1 122 ? -0.254  -4.356  9.083   1.00 32.93 ? 122  LYS A CG  1 
ATOM   928  C  CD  . LYS A 1 122 ? 1.080   -4.382  9.790   1.00 33.04 ? 122  LYS A CD  1 
ATOM   929  C  CE  . LYS A 1 122 ? 0.923   -4.449  11.304  1.00 33.14 ? 122  LYS A CE  1 
ATOM   930  N  NZ  . LYS A 1 122 ? 2.238   -4.314  11.987  1.00 33.14 ? 122  LYS A NZ  1 
ATOM   931  N  N   . GLY A 1 123 ? -0.530  -5.605  5.741   1.00 33.48 ? 123  GLY A N   1 
ATOM   932  C  CA  . GLY A 1 123 ? -0.585  -6.996  5.359   1.00 34.04 ? 123  GLY A CA  1 
ATOM   933  C  C   . GLY A 1 123 ? 0.777   -7.429  4.878   1.00 34.43 ? 123  GLY A C   1 
ATOM   934  O  O   . GLY A 1 123 ? 1.714   -6.634  4.811   1.00 34.42 ? 123  GLY A O   1 
ATOM   935  N  N   . THR A 1 124 ? 0.878   -8.694  4.505   1.00 34.89 ? 124  THR A N   1 
ATOM   936  C  CA  . THR A 1 124 ? 2.136   -9.244  4.035   1.00 35.37 ? 124  THR A CA  1 
ATOM   937  C  C   . THR A 1 124 ? 2.148   -9.430  2.521   1.00 35.67 ? 124  THR A C   1 
ATOM   938  O  O   . THR A 1 124 ? 1.104   -9.645  1.911   1.00 35.71 ? 124  THR A O   1 
ATOM   939  C  CB  . THR A 1 124 ? 2.400   -10.608 4.713   1.00 35.39 ? 124  THR A CB  1 
ATOM   940  O  OG1 . THR A 1 124 ? 3.552   -11.232 4.134   1.00 35.54 ? 124  THR A OG1 1 
ATOM   941  C  CG2 . THR A 1 124 ? 1.198   -11.515 4.551   1.00 35.38 ? 124  THR A CG2 1 
ATOM   942  N  N   . LEU A 1 125 ? 3.327   -9.290  1.921   1.00 36.03 ? 125  LEU A N   1 
ATOM   943  C  CA  . LEU A 1 125 ? 3.506   -9.509  0.481   1.00 36.46 ? 125  LEU A CA  1 
ATOM   944  C  C   . LEU A 1 125 ? 4.789   -10.319 0.317   1.00 36.74 ? 125  LEU A C   1 
ATOM   945  O  O   . LEU A 1 125 ? 5.848   -9.941  0.827   1.00 36.76 ? 125  LEU A O   1 
ATOM   946  C  CB  . LEU A 1 125 ? 3.578   -8.197  -0.314  1.00 36.46 ? 125  LEU A CB  1 
ATOM   947  C  CG  . LEU A 1 125 ? 3.606   -8.382  -1.842  1.00 36.51 ? 125  LEU A CG  1 
ATOM   948  C  CD1 . LEU A 1 125 ? 2.940   -7.219  -2.547  1.00 36.49 ? 125  LEU A CD1 1 
ATOM   949  C  CD2 . LEU A 1 125 ? 5.029   -8.567  -2.338  1.00 36.49 ? 125  LEU A CD2 1 
ATOM   950  N  N   . THR A 1 126 ? 4.686   -11.433 -0.401  1.00 37.08 ? 126  THR A N   1 
ATOM   951  C  CA  . THR A 1 126 ? 5.822   -12.330 -0.607  1.00 37.40 ? 126  THR A CA  1 
ATOM   952  C  C   . THR A 1 126 ? 5.969   -12.779 -2.062  1.00 37.65 ? 126  THR A C   1 
ATOM   953  O  O   . THR A 1 126 ? 4.976   -12.949 -2.768  1.00 37.66 ? 126  THR A O   1 
ATOM   954  C  CB  . THR A 1 126 ? 5.656   -13.616 0.250   1.00 37.41 ? 126  THR A CB  1 
ATOM   955  O  OG1 . THR A 1 126 ? 5.325   -13.265 1.600   1.00 37.45 ? 126  THR A OG1 1 
ATOM   956  C  CG2 . THR A 1 126 ? 6.931   -14.433 0.248   1.00 37.41 ? 126  THR A CG2 1 
ATOM   957  N  N   . LEU A 1 127 ? 7.212   -12.961 -2.503  1.00 37.92 ? 127  LEU A N   1 
ATOM   958  C  CA  . LEU A 1 127 ? 7.495   -13.443 -3.855  1.00 38.20 ? 127  LEU A CA  1 
ATOM   959  C  C   . LEU A 1 127 ? 7.697   -14.947 -3.698  1.00 38.39 ? 127  LEU A C   1 
ATOM   960  O  O   . LEU A 1 127 ? 8.616   -15.381 -3.002  1.00 38.38 ? 127  LEU A O   1 
ATOM   961  C  CB  . LEU A 1 127 ? 8.773   -12.808 -4.414  1.00 38.27 ? 127  LEU A CB  1 
ATOM   962  C  CG  . LEU A 1 127 ? 9.160   -13.222 -5.839  1.00 38.30 ? 127  LEU A CG  1 
ATOM   963  C  CD1 . LEU A 1 127 ? 8.087   -12.792 -6.825  1.00 38.29 ? 127  LEU A CD1 1 
ATOM   964  C  CD2 . LEU A 1 127 ? 10.487  -12.606 -6.212  1.00 38.32 ? 127  LEU A CD2 1 
ATOM   965  N  N   . LYS A 1 128 ? 6.853   -15.737 -4.353  1.00 38.58 ? 128  LYS A N   1 
ATOM   966  C  CA  . LYS A 1 128 ? 6.932   -17.189 -4.227  1.00 38.80 ? 128  LYS A CA  1 
ATOM   967  C  C   . LYS A 1 128 ? 6.681   -17.920 -5.543  1.00 38.86 ? 128  LYS A C   1 
ATOM   968  O  O   . LYS A 1 128 ? 5.886   -17.413 -6.363  1.00 38.91 ? 128  LYS A O   1 
ATOM   969  C  CB  . LYS A 1 128 ? 5.928   -17.648 -3.164  1.00 38.93 ? 128  LYS A CB  1 
ATOM   970  C  CG  . LYS A 1 128 ? 6.121   -19.062 -2.643  1.00 39.12 ? 128  LYS A CG  1 
ATOM   971  C  CD  . LYS A 1 128 ? 5.725   -19.153 -1.168  1.00 39.26 ? 128  LYS A CD  1 
ATOM   972  C  CE  . LYS A 1 128 ? 4.319   -18.606 -0.920  1.00 39.31 ? 128  LYS A CE  1 
ATOM   973  N  NZ  . LYS A 1 128 ? 3.959   -18.623 0.525   1.00 39.41 ? 128  LYS A NZ  1 
ATOM   974  O  OXT . LYS A 1 128 ? 7.286   -18.999 -5.736  1.00 38.91 ? 128  LYS A OXT 1 
HETATM 975  CU CU  . CU  B 2 .   ? -5.838  4.546   5.363   1.00 27.63 ? 901  CU  A CU  1 
HETATM 976  CU CU  . CU  C 2 .   ? 12.444  -12.662 -12.518 0.50 24.26 ? 903  CU  A CU  1 
HETATM 977  RU RU  . RTA D 3 .   ? 5.666   7.959   -6.236  1.00 27.78 ? 902  RTA A RU  1 
HETATM 978  N  N2  . RTA D 3 .   ? 6.919   8.926   -7.438  1.00 27.88 ? 902  RTA A N2  1 
HETATM 979  N  N3  . RTA D 3 .   ? 6.713   8.262   -4.605  1.00 27.83 ? 902  RTA A N3  1 
HETATM 980  N  N4  . RTA D 3 .   ? 4.589   7.686   -7.922  1.00 27.92 ? 902  RTA A N4  1 
HETATM 981  N  N5  . RTA D 3 .   ? 6.964   6.423   -6.372  1.00 27.78 ? 902  RTA A N5  1 
HETATM 982  N  N6  . RTA D 3 .   ? 4.850   9.696   -5.645  1.00 27.84 ? 902  RTA A N6  1 
HETATM 983  C  C7  . RTA D 3 .   ? 8.071   9.486   -7.056  1.00 27.94 ? 902  RTA A C7  1 
HETATM 984  C  C8  . RTA D 3 .   ? 8.851   10.182  -7.925  1.00 28.04 ? 902  RTA A C8  1 
HETATM 985  C  C9  . RTA D 3 .   ? 8.434   10.323  -9.254  1.00 28.04 ? 902  RTA A C9  1 
HETATM 986  C  C10 . RTA D 3 .   ? 7.251   9.754   -9.664  1.00 28.05 ? 902  RTA A C10 1 
HETATM 987  C  C11 . RTA D 3 .   ? 6.478   9.037   -8.731  1.00 27.96 ? 902  RTA A C11 1 
HETATM 988  C  C12 . RTA D 3 .   ? 7.658   7.364   -4.267  1.00 27.79 ? 902  RTA A C12 1 
HETATM 989  C  C13 . RTA D 3 .   ? 8.346   7.505   -3.076  1.00 27.78 ? 902  RTA A C13 1 
HETATM 990  C  C14 . RTA D 3 .   ? 8.036   8.587   -2.254  1.00 27.88 ? 902  RTA A C14 1 
HETATM 991  C  C15 . RTA D 3 .   ? 7.035   9.522   -2.623  1.00 27.85 ? 902  RTA A C15 1 
HETATM 992  C  C16 . RTA D 3 .   ? 6.391   9.294   -3.845  1.00 27.82 ? 902  RTA A C16 1 
HETATM 993  C  C17 . RTA D 3 .   ? 3.420   7.065   -8.134  1.00 27.96 ? 902  RTA A C17 1 
HETATM 994  C  C18 . RTA D 3 .   ? 2.771   7.067   -9.391  1.00 28.09 ? 902  RTA A C18 1 
HETATM 995  C  C19 . RTA D 3 .   ? 3.342   7.713   -10.446 1.00 28.11 ? 902  RTA A C19 1 
HETATM 996  C  C20 . RTA D 3 .   ? 4.544   8.360   -10.265 1.00 28.04 ? 902  RTA A C20 1 
HETATM 997  C  C21 . RTA D 3 .   ? 5.191   8.360   -9.000  1.00 27.98 ? 902  RTA A C21 1 
HETATM 998  C  C22 . RTA D 3 .   ? 7.807   6.322   -5.271  1.00 27.73 ? 902  RTA A C22 1 
HETATM 999  C  C23 . RTA D 3 .   ? 7.054   5.484   -7.346  1.00 27.68 ? 902  RTA A C23 1 
HETATM 1000 C  C24 . RTA D 3 .   ? 7.960   4.406   -7.284  1.00 27.68 ? 902  RTA A C24 1 
HETATM 1001 C  C25 . RTA D 3 .   ? 8.788   4.309   -6.191  1.00 27.69 ? 902  RTA A C25 1 
HETATM 1002 C  C26 . RTA D 3 .   ? 8.719   5.250   -5.183  1.00 27.74 ? 902  RTA A C26 1 
HETATM 1003 C  C27 . RTA D 3 .   ? 5.310   10.137  -4.431  1.00 27.83 ? 902  RTA A C27 1 
HETATM 1004 C  C28 . RTA D 3 .   ? 3.837   10.414  -6.252  1.00 27.83 ? 902  RTA A C28 1 
HETATM 1005 C  C29 . RTA D 3 .   ? 3.303   11.539  -5.698  1.00 27.91 ? 902  RTA A C29 1 
HETATM 1006 C  C30 . RTA D 3 .   ? 3.782   11.973  -4.464  1.00 27.96 ? 902  RTA A C30 1 
HETATM 1007 C  C31 . RTA D 3 .   ? 4.796   11.272  -3.833  1.00 27.86 ? 902  RTA A C31 1 
HETATM 1008 O  O   . HOH E 4 .   ? 7.274   3.836   16.511  1.00 54.76 ? 1000 HOH A O   1 
HETATM 1009 O  O   . HOH E 4 .   ? 11.569  -1.057  1.431   1.00 26.14 ? 1001 HOH A O   1 
HETATM 1010 O  O   . HOH E 4 .   ? 15.077  -3.391  4.124   1.00 41.19 ? 1002 HOH A O   1 
HETATM 1011 O  O   . HOH E 4 .   ? -1.791  15.762  8.469   1.00 30.00 ? 1003 HOH A O   1 
HETATM 1012 O  O   . HOH E 4 .   ? 4.289   3.548   -7.334  1.00 29.14 ? 1004 HOH A O   1 
HETATM 1013 O  O   . HOH E 4 .   ? -4.319  -1.843  -13.930 1.00 42.60 ? 1005 HOH A O   1 
HETATM 1014 O  O   . HOH E 4 .   ? -19.996 9.748   -0.523  1.00 37.11 ? 1006 HOH A O   1 
HETATM 1015 O  O   . HOH E 4 .   ? -0.434  -1.224  -16.680 1.00 55.28 ? 1007 HOH A O   1 
HETATM 1016 O  O   . HOH E 4 .   ? -3.955  -11.872 -1.532  1.00 47.21 ? 1008 HOH A O   1 
HETATM 1017 O  O   . HOH E 4 .   ? -9.059  0.094   -8.541  1.00 41.92 ? 1009 HOH A O   1 
HETATM 1018 O  O   . HOH E 4 .   ? -8.796  8.044   10.157  1.00 21.79 ? 1010 HOH A O   1 
HETATM 1019 O  O   . HOH E 4 .   ? 3.525   -10.182 -15.673 1.00 42.88 ? 1011 HOH A O   1 
HETATM 1020 O  O   . HOH E 4 .   ? -11.400 -3.261  13.637  1.00 49.37 ? 1012 HOH A O   1 
HETATM 1021 O  O   . HOH E 4 .   ? 17.870  6.039   -4.199  1.00 50.22 ? 1013 HOH A O   1 
HETATM 1022 O  O   . HOH E 4 .   ? -4.162  10.372  -10.336 1.00 50.19 ? 1014 HOH A O   1 
HETATM 1023 O  O   . HOH E 4 .   ? -19.777 8.340   8.503   1.00 37.51 ? 1015 HOH A O   1 
HETATM 1024 O  O   . HOH E 4 .   ? 13.036  6.783   9.034   1.00 35.23 ? 1016 HOH A O   1 
HETATM 1025 O  O   . HOH E 4 .   ? -5.509  14.711  6.063   1.00 29.57 ? 1017 HOH A O   1 
HETATM 1026 O  O   . HOH E 4 .   ? -16.308 -3.188  12.147  1.00 29.06 ? 1018 HOH A O   1 
HETATM 1027 O  O   . HOH E 4 .   ? 13.062  -0.408  -5.010  1.00 34.95 ? 1019 HOH A O   1 
HETATM 1028 O  O   . HOH E 4 .   ? 7.442   7.772   3.699   1.00 30.85 ? 1020 HOH A O   1 
HETATM 1029 O  O   . HOH E 4 .   ? -8.389  -9.880  -6.294  1.00 47.84 ? 1021 HOH A O   1 
HETATM 1030 O  O   . HOH E 4 .   ? 7.750   0.795   -8.582  1.00 35.35 ? 1022 HOH A O   1 
HETATM 1031 O  O   . HOH E 4 .   ? 0.211   -17.938 -9.812  1.00 54.12 ? 1023 HOH A O   1 
HETATM 1032 O  O   . HOH E 4 .   ? 0.137   4.444   11.771  1.00 37.01 ? 1024 HOH A O   1 
HETATM 1033 O  O   . HOH E 4 .   ? 16.022  6.261   4.766   1.00 41.48 ? 1025 HOH A O   1 
HETATM 1034 O  O   . HOH E 4 .   ? 1.754   0.605   -16.013 1.00 54.24 ? 1026 HOH A O   1 
HETATM 1035 O  O   . HOH E 4 .   ? 1.704   2.062   -11.959 1.00 39.31 ? 1027 HOH A O   1 
HETATM 1036 O  O   . HOH E 4 .   ? 12.249  3.528   -4.426  1.00 35.93 ? 1028 HOH A O   1 
HETATM 1037 O  O   . HOH E 4 .   ? -5.689  -5.574  -13.230 1.00 41.89 ? 1029 HOH A O   1 
HETATM 1038 O  O   . HOH E 4 .   ? -19.275 11.211  3.946   1.00 42.03 ? 1030 HOH A O   1 
HETATM 1039 O  O   . HOH E 4 .   ? 0.079   -14.035 -8.165  1.00 56.63 ? 1031 HOH A O   1 
HETATM 1040 O  O   . HOH E 4 .   ? -3.573  -19.048 -9.798  1.00 48.60 ? 1032 HOH A O   1 
HETATM 1041 O  O   . HOH E 4 .   ? -4.619  -16.637 -7.874  1.00 54.83 ? 1033 HOH A O   1 
HETATM 1042 O  O   . HOH E 4 .   ? -7.843  -10.874 -8.713  1.00 54.20 ? 1034 HOH A O   1 
HETATM 1043 O  O   . HOH E 4 .   ? -12.534 -4.557  -4.926  1.00 42.03 ? 1035 HOH A O   1 
HETATM 1044 O  O   . HOH E 4 .   ? -11.429 -6.484  -3.267  1.00 46.65 ? 1036 HOH A O   1 
HETATM 1045 O  O   . HOH E 4 .   ? -2.128  -12.818 -5.557  1.00 55.64 ? 1037 HOH A O   1 
HETATM 1046 O  O   . HOH E 4 .   ? -14.271 -3.932  2.264   1.00 33.81 ? 1038 HOH A O   1 
HETATM 1047 O  O   . HOH E 4 .   ? -8.637  -12.213 0.635   1.00 41.57 ? 1039 HOH A O   1 
HETATM 1048 O  O   . HOH E 4 .   ? -6.269  -4.607  7.632   1.00 35.09 ? 1040 HOH A O   1 
HETATM 1049 O  O   . HOH E 4 .   ? -12.171 -10.984 -1.161  0.25 43.02 ? 1041 HOH A O   1 
HETATM 1050 O  O   . HOH E 4 .   ? 2.241   -12.575 1.964   1.00 35.00 ? 1042 HOH A O   1 
HETATM 1051 O  O   . HOH E 4 .   ? 13.031  -9.765  5.605   1.00 39.40 ? 1043 HOH A O   1 
HETATM 1052 O  O   . HOH E 4 .   ? 11.059  -9.085  7.918   1.00 38.99 ? 1044 HOH A O   1 
HETATM 1053 O  O   . HOH E 4 .   ? 12.039  -7.794  10.188  1.00 43.66 ? 1045 HOH A O   1 
HETATM 1054 O  O   . HOH E 4 .   ? 14.870  -9.002  9.849   1.00 50.32 ? 1046 HOH A O   1 
HETATM 1055 O  O   . HOH E 4 .   ? 9.659   -5.503  11.201  1.00 32.10 ? 1047 HOH A O   1 
HETATM 1056 O  O   . HOH E 4 .   ? 1.030   15.395  8.947   1.00 40.47 ? 1048 HOH A O   1 
HETATM 1057 O  O   . HOH E 4 .   ? 0.012   7.783   -1.669  1.00 37.99 ? 1049 HOH A O   1 
HETATM 1058 O  O   . HOH E 4 .   ? 5.297   12.811  -1.192  1.00 23.67 ? 1050 HOH A O   1 
HETATM 1059 O  O   . HOH E 4 .   ? 15.342  8.792   -6.725  1.00 56.68 ? 1051 HOH A O   1 
HETATM 1060 O  O   . HOH E 4 .   ? 9.956   16.298  -5.431  1.00 50.63 ? 1052 HOH A O   1 
HETATM 1061 O  O   . HOH E 4 .   ? -1.199  4.679   -9.299  1.00 39.20 ? 1053 HOH A O   1 
HETATM 1062 O  O   . HOH E 4 .   ? 0.511   10.555  -4.948  1.00 46.44 ? 1054 HOH A O   1 
HETATM 1063 O  O   . HOH E 4 .   ? 0.542   7.716   -7.238  1.00 43.80 ? 1055 HOH A O   1 
HETATM 1064 O  O   . HOH E 4 .   ? -7.441  10.873  -4.464  1.00 37.02 ? 1056 HOH A O   1 
HETATM 1065 O  O   . HOH E 4 .   ? -1.830  0.677   -12.700 1.00 44.64 ? 1057 HOH A O   1 
HETATM 1066 O  O   . HOH E 4 .   ? 8.704   -0.391  -10.751 1.00 30.78 ? 1058 HOH A O   1 
HETATM 1067 O  O   . HOH E 4 .   ? 13.284  -3.540  -1.727  1.00 29.28 ? 1059 HOH A O   1 
HETATM 1068 O  O   . HOH E 4 .   ? 11.226  1.200   -6.144  1.00 41.72 ? 1060 HOH A O   1 
HETATM 1069 O  O   . HOH E 4 .   ? 13.530  -3.035  -4.687  1.00 39.87 ? 1061 HOH A O   1 
HETATM 1070 O  O   . HOH E 4 .   ? -0.490  4.760   8.883   1.00 25.17 ? 1062 HOH A O   1 
HETATM 1071 O  O   . HOH E 4 .   ? 2.699   -19.029 -6.118  1.00 50.84 ? 1063 HOH A O   1 
HETATM 1072 O  O   . HOH E 4 .   ? -17.973 2.115   5.749   1.00 43.26 ? 1064 HOH A O   1 
HETATM 1073 O  O   . HOH E 4 .   ? -18.570 3.044   12.063  1.00 41.91 ? 1065 HOH A O   1 
HETATM 1074 O  O   . HOH E 4 .   ? -20.066 -0.584  7.992   1.00 48.00 ? 1066 HOH A O   1 
HETATM 1075 O  O   . HOH E 4 .   ? -9.986  -4.960  11.764  1.00 31.55 ? 1067 HOH A O   1 
HETATM 1076 O  O   . HOH E 4 .   ? -6.328  -12.037 2.375   1.00 33.93 ? 1068 HOH A O   1 
HETATM 1077 O  O   . HOH E 4 .   ? 6.028   -2.029  -14.082 1.00 33.87 ? 1069 HOH A O   1 
HETATM 1078 O  O   . HOH E 4 .   ? 3.536   -7.695  -17.883 1.00 45.76 ? 1070 HOH A O   1 
HETATM 1079 O  O   . HOH E 4 .   ? -11.379 12.033  -1.094  1.00 34.96 ? 1071 HOH A O   1 
HETATM 1080 O  O   . HOH E 4 .   ? 8.977   1.170   -13.198 1.00 44.71 ? 1072 HOH A O   1 
HETATM 1081 O  O   . HOH E 4 .   ? -4.539  18.722  6.902   1.00 42.71 ? 1073 HOH A O   1 
HETATM 1082 O  O   . HOH E 4 .   ? -8.683  16.398  8.025   0.50 27.59 ? 1074 HOH A O   1 
HETATM 1083 O  O   . HOH E 4 .   ? 12.606  14.594  1.489   1.00 45.09 ? 1075 HOH A O   1 
HETATM 1084 O  O   . HOH E 4 .   ? 15.149  13.257  -8.330  1.00 40.11 ? 1076 HOH A O   1 
HETATM 1085 O  O   . HOH E 4 .   ? 11.210  7.549   -5.573  1.00 42.50 ? 1077 HOH A O   1 
HETATM 1086 O  O   . HOH E 4 .   ? 12.791  16.155  -8.232  1.00 41.38 ? 1078 HOH A O   1 
HETATM 1087 O  O   . HOH E 4 .   ? 8.838   14.398  -9.636  1.00 44.94 ? 1079 HOH A O   1 
HETATM 1088 O  O   . HOH E 4 .   ? 12.840  10.187  -8.471  1.00 45.13 ? 1080 HOH A O   1 
HETATM 1089 O  O   . HOH E 4 .   ? 14.180  7.725   2.550   1.00 41.35 ? 1081 HOH A O   1 
HETATM 1090 O  O   . HOH E 4 .   ? -9.058  6.206   -11.911 1.00 37.28 ? 1082 HOH A O   1 
HETATM 1091 O  O   . HOH E 4 .   ? 12.012  -1.170  -12.293 1.00 40.18 ? 1083 HOH A O   1 
HETATM 1092 O  O   . HOH E 4 .   ? 9.300   -14.838 2.265   1.00 37.50 ? 1084 HOH A O   1 
HETATM 1093 O  O   . HOH E 4 .   ? 4.960   -15.181 3.706   1.00 48.89 ? 1085 HOH A O   1 
# 
